data_8GY1
# 
_entry.id   8GY1 
# 
_audit_conform.dict_name       mmcif_pdbx.dic 
_audit_conform.dict_version    5.392 
_audit_conform.dict_location   http://mmcif.pdb.org/dictionaries/ascii/mmcif_pdbx.dic 
# 
loop_
_database_2.database_id 
_database_2.database_code 
_database_2.pdbx_database_accession 
_database_2.pdbx_DOI 
PDB   8GY1         pdb_00008gy1 10.2210/pdb8gy1/pdb 
WWPDB D_1300032403 ?            ?                   
# 
loop_
_pdbx_audit_revision_history.ordinal 
_pdbx_audit_revision_history.data_content_type 
_pdbx_audit_revision_history.major_revision 
_pdbx_audit_revision_history.minor_revision 
_pdbx_audit_revision_history.revision_date 
1 'Structure model' 1 0 2023-03-29 
2 'Structure model' 1 1 2024-05-29 
# 
_pdbx_audit_revision_details.ordinal             1 
_pdbx_audit_revision_details.revision_ordinal    1 
_pdbx_audit_revision_details.data_content_type   'Structure model' 
_pdbx_audit_revision_details.provider            repository 
_pdbx_audit_revision_details.type                'Initial release' 
_pdbx_audit_revision_details.description         ? 
_pdbx_audit_revision_details.details             ? 
# 
_pdbx_audit_revision_group.ordinal             1 
_pdbx_audit_revision_group.revision_ordinal    2 
_pdbx_audit_revision_group.data_content_type   'Structure model' 
_pdbx_audit_revision_group.group               'Data collection' 
# 
loop_
_pdbx_audit_revision_category.ordinal 
_pdbx_audit_revision_category.revision_ordinal 
_pdbx_audit_revision_category.data_content_type 
_pdbx_audit_revision_category.category 
1 2 'Structure model' chem_comp_atom 
2 2 'Structure model' chem_comp_bond 
# 
_pdbx_database_status.status_code                     REL 
_pdbx_database_status.status_code_sf                  REL 
_pdbx_database_status.status_code_mr                  ? 
_pdbx_database_status.entry_id                        8GY1 
_pdbx_database_status.recvd_initial_deposition_date   2022-09-21 
_pdbx_database_status.SG_entry                        N 
_pdbx_database_status.deposit_site                    PDBJ 
_pdbx_database_status.process_site                    PDBJ 
_pdbx_database_status.status_code_cs                  ? 
_pdbx_database_status.status_code_nmr_data            ? 
_pdbx_database_status.methods_development_category    ? 
_pdbx_database_status.pdb_format_compatible           Y 
# 
loop_
_pdbx_contact_author.id 
_pdbx_contact_author.email 
_pdbx_contact_author.name_first 
_pdbx_contact_author.name_last 
_pdbx_contact_author.name_mi 
_pdbx_contact_author.role 
_pdbx_contact_author.identifier_ORCID 
4 mingtinghong@nbu.edu.cn Tinghong Ming ? 'principal investigator/group leader' 0000-0002-6159-6632 
5 1042165630@qq.com       Xiurong  Su   ? 'principal investigator/group leader' 0000-0003-2336-191X 
# 
loop_
_audit_author.name 
_audit_author.pdbx_ordinal 
_audit_author.identifier_ORCID 
'Ming, T.H.' 1 0000-0002-6159-6632 
'Su, X.R.'   2 0000-0003-2336-191X 
'Huo, C.H.'  3 0000-0003-1745-4191 
# 
_citation.abstract                  ? 
_citation.abstract_id_CAS           ? 
_citation.book_id_ISBN              ? 
_citation.book_publisher            ? 
_citation.book_publisher_city       ? 
_citation.book_title                ? 
_citation.coordinate_linkage        ? 
_citation.country                   ? 
_citation.database_id_Medline       ? 
_citation.details                   ? 
_citation.id                        primary 
_citation.journal_abbrev            'Polymers (Basel)' 
_citation.journal_id_ASTM           ? 
_citation.journal_id_CSD            ? 
_citation.journal_id_ISSN           2073-4360 
_citation.journal_full              ? 
_citation.journal_issue             ? 
_citation.journal_volume            15 
_citation.language                  ? 
_citation.page_first                ? 
_citation.page_last                 ? 
_citation.title                     
'Structural and Biochemical Characterization of Silver/Copper Binding by Dendrorhynchus zhejiangensis Ferritin.' 
_citation.year                      2023 
_citation.database_id_CSD           ? 
_citation.pdbx_database_id_DOI      10.3390/polym15051297 
_citation.pdbx_database_id_PubMed   36904538 
_citation.pdbx_database_id_patent   ? 
_citation.unpublished_flag          ? 
# 
loop_
_citation_author.citation_id 
_citation_author.name 
_citation_author.ordinal 
_citation_author.identifier_ORCID 
primary 'Huo, C.'   1  ?                   
primary 'Ming, T.'  2  0000-0002-6159-6632 
primary 'Wu, Y.'    3  ?                   
primary 'Huan, H.'  4  ?                   
primary 'Qiu, X.'   5  ?                   
primary 'Lu, C.'    6  ?                   
primary 'Li, Y.'    7  ?                   
primary 'Zhang, Z.' 8  ?                   
primary 'Han, J.'   9  ?                   
primary 'Su, X.'    10 0000-0003-2336-191X 
# 
loop_
_entity.id 
_entity.type 
_entity.src_method 
_entity.pdbx_description 
_entity.formula_weight 
_entity.pdbx_number_of_molecules 
_entity.pdbx_ec 
_entity.pdbx_mutation 
_entity.pdbx_fragment 
_entity.details 
1 polymer     man Ferritin     19521.992 1   1.16.3.1 ? ? ? 
2 non-polymer syn GLYCEROL     92.094    2   ?        ? ? ? 
3 non-polymer syn 'SILVER ION' 107.868   5   ?        ? ? ? 
4 water       nat water        18.015    193 ?        ? ? ? 
# 
_entity_poly.entity_id                      1 
_entity_poly.type                           'polypeptide(L)' 
_entity_poly.nstd_linkage                   no 
_entity_poly.nstd_monomer                   no 
_entity_poly.pdbx_seq_one_letter_code       
;MSLCRQNYHEECEAGVNKQINMEFYASYVYMSMASHFDRDDVALKGAHEFFLKSSSEEREHAMRLIKFQNQRGGRVVYQD
IKKPEKDAWGTLTDAMQAALDLEKHVNQALLDLHALASKHNDPQMCDFIENHYLTEQVEAIREISGYLTNLKRCGPGLGE
FLFDKELNS
;
_entity_poly.pdbx_seq_one_letter_code_can   
;MSLCRQNYHEECEAGVNKQINMEFYASYVYMSMASHFDRDDVALKGAHEFFLKSSSEEREHAMRLIKFQNQRGGRVVYQD
IKKPEKDAWGTLTDAMQAALDLEKHVNQALLDLHALASKHNDPQMCDFIENHYLTEQVEAIREISGYLTNLKRCGPGLGE
FLFDKELNS
;
_entity_poly.pdbx_strand_id                 A 
_entity_poly.pdbx_target_identifier         ? 
# 
loop_
_pdbx_entity_nonpoly.entity_id 
_pdbx_entity_nonpoly.name 
_pdbx_entity_nonpoly.comp_id 
2 GLYCEROL     GOL 
3 'SILVER ION' AG  
4 water        HOH 
# 
loop_
_entity_poly_seq.entity_id 
_entity_poly_seq.num 
_entity_poly_seq.mon_id 
_entity_poly_seq.hetero 
1 1   MET n 
1 2   SER n 
1 3   LEU n 
1 4   CYS n 
1 5   ARG n 
1 6   GLN n 
1 7   ASN n 
1 8   TYR n 
1 9   HIS n 
1 10  GLU n 
1 11  GLU n 
1 12  CYS n 
1 13  GLU n 
1 14  ALA n 
1 15  GLY n 
1 16  VAL n 
1 17  ASN n 
1 18  LYS n 
1 19  GLN n 
1 20  ILE n 
1 21  ASN n 
1 22  MET n 
1 23  GLU n 
1 24  PHE n 
1 25  TYR n 
1 26  ALA n 
1 27  SER n 
1 28  TYR n 
1 29  VAL n 
1 30  TYR n 
1 31  MET n 
1 32  SER n 
1 33  MET n 
1 34  ALA n 
1 35  SER n 
1 36  HIS n 
1 37  PHE n 
1 38  ASP n 
1 39  ARG n 
1 40  ASP n 
1 41  ASP n 
1 42  VAL n 
1 43  ALA n 
1 44  LEU n 
1 45  LYS n 
1 46  GLY n 
1 47  ALA n 
1 48  HIS n 
1 49  GLU n 
1 50  PHE n 
1 51  PHE n 
1 52  LEU n 
1 53  LYS n 
1 54  SER n 
1 55  SER n 
1 56  SER n 
1 57  GLU n 
1 58  GLU n 
1 59  ARG n 
1 60  GLU n 
1 61  HIS n 
1 62  ALA n 
1 63  MET n 
1 64  ARG n 
1 65  LEU n 
1 66  ILE n 
1 67  LYS n 
1 68  PHE n 
1 69  GLN n 
1 70  ASN n 
1 71  GLN n 
1 72  ARG n 
1 73  GLY n 
1 74  GLY n 
1 75  ARG n 
1 76  VAL n 
1 77  VAL n 
1 78  TYR n 
1 79  GLN n 
1 80  ASP n 
1 81  ILE n 
1 82  LYS n 
1 83  LYS n 
1 84  PRO n 
1 85  GLU n 
1 86  LYS n 
1 87  ASP n 
1 88  ALA n 
1 89  TRP n 
1 90  GLY n 
1 91  THR n 
1 92  LEU n 
1 93  THR n 
1 94  ASP n 
1 95  ALA n 
1 96  MET n 
1 97  GLN n 
1 98  ALA n 
1 99  ALA n 
1 100 LEU n 
1 101 ASP n 
1 102 LEU n 
1 103 GLU n 
1 104 LYS n 
1 105 HIS n 
1 106 VAL n 
1 107 ASN n 
1 108 GLN n 
1 109 ALA n 
1 110 LEU n 
1 111 LEU n 
1 112 ASP n 
1 113 LEU n 
1 114 HIS n 
1 115 ALA n 
1 116 LEU n 
1 117 ALA n 
1 118 SER n 
1 119 LYS n 
1 120 HIS n 
1 121 ASN n 
1 122 ASP n 
1 123 PRO n 
1 124 GLN n 
1 125 MET n 
1 126 CYS n 
1 127 ASP n 
1 128 PHE n 
1 129 ILE n 
1 130 GLU n 
1 131 ASN n 
1 132 HIS n 
1 133 TYR n 
1 134 LEU n 
1 135 THR n 
1 136 GLU n 
1 137 GLN n 
1 138 VAL n 
1 139 GLU n 
1 140 ALA n 
1 141 ILE n 
1 142 ARG n 
1 143 GLU n 
1 144 ILE n 
1 145 SER n 
1 146 GLY n 
1 147 TYR n 
1 148 LEU n 
1 149 THR n 
1 150 ASN n 
1 151 LEU n 
1 152 LYS n 
1 153 ARG n 
1 154 CYS n 
1 155 GLY n 
1 156 PRO n 
1 157 GLY n 
1 158 LEU n 
1 159 GLY n 
1 160 GLU n 
1 161 PHE n 
1 162 LEU n 
1 163 PHE n 
1 164 ASP n 
1 165 LYS n 
1 166 GLU n 
1 167 LEU n 
1 168 ASN n 
1 169 SER n 
# 
_entity_src_gen.entity_id                          1 
_entity_src_gen.pdbx_src_id                        1 
_entity_src_gen.pdbx_alt_source_flag               sample 
_entity_src_gen.pdbx_seq_type                      'Biological sequence' 
_entity_src_gen.pdbx_beg_seq_num                   1 
_entity_src_gen.pdbx_end_seq_num                   169 
_entity_src_gen.gene_src_common_name               ? 
_entity_src_gen.gene_src_genus                     ? 
_entity_src_gen.pdbx_gene_src_gene                 ? 
_entity_src_gen.gene_src_species                   ? 
_entity_src_gen.gene_src_strain                    ? 
_entity_src_gen.gene_src_tissue                    ? 
_entity_src_gen.gene_src_tissue_fraction           ? 
_entity_src_gen.gene_src_details                   ? 
_entity_src_gen.pdbx_gene_src_fragment             ? 
_entity_src_gen.pdbx_gene_src_scientific_name      Dendrorhynchus 
_entity_src_gen.pdbx_gene_src_ncbi_taxonomy_id     1343489 
_entity_src_gen.pdbx_gene_src_variant              ? 
_entity_src_gen.pdbx_gene_src_cell_line            ? 
_entity_src_gen.pdbx_gene_src_atcc                 ? 
_entity_src_gen.pdbx_gene_src_organ                ? 
_entity_src_gen.pdbx_gene_src_organelle            ? 
_entity_src_gen.pdbx_gene_src_cell                 ? 
_entity_src_gen.pdbx_gene_src_cellular_location    ? 
_entity_src_gen.host_org_common_name               ? 
_entity_src_gen.pdbx_host_org_scientific_name      'Escherichia coli' 
_entity_src_gen.pdbx_host_org_ncbi_taxonomy_id     562 
_entity_src_gen.host_org_genus                     ? 
_entity_src_gen.pdbx_host_org_gene                 ? 
_entity_src_gen.pdbx_host_org_organ                ? 
_entity_src_gen.host_org_species                   ? 
_entity_src_gen.pdbx_host_org_tissue               ? 
_entity_src_gen.pdbx_host_org_tissue_fraction      ? 
_entity_src_gen.pdbx_host_org_strain               ? 
_entity_src_gen.pdbx_host_org_variant              ? 
_entity_src_gen.pdbx_host_org_cell_line            ? 
_entity_src_gen.pdbx_host_org_atcc                 ? 
_entity_src_gen.pdbx_host_org_culture_collection   ? 
_entity_src_gen.pdbx_host_org_cell                 ? 
_entity_src_gen.pdbx_host_org_organelle            ? 
_entity_src_gen.pdbx_host_org_cellular_location    ? 
_entity_src_gen.pdbx_host_org_vector_type          ? 
_entity_src_gen.pdbx_host_org_vector               ? 
_entity_src_gen.host_org_details                   ? 
_entity_src_gen.expression_system_id               ? 
_entity_src_gen.plasmid_name                       ? 
_entity_src_gen.plasmid_details                    ? 
_entity_src_gen.pdbx_description                   ? 
# 
loop_
_chem_comp.id 
_chem_comp.type 
_chem_comp.mon_nstd_flag 
_chem_comp.name 
_chem_comp.pdbx_synonyms 
_chem_comp.formula 
_chem_comp.formula_weight 
AG  non-polymer         . 'SILVER ION'    ?                               'Ag 1'           107.868 
ALA 'L-peptide linking' y ALANINE         ?                               'C3 H7 N O2'     89.093  
ARG 'L-peptide linking' y ARGININE        ?                               'C6 H15 N4 O2 1' 175.209 
ASN 'L-peptide linking' y ASPARAGINE      ?                               'C4 H8 N2 O3'    132.118 
ASP 'L-peptide linking' y 'ASPARTIC ACID' ?                               'C4 H7 N O4'     133.103 
CYS 'L-peptide linking' y CYSTEINE        ?                               'C3 H7 N O2 S'   121.158 
GLN 'L-peptide linking' y GLUTAMINE       ?                               'C5 H10 N2 O3'   146.144 
GLU 'L-peptide linking' y 'GLUTAMIC ACID' ?                               'C5 H9 N O4'     147.129 
GLY 'peptide linking'   y GLYCINE         ?                               'C2 H5 N O2'     75.067  
GOL non-polymer         . GLYCEROL        'GLYCERIN; PROPANE-1,2,3-TRIOL' 'C3 H8 O3'       92.094  
HIS 'L-peptide linking' y HISTIDINE       ?                               'C6 H10 N3 O2 1' 156.162 
HOH non-polymer         . WATER           ?                               'H2 O'           18.015  
ILE 'L-peptide linking' y ISOLEUCINE      ?                               'C6 H13 N O2'    131.173 
LEU 'L-peptide linking' y LEUCINE         ?                               'C6 H13 N O2'    131.173 
LYS 'L-peptide linking' y LYSINE          ?                               'C6 H15 N2 O2 1' 147.195 
MET 'L-peptide linking' y METHIONINE      ?                               'C5 H11 N O2 S'  149.211 
PHE 'L-peptide linking' y PHENYLALANINE   ?                               'C9 H11 N O2'    165.189 
PRO 'L-peptide linking' y PROLINE         ?                               'C5 H9 N O2'     115.130 
SER 'L-peptide linking' y SERINE          ?                               'C3 H7 N O3'     105.093 
THR 'L-peptide linking' y THREONINE       ?                               'C4 H9 N O3'     119.119 
TRP 'L-peptide linking' y TRYPTOPHAN      ?                               'C11 H12 N2 O2'  204.225 
TYR 'L-peptide linking' y TYROSINE        ?                               'C9 H11 N O3'    181.189 
VAL 'L-peptide linking' y VALINE          ?                               'C5 H11 N O2'    117.146 
# 
loop_
_pdbx_poly_seq_scheme.asym_id 
_pdbx_poly_seq_scheme.entity_id 
_pdbx_poly_seq_scheme.seq_id 
_pdbx_poly_seq_scheme.mon_id 
_pdbx_poly_seq_scheme.ndb_seq_num 
_pdbx_poly_seq_scheme.pdb_seq_num 
_pdbx_poly_seq_scheme.auth_seq_num 
_pdbx_poly_seq_scheme.pdb_mon_id 
_pdbx_poly_seq_scheme.auth_mon_id 
_pdbx_poly_seq_scheme.pdb_strand_id 
_pdbx_poly_seq_scheme.pdb_ins_code 
_pdbx_poly_seq_scheme.hetero 
A 1 1   MET 1   1   1   MET MET A . n 
A 1 2   SER 2   2   2   SER SER A . n 
A 1 3   LEU 3   3   3   LEU LEU A . n 
A 1 4   CYS 4   4   4   CYS CYS A . n 
A 1 5   ARG 5   5   5   ARG ARG A . n 
A 1 6   GLN 6   6   6   GLN GLN A . n 
A 1 7   ASN 7   7   7   ASN ASN A . n 
A 1 8   TYR 8   8   8   TYR TYR A . n 
A 1 9   HIS 9   9   9   HIS HIS A . n 
A 1 10  GLU 10  10  10  GLU GLU A . n 
A 1 11  GLU 11  11  11  GLU GLU A . n 
A 1 12  CYS 12  12  12  CYS CYS A . n 
A 1 13  GLU 13  13  13  GLU GLU A . n 
A 1 14  ALA 14  14  14  ALA ALA A . n 
A 1 15  GLY 15  15  15  GLY GLY A . n 
A 1 16  VAL 16  16  16  VAL VAL A . n 
A 1 17  ASN 17  17  17  ASN ASN A . n 
A 1 18  LYS 18  18  18  LYS LYS A . n 
A 1 19  GLN 19  19  19  GLN GLN A . n 
A 1 20  ILE 20  20  20  ILE ILE A . n 
A 1 21  ASN 21  21  21  ASN ASN A . n 
A 1 22  MET 22  22  22  MET MET A . n 
A 1 23  GLU 23  23  23  GLU GLU A . n 
A 1 24  PHE 24  24  24  PHE PHE A . n 
A 1 25  TYR 25  25  25  TYR TYR A . n 
A 1 26  ALA 26  26  26  ALA ALA A . n 
A 1 27  SER 27  27  27  SER SER A . n 
A 1 28  TYR 28  28  28  TYR TYR A . n 
A 1 29  VAL 29  29  29  VAL VAL A . n 
A 1 30  TYR 30  30  30  TYR TYR A . n 
A 1 31  MET 31  31  31  MET MET A . n 
A 1 32  SER 32  32  32  SER SER A . n 
A 1 33  MET 33  33  33  MET MET A . n 
A 1 34  ALA 34  34  34  ALA ALA A . n 
A 1 35  SER 35  35  35  SER SER A . n 
A 1 36  HIS 36  36  36  HIS HIS A . n 
A 1 37  PHE 37  37  37  PHE PHE A . n 
A 1 38  ASP 38  38  38  ASP ASP A . n 
A 1 39  ARG 39  39  39  ARG ARG A . n 
A 1 40  ASP 40  40  40  ASP ASP A . n 
A 1 41  ASP 41  41  41  ASP ASP A . n 
A 1 42  VAL 42  42  42  VAL VAL A . n 
A 1 43  ALA 43  43  43  ALA ALA A . n 
A 1 44  LEU 44  44  44  LEU LEU A . n 
A 1 45  LYS 45  45  45  LYS LYS A . n 
A 1 46  GLY 46  46  46  GLY GLY A . n 
A 1 47  ALA 47  47  47  ALA ALA A . n 
A 1 48  HIS 48  48  48  HIS HIS A . n 
A 1 49  GLU 49  49  49  GLU GLU A . n 
A 1 50  PHE 50  50  50  PHE PHE A . n 
A 1 51  PHE 51  51  51  PHE PHE A . n 
A 1 52  LEU 52  52  52  LEU LEU A . n 
A 1 53  LYS 53  53  53  LYS LYS A . n 
A 1 54  SER 54  54  54  SER SER A . n 
A 1 55  SER 55  55  55  SER SER A . n 
A 1 56  SER 56  56  56  SER SER A . n 
A 1 57  GLU 57  57  57  GLU GLU A . n 
A 1 58  GLU 58  58  58  GLU GLU A . n 
A 1 59  ARG 59  59  59  ARG ARG A . n 
A 1 60  GLU 60  60  60  GLU GLU A . n 
A 1 61  HIS 61  61  61  HIS HIS A . n 
A 1 62  ALA 62  62  62  ALA ALA A . n 
A 1 63  MET 63  63  63  MET MET A . n 
A 1 64  ARG 64  64  64  ARG ARG A . n 
A 1 65  LEU 65  65  65  LEU LEU A . n 
A 1 66  ILE 66  66  66  ILE ILE A . n 
A 1 67  LYS 67  67  67  LYS LYS A . n 
A 1 68  PHE 68  68  68  PHE PHE A . n 
A 1 69  GLN 69  69  69  GLN GLN A . n 
A 1 70  ASN 70  70  70  ASN ASN A . n 
A 1 71  GLN 71  71  71  GLN GLN A . n 
A 1 72  ARG 72  72  72  ARG ARG A . n 
A 1 73  GLY 73  73  73  GLY GLY A . n 
A 1 74  GLY 74  74  74  GLY GLY A . n 
A 1 75  ARG 75  75  75  ARG ARG A . n 
A 1 76  VAL 76  76  76  VAL VAL A . n 
A 1 77  VAL 77  77  77  VAL VAL A . n 
A 1 78  TYR 78  78  78  TYR TYR A . n 
A 1 79  GLN 79  79  79  GLN GLN A . n 
A 1 80  ASP 80  80  80  ASP ASP A . n 
A 1 81  ILE 81  81  81  ILE ILE A . n 
A 1 82  LYS 82  82  82  LYS LYS A . n 
A 1 83  LYS 83  83  83  LYS LYS A . n 
A 1 84  PRO 84  84  84  PRO PRO A . n 
A 1 85  GLU 85  85  85  GLU GLU A . n 
A 1 86  LYS 86  86  86  LYS LYS A . n 
A 1 87  ASP 87  87  87  ASP ASP A . n 
A 1 88  ALA 88  88  88  ALA ALA A . n 
A 1 89  TRP 89  89  89  TRP TRP A . n 
A 1 90  GLY 90  90  90  GLY GLY A . n 
A 1 91  THR 91  91  91  THR THR A . n 
A 1 92  LEU 92  92  92  LEU LEU A . n 
A 1 93  THR 93  93  93  THR THR A . n 
A 1 94  ASP 94  94  94  ASP ASP A . n 
A 1 95  ALA 95  95  95  ALA ALA A . n 
A 1 96  MET 96  96  96  MET MET A . n 
A 1 97  GLN 97  97  97  GLN GLN A . n 
A 1 98  ALA 98  98  98  ALA ALA A . n 
A 1 99  ALA 99  99  99  ALA ALA A . n 
A 1 100 LEU 100 100 100 LEU LEU A . n 
A 1 101 ASP 101 101 101 ASP ASP A . n 
A 1 102 LEU 102 102 102 LEU LEU A . n 
A 1 103 GLU 103 103 103 GLU GLU A . n 
A 1 104 LYS 104 104 104 LYS LYS A . n 
A 1 105 HIS 105 105 105 HIS HIS A . n 
A 1 106 VAL 106 106 106 VAL VAL A . n 
A 1 107 ASN 107 107 107 ASN ASN A . n 
A 1 108 GLN 108 108 108 GLN GLN A . n 
A 1 109 ALA 109 109 109 ALA ALA A . n 
A 1 110 LEU 110 110 110 LEU LEU A . n 
A 1 111 LEU 111 111 111 LEU LEU A . n 
A 1 112 ASP 112 112 112 ASP ASP A . n 
A 1 113 LEU 113 113 113 LEU LEU A . n 
A 1 114 HIS 114 114 114 HIS HIS A . n 
A 1 115 ALA 115 115 115 ALA ALA A . n 
A 1 116 LEU 116 116 116 LEU LEU A . n 
A 1 117 ALA 117 117 117 ALA ALA A . n 
A 1 118 SER 118 118 118 SER SER A . n 
A 1 119 LYS 119 119 119 LYS LYS A . n 
A 1 120 HIS 120 120 120 HIS HIS A . n 
A 1 121 ASN 121 121 121 ASN ASN A . n 
A 1 122 ASP 122 122 122 ASP ASP A . n 
A 1 123 PRO 123 123 123 PRO PRO A . n 
A 1 124 GLN 124 124 124 GLN GLN A . n 
A 1 125 MET 125 125 125 MET MET A . n 
A 1 126 CYS 126 126 126 CYS CYS A . n 
A 1 127 ASP 127 127 127 ASP ASP A . n 
A 1 128 PHE 128 128 128 PHE PHE A . n 
A 1 129 ILE 129 129 129 ILE ILE A . n 
A 1 130 GLU 130 130 130 GLU GLU A . n 
A 1 131 ASN 131 131 131 ASN ASN A . n 
A 1 132 HIS 132 132 132 HIS HIS A . n 
A 1 133 TYR 133 133 133 TYR TYR A . n 
A 1 134 LEU 134 134 134 LEU LEU A . n 
A 1 135 THR 135 135 135 THR THR A . n 
A 1 136 GLU 136 136 136 GLU GLU A . n 
A 1 137 GLN 137 137 137 GLN GLN A . n 
A 1 138 VAL 138 138 138 VAL VAL A . n 
A 1 139 GLU 139 139 139 GLU GLU A . n 
A 1 140 ALA 140 140 140 ALA ALA A . n 
A 1 141 ILE 141 141 141 ILE ILE A . n 
A 1 142 ARG 142 142 142 ARG ARG A . n 
A 1 143 GLU 143 143 143 GLU GLU A . n 
A 1 144 ILE 144 144 144 ILE ILE A . n 
A 1 145 SER 145 145 145 SER SER A . n 
A 1 146 GLY 146 146 146 GLY GLY A . n 
A 1 147 TYR 147 147 147 TYR TYR A . n 
A 1 148 LEU 148 148 148 LEU LEU A . n 
A 1 149 THR 149 149 149 THR THR A . n 
A 1 150 ASN 150 150 150 ASN ASN A . n 
A 1 151 LEU 151 151 151 LEU LEU A . n 
A 1 152 LYS 152 152 152 LYS LYS A . n 
A 1 153 ARG 153 153 153 ARG ARG A . n 
A 1 154 CYS 154 154 154 CYS CYS A . n 
A 1 155 GLY 155 155 155 GLY GLY A . n 
A 1 156 PRO 156 156 156 PRO PRO A . n 
A 1 157 GLY 157 157 157 GLY GLY A . n 
A 1 158 LEU 158 158 158 LEU LEU A . n 
A 1 159 GLY 159 159 159 GLY GLY A . n 
A 1 160 GLU 160 160 160 GLU GLU A . n 
A 1 161 PHE 161 161 161 PHE PHE A . n 
A 1 162 LEU 162 162 162 LEU LEU A . n 
A 1 163 PHE 163 163 163 PHE PHE A . n 
A 1 164 ASP 164 164 164 ASP ASP A . n 
A 1 165 LYS 165 165 165 LYS LYS A . n 
A 1 166 GLU 166 166 166 GLU GLU A . n 
A 1 167 LEU 167 167 167 LEU LEU A . n 
A 1 168 ASN 168 168 168 ASN ASN A . n 
A 1 169 SER 169 169 169 SER SER A . n 
# 
loop_
_pdbx_nonpoly_scheme.asym_id 
_pdbx_nonpoly_scheme.entity_id 
_pdbx_nonpoly_scheme.mon_id 
_pdbx_nonpoly_scheme.ndb_seq_num 
_pdbx_nonpoly_scheme.pdb_seq_num 
_pdbx_nonpoly_scheme.auth_seq_num 
_pdbx_nonpoly_scheme.pdb_mon_id 
_pdbx_nonpoly_scheme.auth_mon_id 
_pdbx_nonpoly_scheme.pdb_strand_id 
_pdbx_nonpoly_scheme.pdb_ins_code 
B 2 GOL 1   201 2   GOL GOL A . 
C 2 GOL 1   202 3   GOL GOL A . 
D 3 AG  1   203 5   AG  AG  A . 
E 3 AG  1   204 6   AG  AG  A . 
F 3 AG  1   205 7   AG  AG  A . 
G 3 AG  1   206 8   AG  AG  A . 
H 3 AG  1   207 9   AG  AG  A . 
I 4 HOH 1   301 132 HOH HOH A . 
I 4 HOH 2   302 143 HOH HOH A . 
I 4 HOH 3   303 115 HOH HOH A . 
I 4 HOH 4   304 96  HOH HOH A . 
I 4 HOH 5   305 141 HOH HOH A . 
I 4 HOH 6   306 199 HOH HOH A . 
I 4 HOH 7   307 102 HOH HOH A . 
I 4 HOH 8   308 124 HOH HOH A . 
I 4 HOH 9   309 185 HOH HOH A . 
I 4 HOH 10  310 91  HOH HOH A . 
I 4 HOH 11  311 78  HOH HOH A . 
I 4 HOH 12  312 179 HOH HOH A . 
I 4 HOH 13  313 49  HOH HOH A . 
I 4 HOH 14  314 13  HOH HOH A . 
I 4 HOH 15  315 130 HOH HOH A . 
I 4 HOH 16  316 2   HOH HOH A . 
I 4 HOH 17  317 117 HOH HOH A . 
I 4 HOH 18  318 127 HOH HOH A . 
I 4 HOH 19  319 84  HOH HOH A . 
I 4 HOH 20  320 53  HOH HOH A . 
I 4 HOH 21  321 107 HOH HOH A . 
I 4 HOH 22  322 43  HOH HOH A . 
I 4 HOH 23  323 30  HOH HOH A . 
I 4 HOH 24  324 148 HOH HOH A . 
I 4 HOH 25  325 8   HOH HOH A . 
I 4 HOH 26  326 93  HOH HOH A . 
I 4 HOH 27  327 38  HOH HOH A . 
I 4 HOH 28  328 94  HOH HOH A . 
I 4 HOH 29  329 57  HOH HOH A . 
I 4 HOH 30  330 86  HOH HOH A . 
I 4 HOH 31  331 198 HOH HOH A . 
I 4 HOH 32  332 41  HOH HOH A . 
I 4 HOH 33  333 21  HOH HOH A . 
I 4 HOH 34  334 51  HOH HOH A . 
I 4 HOH 35  335 60  HOH HOH A . 
I 4 HOH 36  336 45  HOH HOH A . 
I 4 HOH 37  337 15  HOH HOH A . 
I 4 HOH 38  338 170 HOH HOH A . 
I 4 HOH 39  339 165 HOH HOH A . 
I 4 HOH 40  340 128 HOH HOH A . 
I 4 HOH 41  341 16  HOH HOH A . 
I 4 HOH 42  342 66  HOH HOH A . 
I 4 HOH 43  343 150 HOH HOH A . 
I 4 HOH 44  344 11  HOH HOH A . 
I 4 HOH 45  345 162 HOH HOH A . 
I 4 HOH 46  346 112 HOH HOH A . 
I 4 HOH 47  347 17  HOH HOH A . 
I 4 HOH 48  348 152 HOH HOH A . 
I 4 HOH 49  349 12  HOH HOH A . 
I 4 HOH 50  350 111 HOH HOH A . 
I 4 HOH 51  351 158 HOH HOH A . 
I 4 HOH 52  352 163 HOH HOH A . 
I 4 HOH 53  353 181 HOH HOH A . 
I 4 HOH 54  354 1   HOH HOH A . 
I 4 HOH 55  355 58  HOH HOH A . 
I 4 HOH 56  356 90  HOH HOH A . 
I 4 HOH 57  357 135 HOH HOH A . 
I 4 HOH 58  358 22  HOH HOH A . 
I 4 HOH 59  359 26  HOH HOH A . 
I 4 HOH 60  360 27  HOH HOH A . 
I 4 HOH 61  361 89  HOH HOH A . 
I 4 HOH 62  362 69  HOH HOH A . 
I 4 HOH 63  363 129 HOH HOH A . 
I 4 HOH 64  364 20  HOH HOH A . 
I 4 HOH 65  365 28  HOH HOH A . 
I 4 HOH 66  366 103 HOH HOH A . 
I 4 HOH 67  367 3   HOH HOH A . 
I 4 HOH 68  368 24  HOH HOH A . 
I 4 HOH 69  369 101 HOH HOH A . 
I 4 HOH 70  370 145 HOH HOH A . 
I 4 HOH 71  371 167 HOH HOH A . 
I 4 HOH 72  372 23  HOH HOH A . 
I 4 HOH 73  373 61  HOH HOH A . 
I 4 HOH 74  374 173 HOH HOH A . 
I 4 HOH 75  375 5   HOH HOH A . 
I 4 HOH 76  376 177 HOH HOH A . 
I 4 HOH 77  377 77  HOH HOH A . 
I 4 HOH 78  378 59  HOH HOH A . 
I 4 HOH 79  379 178 HOH HOH A . 
I 4 HOH 80  380 7   HOH HOH A . 
I 4 HOH 81  381 121 HOH HOH A . 
I 4 HOH 82  382 98  HOH HOH A . 
I 4 HOH 83  383 153 HOH HOH A . 
I 4 HOH 84  384 9   HOH HOH A . 
I 4 HOH 85  385 37  HOH HOH A . 
I 4 HOH 86  386 63  HOH HOH A . 
I 4 HOH 87  387 65  HOH HOH A . 
I 4 HOH 88  388 122 HOH HOH A . 
I 4 HOH 89  389 14  HOH HOH A . 
I 4 HOH 90  390 29  HOH HOH A . 
I 4 HOH 91  391 80  HOH HOH A . 
I 4 HOH 92  392 39  HOH HOH A . 
I 4 HOH 93  393 146 HOH HOH A . 
I 4 HOH 94  394 106 HOH HOH A . 
I 4 HOH 95  395 32  HOH HOH A . 
I 4 HOH 96  396 40  HOH HOH A . 
I 4 HOH 97  397 33  HOH HOH A . 
I 4 HOH 98  398 46  HOH HOH A . 
I 4 HOH 99  399 47  HOH HOH A . 
I 4 HOH 100 400 202 HOH HOH A . 
I 4 HOH 101 401 10  HOH HOH A . 
I 4 HOH 102 402 6   HOH HOH A . 
I 4 HOH 103 403 74  HOH HOH A . 
I 4 HOH 104 404 182 HOH HOH A . 
I 4 HOH 105 405 34  HOH HOH A . 
I 4 HOH 106 406 62  HOH HOH A . 
I 4 HOH 107 407 48  HOH HOH A . 
I 4 HOH 108 408 35  HOH HOH A . 
I 4 HOH 109 409 174 HOH HOH A . 
I 4 HOH 110 410 44  HOH HOH A . 
I 4 HOH 111 411 64  HOH HOH A . 
I 4 HOH 112 412 56  HOH HOH A . 
I 4 HOH 113 413 99  HOH HOH A . 
I 4 HOH 114 414 157 HOH HOH A . 
I 4 HOH 115 415 109 HOH HOH A . 
I 4 HOH 116 416 92  HOH HOH A . 
I 4 HOH 117 417 168 HOH HOH A . 
I 4 HOH 118 418 52  HOH HOH A . 
I 4 HOH 119 419 73  HOH HOH A . 
I 4 HOH 120 420 4   HOH HOH A . 
I 4 HOH 121 421 118 HOH HOH A . 
I 4 HOH 122 422 137 HOH HOH A . 
I 4 HOH 123 423 79  HOH HOH A . 
I 4 HOH 124 424 68  HOH HOH A . 
I 4 HOH 125 425 144 HOH HOH A . 
I 4 HOH 126 426 123 HOH HOH A . 
I 4 HOH 127 427 25  HOH HOH A . 
I 4 HOH 128 428 67  HOH HOH A . 
I 4 HOH 129 429 119 HOH HOH A . 
I 4 HOH 130 430 81  HOH HOH A . 
I 4 HOH 131 431 156 HOH HOH A . 
I 4 HOH 132 432 75  HOH HOH A . 
I 4 HOH 133 433 31  HOH HOH A . 
I 4 HOH 134 434 195 HOH HOH A . 
I 4 HOH 135 435 180 HOH HOH A . 
I 4 HOH 136 436 42  HOH HOH A . 
I 4 HOH 137 437 160 HOH HOH A . 
I 4 HOH 138 438 149 HOH HOH A . 
I 4 HOH 139 439 131 HOH HOH A . 
I 4 HOH 140 440 190 HOH HOH A . 
I 4 HOH 141 441 200 HOH HOH A . 
I 4 HOH 142 442 85  HOH HOH A . 
I 4 HOH 143 443 125 HOH HOH A . 
I 4 HOH 144 444 194 HOH HOH A . 
I 4 HOH 145 445 192 HOH HOH A . 
I 4 HOH 146 446 87  HOH HOH A . 
I 4 HOH 147 447 55  HOH HOH A . 
I 4 HOH 148 448 100 HOH HOH A . 
I 4 HOH 149 449 161 HOH HOH A . 
I 4 HOH 150 450 138 HOH HOH A . 
I 4 HOH 151 451 19  HOH HOH A . 
I 4 HOH 152 452 171 HOH HOH A . 
I 4 HOH 153 453 184 HOH HOH A . 
I 4 HOH 154 454 113 HOH HOH A . 
I 4 HOH 155 455 196 HOH HOH A . 
I 4 HOH 156 456 140 HOH HOH A . 
I 4 HOH 157 457 18  HOH HOH A . 
I 4 HOH 158 458 188 HOH HOH A . 
I 4 HOH 159 459 82  HOH HOH A . 
I 4 HOH 160 460 70  HOH HOH A . 
I 4 HOH 161 461 110 HOH HOH A . 
I 4 HOH 162 462 71  HOH HOH A . 
I 4 HOH 163 463 164 HOH HOH A . 
I 4 HOH 164 464 136 HOH HOH A . 
I 4 HOH 165 465 155 HOH HOH A . 
I 4 HOH 166 466 186 HOH HOH A . 
I 4 HOH 167 467 54  HOH HOH A . 
I 4 HOH 168 468 116 HOH HOH A . 
I 4 HOH 169 469 104 HOH HOH A . 
I 4 HOH 170 470 197 HOH HOH A . 
I 4 HOH 171 471 201 HOH HOH A . 
I 4 HOH 172 472 166 HOH HOH A . 
I 4 HOH 173 473 142 HOH HOH A . 
I 4 HOH 174 474 193 HOH HOH A . 
I 4 HOH 175 475 105 HOH HOH A . 
I 4 HOH 176 476 126 HOH HOH A . 
I 4 HOH 177 477 72  HOH HOH A . 
I 4 HOH 178 478 147 HOH HOH A . 
I 4 HOH 179 479 76  HOH HOH A . 
I 4 HOH 180 480 88  HOH HOH A . 
I 4 HOH 181 481 191 HOH HOH A . 
I 4 HOH 182 482 95  HOH HOH A . 
I 4 HOH 183 483 108 HOH HOH A . 
I 4 HOH 184 484 172 HOH HOH A . 
I 4 HOH 185 485 83  HOH HOH A . 
I 4 HOH 186 486 169 HOH HOH A . 
I 4 HOH 187 487 139 HOH HOH A . 
I 4 HOH 188 488 50  HOH HOH A . 
I 4 HOH 189 489 154 HOH HOH A . 
I 4 HOH 190 490 97  HOH HOH A . 
I 4 HOH 191 491 114 HOH HOH A . 
I 4 HOH 192 492 120 HOH HOH A . 
I 4 HOH 193 493 36  HOH HOH A . 
# 
loop_
_software.citation_id 
_software.classification 
_software.compiler_name 
_software.compiler_version 
_software.contact_author 
_software.contact_author_email 
_software.date 
_software.description 
_software.dependencies 
_software.hardware 
_software.language 
_software.location 
_software.mods 
_software.name 
_software.os 
_software.os_version 
_software.type 
_software.version 
_software.pdbx_ordinal 
? refinement       ? ? ? ? ? ? ? ? ? ? ? REFMAC   ? ? ? ccp4-7.0.024 1 
? refinement       ? ? ? ? ? ? ? ? ? ? ? PHENIX   ? ? ? 1.14-3260    2 
? 'data reduction' ? ? ? ? ? ? ? ? ? ? ? XDS      ? ? ? .            3 
? 'data scaling'   ? ? ? ? ? ? ? ? ? ? ? autoPROC ? ? ? .            4 
? phasing          ? ? ? ? ? ? ? ? ? ? ? BALBES   ? ? ? .            5 
# 
_cell.angle_alpha                  90.00 
_cell.angle_alpha_esd              ? 
_cell.angle_beta                   90.00 
_cell.angle_beta_esd               ? 
_cell.angle_gamma                  90.00 
_cell.angle_gamma_esd              ? 
_cell.entry_id                     8GY1 
_cell.details                      ? 
_cell.formula_units_Z              ? 
_cell.length_a                     148.212 
_cell.length_a_esd                 ? 
_cell.length_b                     148.212 
_cell.length_b_esd                 ? 
_cell.length_c                     148.212 
_cell.length_c_esd                 ? 
_cell.volume                       ? 
_cell.volume_esd                   ? 
_cell.Z_PDB                        48 
_cell.reciprocal_angle_alpha       ? 
_cell.reciprocal_angle_beta        ? 
_cell.reciprocal_angle_gamma       ? 
_cell.reciprocal_angle_alpha_esd   ? 
_cell.reciprocal_angle_beta_esd    ? 
_cell.reciprocal_angle_gamma_esd   ? 
_cell.reciprocal_length_a          ? 
_cell.reciprocal_length_b          ? 
_cell.reciprocal_length_c          ? 
_cell.reciprocal_length_a_esd      ? 
_cell.reciprocal_length_b_esd      ? 
_cell.reciprocal_length_c_esd      ? 
_cell.pdbx_unique_axis             ? 
_cell.pdbx_esd_method              ? 
# 
_symmetry.entry_id                         8GY1 
_symmetry.cell_setting                     ? 
_symmetry.Int_Tables_number                211 
_symmetry.space_group_name_Hall            ? 
_symmetry.space_group_name_H-M             'I 4 3 2' 
_symmetry.pdbx_full_space_group_name_H-M   ? 
# 
_exptl.absorpt_coefficient_mu     ? 
_exptl.absorpt_correction_T_max   ? 
_exptl.absorpt_correction_T_min   ? 
_exptl.absorpt_correction_type    ? 
_exptl.absorpt_process_details    ? 
_exptl.entry_id                   8GY1 
_exptl.crystals_number            1 
_exptl.details                    ? 
_exptl.method                     'X-RAY DIFFRACTION' 
_exptl.method_details             ? 
# 
_exptl_crystal.colour                       ? 
_exptl_crystal.density_diffrn               ? 
_exptl_crystal.density_Matthews             3.65 
_exptl_crystal.density_method               ? 
_exptl_crystal.density_percent_sol          66.33 
_exptl_crystal.description                  ? 
_exptl_crystal.F_000                        ? 
_exptl_crystal.id                           1 
_exptl_crystal.preparation                  ? 
_exptl_crystal.size_max                     ? 
_exptl_crystal.size_mid                     ? 
_exptl_crystal.size_min                     ? 
_exptl_crystal.size_rad                     ? 
_exptl_crystal.colour_lustre                ? 
_exptl_crystal.colour_modifier              ? 
_exptl_crystal.colour_primary               ? 
_exptl_crystal.density_meas                 ? 
_exptl_crystal.density_meas_esd             ? 
_exptl_crystal.density_meas_gt              ? 
_exptl_crystal.density_meas_lt              ? 
_exptl_crystal.density_meas_temp            ? 
_exptl_crystal.density_meas_temp_esd        ? 
_exptl_crystal.density_meas_temp_gt         ? 
_exptl_crystal.density_meas_temp_lt         ? 
_exptl_crystal.pdbx_crystal_image_url       ? 
_exptl_crystal.pdbx_crystal_image_format    ? 
_exptl_crystal.pdbx_mosaicity               ? 
_exptl_crystal.pdbx_mosaicity_esd           ? 
_exptl_crystal.pdbx_mosaic_method           ? 
_exptl_crystal.pdbx_mosaic_block_size       ? 
_exptl_crystal.pdbx_mosaic_block_size_esd   ? 
# 
_exptl_crystal_grow.apparatus       ? 
_exptl_crystal_grow.atmosphere      ? 
_exptl_crystal_grow.crystal_id      1 
_exptl_crystal_grow.details         ? 
_exptl_crystal_grow.method          'VAPOR DIFFUSION, SITTING DROP' 
_exptl_crystal_grow.method_ref      ? 
_exptl_crystal_grow.pH              4.6 
_exptl_crystal_grow.pressure        ? 
_exptl_crystal_grow.pressure_esd    ? 
_exptl_crystal_grow.seeding         ? 
_exptl_crystal_grow.seeding_ref     ? 
_exptl_crystal_grow.temp_details    ? 
_exptl_crystal_grow.temp_esd        ? 
_exptl_crystal_grow.time            ? 
_exptl_crystal_grow.pdbx_details    
;DzFer crystals were grown in 0.2 M ammonium sulfate, 0.1 M sodium acetate trihydrate pH 4.6, 30% w/v PEG monomethyl ether 2000, followed by soaking for 10 min with 20% glycerol and 100 mM AgNO3.
;
_exptl_crystal_grow.pdbx_pH_range   ? 
_exptl_crystal_grow.temp            291.15 
# 
_diffrn.ambient_environment              ? 
_diffrn.ambient_temp                     100 
_diffrn.ambient_temp_details             ? 
_diffrn.ambient_temp_esd                 ? 
_diffrn.crystal_id                       1 
_diffrn.crystal_support                  ? 
_diffrn.crystal_treatment                ? 
_diffrn.details                          ? 
_diffrn.id                               1 
_diffrn.ambient_pressure                 ? 
_diffrn.ambient_pressure_esd             ? 
_diffrn.ambient_pressure_gt              ? 
_diffrn.ambient_pressure_lt              ? 
_diffrn.ambient_temp_gt                  ? 
_diffrn.ambient_temp_lt                  ? 
_diffrn.pdbx_serial_crystal_experiment   N 
# 
_diffrn_detector.details                      ? 
_diffrn_detector.detector                     PIXEL 
_diffrn_detector.diffrn_id                    1 
_diffrn_detector.type                         'DECTRIS EIGER2 X 9M' 
_diffrn_detector.area_resol_mean              ? 
_diffrn_detector.dtime                        ? 
_diffrn_detector.pdbx_frames_total            ? 
_diffrn_detector.pdbx_collection_time_total   ? 
_diffrn_detector.pdbx_collection_date         2022-01-25 
_diffrn_detector.pdbx_frequency               ? 
# 
_diffrn_radiation.collimation                      ? 
_diffrn_radiation.diffrn_id                        1 
_diffrn_radiation.filter_edge                      ? 
_diffrn_radiation.inhomogeneity                    ? 
_diffrn_radiation.monochromator                    ? 
_diffrn_radiation.polarisn_norm                    ? 
_diffrn_radiation.polarisn_ratio                   ? 
_diffrn_radiation.probe                            ? 
_diffrn_radiation.type                             ? 
_diffrn_radiation.xray_symbol                      ? 
_diffrn_radiation.wavelength_id                    1 
_diffrn_radiation.pdbx_monochromatic_or_laue_m_l   M 
_diffrn_radiation.pdbx_wavelength_list             ? 
_diffrn_radiation.pdbx_wavelength                  ? 
_diffrn_radiation.pdbx_diffrn_protocol             'SINGLE WAVELENGTH' 
_diffrn_radiation.pdbx_analyzer                    ? 
_diffrn_radiation.pdbx_scattering_type             x-ray 
# 
_diffrn_radiation_wavelength.id           1 
_diffrn_radiation_wavelength.wavelength   0.979 
_diffrn_radiation_wavelength.wt           1.0 
# 
_diffrn_source.current                     ? 
_diffrn_source.details                     ? 
_diffrn_source.diffrn_id                   1 
_diffrn_source.power                       ? 
_diffrn_source.size                        ? 
_diffrn_source.source                      SYNCHROTRON 
_diffrn_source.target                      ? 
_diffrn_source.type                        'NFPSS BEAMLINE BL17B' 
_diffrn_source.voltage                     ? 
_diffrn_source.take-off_angle              ? 
_diffrn_source.pdbx_wavelength_list        0.979 
_diffrn_source.pdbx_wavelength             ? 
_diffrn_source.pdbx_synchrotron_beamline   BL17B 
_diffrn_source.pdbx_synchrotron_site       NFPSS 
# 
_reflns.B_iso_Wilson_estimate                          ? 
_reflns.entry_id                                       8GY1 
_reflns.data_reduction_details                         ? 
_reflns.data_reduction_method                          ? 
_reflns.d_resolution_high                              1.90 
_reflns.d_resolution_low                               106.78 
_reflns.details                                        ? 
_reflns.limit_h_max                                    ? 
_reflns.limit_h_min                                    ? 
_reflns.limit_k_max                                    ? 
_reflns.limit_k_min                                    ? 
_reflns.limit_l_max                                    ? 
_reflns.limit_l_min                                    ? 
_reflns.number_all                                     ? 
_reflns.number_obs                                     21003 
_reflns.observed_criterion                             ? 
_reflns.observed_criterion_F_max                       ? 
_reflns.observed_criterion_F_min                       ? 
_reflns.observed_criterion_I_max                       ? 
_reflns.observed_criterion_I_min                       ? 
_reflns.observed_criterion_sigma_F                     ? 
_reflns.observed_criterion_sigma_I                     ? 
_reflns.percent_possible_obs                           99.7 
_reflns.R_free_details                                 ? 
_reflns.Rmerge_F_all                                   ? 
_reflns.Rmerge_F_obs                                   ? 
_reflns.Friedel_coverage                               ? 
_reflns.number_gt                                      ? 
_reflns.threshold_expression                           ? 
_reflns.pdbx_redundancy                                11.3 
_reflns.pdbx_netI_over_av_sigmaI                       ? 
_reflns.pdbx_netI_over_sigmaI                          7.2 
_reflns.pdbx_res_netI_over_av_sigmaI_2                 ? 
_reflns.pdbx_res_netI_over_sigmaI_2                    ? 
_reflns.pdbx_chi_squared                               ? 
_reflns.pdbx_scaling_rejects                           ? 
_reflns.pdbx_d_res_high_opt                            ? 
_reflns.pdbx_d_res_low_opt                             ? 
_reflns.pdbx_d_res_opt_method                          ? 
_reflns.phase_calculation_details                      ? 
_reflns.pdbx_Rrim_I_all                                ? 
_reflns.pdbx_Rpim_I_all                                ? 
_reflns.pdbx_d_opt                                     ? 
_reflns.pdbx_number_measured_all                       ? 
_reflns.pdbx_diffrn_id                                 1 
_reflns.pdbx_ordinal                                   1 
_reflns.pdbx_CC_half                                   0.99 
_reflns.pdbx_CC_star                                   ? 
_reflns.pdbx_R_split                                   ? 
_reflns.pdbx_Rmerge_I_obs                              ? 
_reflns.pdbx_Rmerge_I_all                              ? 
_reflns.pdbx_Rsym_value                                ? 
_reflns.pdbx_CC_split_method                           ? 
_reflns.pdbx_aniso_diffraction_limit_axis_1_ortho[1]   ? 
_reflns.pdbx_aniso_diffraction_limit_axis_1_ortho[2]   ? 
_reflns.pdbx_aniso_diffraction_limit_axis_1_ortho[3]   ? 
_reflns.pdbx_aniso_diffraction_limit_axis_2_ortho[1]   ? 
_reflns.pdbx_aniso_diffraction_limit_axis_2_ortho[2]   ? 
_reflns.pdbx_aniso_diffraction_limit_axis_2_ortho[3]   ? 
_reflns.pdbx_aniso_diffraction_limit_axis_3_ortho[1]   ? 
_reflns.pdbx_aniso_diffraction_limit_axis_3_ortho[2]   ? 
_reflns.pdbx_aniso_diffraction_limit_axis_3_ortho[3]   ? 
_reflns.pdbx_aniso_diffraction_limit_1                 ? 
_reflns.pdbx_aniso_diffraction_limit_2                 ? 
_reflns.pdbx_aniso_diffraction_limit_3                 ? 
_reflns.pdbx_aniso_B_tensor_eigenvector_1_ortho[1]     ? 
_reflns.pdbx_aniso_B_tensor_eigenvector_1_ortho[2]     ? 
_reflns.pdbx_aniso_B_tensor_eigenvector_1_ortho[3]     ? 
_reflns.pdbx_aniso_B_tensor_eigenvector_2_ortho[1]     ? 
_reflns.pdbx_aniso_B_tensor_eigenvector_2_ortho[2]     ? 
_reflns.pdbx_aniso_B_tensor_eigenvector_2_ortho[3]     ? 
_reflns.pdbx_aniso_B_tensor_eigenvector_3_ortho[1]     ? 
_reflns.pdbx_aniso_B_tensor_eigenvector_3_ortho[2]     ? 
_reflns.pdbx_aniso_B_tensor_eigenvector_3_ortho[3]     ? 
_reflns.pdbx_aniso_B_tensor_eigenvalue_1               ? 
_reflns.pdbx_aniso_B_tensor_eigenvalue_2               ? 
_reflns.pdbx_aniso_B_tensor_eigenvalue_3               ? 
_reflns.pdbx_orthogonalization_convention              ? 
_reflns.pdbx_percent_possible_ellipsoidal              ? 
_reflns.pdbx_percent_possible_spherical                ? 
_reflns.pdbx_percent_possible_ellipsoidal_anomalous    ? 
_reflns.pdbx_percent_possible_spherical_anomalous      ? 
_reflns.pdbx_redundancy_anomalous                      ? 
_reflns.pdbx_CC_half_anomalous                         ? 
_reflns.pdbx_absDiff_over_sigma_anomalous              ? 
_reflns.pdbx_percent_possible_anomalous                ? 
_reflns.pdbx_observed_signal_threshold                 ? 
_reflns.pdbx_signal_type                               ? 
_reflns.pdbx_signal_details                            ? 
_reflns.pdbx_signal_software_id                        ? 
# 
_reflns_shell.d_res_high                                    1.90 
_reflns_shell.d_res_low                                     2 
_reflns_shell.meanI_over_sigI_all                           ? 
_reflns_shell.meanI_over_sigI_obs                           ? 
_reflns_shell.number_measured_all                           ? 
_reflns_shell.number_measured_obs                           ? 
_reflns_shell.number_possible                               ? 
_reflns_shell.number_unique_all                             ? 
_reflns_shell.number_unique_obs                             3175 
_reflns_shell.percent_possible_obs                          ? 
_reflns_shell.Rmerge_F_all                                  ? 
_reflns_shell.Rmerge_F_obs                                  ? 
_reflns_shell.meanI_over_sigI_gt                            ? 
_reflns_shell.meanI_over_uI_all                             ? 
_reflns_shell.meanI_over_uI_gt                              ? 
_reflns_shell.number_measured_gt                            ? 
_reflns_shell.number_unique_gt                              ? 
_reflns_shell.percent_possible_gt                           ? 
_reflns_shell.Rmerge_F_gt                                   ? 
_reflns_shell.Rmerge_I_gt                                   ? 
_reflns_shell.pdbx_redundancy                               ? 
_reflns_shell.pdbx_chi_squared                              ? 
_reflns_shell.pdbx_netI_over_sigmaI_all                     ? 
_reflns_shell.pdbx_netI_over_sigmaI_obs                     ? 
_reflns_shell.pdbx_Rrim_I_all                               ? 
_reflns_shell.pdbx_Rpim_I_all                               ? 
_reflns_shell.pdbx_rejects                                  ? 
_reflns_shell.pdbx_ordinal                                  1 
_reflns_shell.pdbx_diffrn_id                                1 
_reflns_shell.pdbx_CC_half                                  0.92 
_reflns_shell.pdbx_CC_star                                  ? 
_reflns_shell.pdbx_R_split                                  ? 
_reflns_shell.percent_possible_all                          ? 
_reflns_shell.Rmerge_I_all                                  ? 
_reflns_shell.Rmerge_I_obs                                  ? 
_reflns_shell.pdbx_Rsym_value                               ? 
_reflns_shell.pdbx_percent_possible_ellipsoidal             ? 
_reflns_shell.pdbx_percent_possible_spherical               ? 
_reflns_shell.pdbx_percent_possible_ellipsoidal_anomalous   ? 
_reflns_shell.pdbx_percent_possible_spherical_anomalous     ? 
_reflns_shell.pdbx_redundancy_anomalous                     ? 
_reflns_shell.pdbx_CC_half_anomalous                        ? 
_reflns_shell.pdbx_absDiff_over_sigma_anomalous             ? 
_reflns_shell.pdbx_percent_possible_anomalous               ? 
# 
_refine.aniso_B[1][1]                            0.00 
_refine.aniso_B[1][2]                            0.00 
_refine.aniso_B[1][3]                            0.00 
_refine.aniso_B[2][2]                            0.00 
_refine.aniso_B[2][3]                            0.00 
_refine.aniso_B[3][3]                            0.00 
_refine.B_iso_max                                ? 
_refine.B_iso_mean                               35.170 
_refine.B_iso_min                                ? 
_refine.correlation_coeff_Fo_to_Fc               0.976 
_refine.correlation_coeff_Fo_to_Fc_free          0.964 
_refine.details                                  'HYDROGENS HAVE BEEN ADDED IN THE RIDING POSITIONS' 
_refine.diff_density_max                         ? 
_refine.diff_density_max_esd                     ? 
_refine.diff_density_min                         ? 
_refine.diff_density_min_esd                     ? 
_refine.diff_density_rms                         ? 
_refine.diff_density_rms_esd                     ? 
_refine.entry_id                                 8GY1 
_refine.pdbx_refine_id                           'X-RAY DIFFRACTION' 
_refine.ls_abs_structure_details                 ? 
_refine.ls_abs_structure_Flack                   ? 
_refine.ls_abs_structure_Flack_esd               ? 
_refine.ls_abs_structure_Rogers                  ? 
_refine.ls_abs_structure_Rogers_esd              ? 
_refine.ls_d_res_high                            1.90 
_refine.ls_d_res_low                             104.80 
_refine.ls_extinction_coef                       ? 
_refine.ls_extinction_coef_esd                   ? 
_refine.ls_extinction_expression                 ? 
_refine.ls_extinction_method                     ? 
_refine.ls_goodness_of_fit_all                   ? 
_refine.ls_goodness_of_fit_all_esd               ? 
_refine.ls_goodness_of_fit_obs                   ? 
_refine.ls_goodness_of_fit_obs_esd               ? 
_refine.ls_hydrogen_treatment                    ? 
_refine.ls_matrix_type                           ? 
_refine.ls_number_constraints                    ? 
_refine.ls_number_parameters                     ? 
_refine.ls_number_reflns_all                     ? 
_refine.ls_number_reflns_obs                     21003 
_refine.ls_number_reflns_R_free                  1107 
_refine.ls_number_reflns_R_work                  ? 
_refine.ls_number_restraints                     ? 
_refine.ls_percent_reflns_obs                    99.95 
_refine.ls_percent_reflns_R_free                 5.0 
_refine.ls_R_factor_all                          ? 
_refine.ls_R_factor_obs                          0.15273 
_refine.ls_R_factor_R_free                       0.18965 
_refine.ls_R_factor_R_free_error                 ? 
_refine.ls_R_factor_R_free_error_details         ? 
_refine.ls_R_factor_R_work                       0.15080 
_refine.ls_R_Fsqd_factor_obs                     ? 
_refine.ls_R_I_factor_obs                        ? 
_refine.ls_redundancy_reflns_all                 ? 
_refine.ls_redundancy_reflns_obs                 ? 
_refine.ls_restrained_S_all                      ? 
_refine.ls_restrained_S_obs                      ? 
_refine.ls_shift_over_esd_max                    ? 
_refine.ls_shift_over_esd_mean                   ? 
_refine.ls_structure_factor_coef                 ? 
_refine.ls_weighting_details                     ? 
_refine.ls_weighting_scheme                      ? 
_refine.ls_wR_factor_all                         ? 
_refine.ls_wR_factor_obs                         ? 
_refine.ls_wR_factor_R_free                      ? 
_refine.ls_wR_factor_R_work                      ? 
_refine.occupancy_max                            ? 
_refine.occupancy_min                            ? 
_refine.solvent_model_details                    MASK 
_refine.solvent_model_param_bsol                 ? 
_refine.solvent_model_param_ksol                 ? 
_refine.pdbx_R_complete                          ? 
_refine.ls_R_factor_gt                           ? 
_refine.ls_goodness_of_fit_gt                    ? 
_refine.ls_goodness_of_fit_ref                   ? 
_refine.ls_shift_over_su_max                     ? 
_refine.ls_shift_over_su_max_lt                  ? 
_refine.ls_shift_over_su_mean                    ? 
_refine.ls_shift_over_su_mean_lt                 ? 
_refine.pdbx_ls_sigma_I                          ? 
_refine.pdbx_ls_sigma_F                          ? 
_refine.pdbx_ls_sigma_Fsqd                       ? 
_refine.pdbx_data_cutoff_high_absF               ? 
_refine.pdbx_data_cutoff_high_rms_absF           ? 
_refine.pdbx_data_cutoff_low_absF                ? 
_refine.pdbx_isotropic_thermal_model             ? 
_refine.pdbx_ls_cross_valid_method               THROUGHOUT 
_refine.pdbx_method_to_determine_struct          'MOLECULAR REPLACEMENT' 
_refine.pdbx_starting_model                      ? 
_refine.pdbx_stereochemistry_target_values       'MAXIMUM LIKELIHOOD' 
_refine.pdbx_R_Free_selection_details            RANDOM 
_refine.pdbx_stereochem_target_val_spec_case     ? 
_refine.pdbx_overall_ESU_R                       0.096 
_refine.pdbx_overall_ESU_R_Free                  0.101 
_refine.pdbx_solvent_vdw_probe_radii             1.20 
_refine.pdbx_solvent_ion_probe_radii             0.80 
_refine.pdbx_solvent_shrinkage_radii             0.80 
_refine.pdbx_real_space_R                        ? 
_refine.pdbx_density_correlation                 ? 
_refine.pdbx_pd_number_of_powder_patterns        ? 
_refine.pdbx_pd_number_of_points                 ? 
_refine.pdbx_pd_meas_number_of_points            ? 
_refine.pdbx_pd_proc_ls_prof_R_factor            ? 
_refine.pdbx_pd_proc_ls_prof_wR_factor           ? 
_refine.pdbx_pd_Marquardt_correlation_coeff      ? 
_refine.pdbx_pd_Fsqrd_R_factor                   ? 
_refine.pdbx_pd_ls_matrix_band_width             ? 
_refine.pdbx_overall_phase_error                 ? 
_refine.pdbx_overall_SU_R_free_Cruickshank_DPI   ? 
_refine.pdbx_overall_SU_R_free_Blow_DPI          ? 
_refine.pdbx_overall_SU_R_Blow_DPI               ? 
_refine.pdbx_TLS_residual_ADP_flag               ? 
_refine.pdbx_diffrn_id                           1 
_refine.overall_SU_B                             2.349 
_refine.overall_SU_ML                            0.068 
_refine.overall_SU_R_Cruickshank_DPI             ? 
_refine.overall_SU_R_free                        ? 
_refine.overall_FOM_free_R_set                   ? 
_refine.overall_FOM_work_R_set                   ? 
_refine.pdbx_average_fsc_overall                 ? 
_refine.pdbx_average_fsc_work                    ? 
_refine.pdbx_average_fsc_free                    ? 
# 
_refine_hist.pdbx_refine_id                   'X-RAY DIFFRACTION' 
_refine_hist.cycle_id                         1 
_refine_hist.details                          ? 
_refine_hist.d_res_high                       1.90 
_refine_hist.d_res_low                        104.80 
_refine_hist.number_atoms_solvent             193 
_refine_hist.number_atoms_total               1576 
_refine_hist.number_reflns_all                ? 
_refine_hist.number_reflns_obs                ? 
_refine_hist.number_reflns_R_free             ? 
_refine_hist.number_reflns_R_work             ? 
_refine_hist.R_factor_all                     ? 
_refine_hist.R_factor_obs                     ? 
_refine_hist.R_factor_R_free                  ? 
_refine_hist.R_factor_R_work                  ? 
_refine_hist.pdbx_number_residues_total       ? 
_refine_hist.pdbx_B_iso_mean_ligand           ? 
_refine_hist.pdbx_B_iso_mean_solvent          ? 
_refine_hist.pdbx_number_atoms_protein        1366 
_refine_hist.pdbx_number_atoms_nucleic_acid   0 
_refine_hist.pdbx_number_atoms_ligand         17 
_refine_hist.pdbx_number_atoms_lipid          ? 
_refine_hist.pdbx_number_atoms_carb           ? 
_refine_hist.pdbx_pseudo_atom_details         ? 
# 
loop_
_refine_ls_restr.pdbx_refine_id 
_refine_ls_restr.criterion 
_refine_ls_restr.dev_ideal 
_refine_ls_restr.dev_ideal_target 
_refine_ls_restr.number 
_refine_ls_restr.rejects 
_refine_ls_restr.type 
_refine_ls_restr.weight 
_refine_ls_restr.pdbx_restraint_function 
'X-RAY DIFFRACTION' ? 0.023  0.019  1413 ? r_bond_refined_d             ? ? 
'X-RAY DIFFRACTION' ? 0.003  0.020  1260 ? r_bond_other_d               ? ? 
'X-RAY DIFFRACTION' ? 1.875  1.946  1896 ? r_angle_refined_deg          ? ? 
'X-RAY DIFFRACTION' ? 1.098  3.000  2937 ? r_angle_other_deg            ? ? 
'X-RAY DIFFRACTION' ? 5.302  5.000  170  ? r_dihedral_angle_1_deg       ? ? 
'X-RAY DIFFRACTION' ? 38.613 24.872 78   ? r_dihedral_angle_2_deg       ? ? 
'X-RAY DIFFRACTION' ? 14.023 15.000 256  ? r_dihedral_angle_3_deg       ? ? 
'X-RAY DIFFRACTION' ? 16.748 15.000 8    ? r_dihedral_angle_4_deg       ? ? 
'X-RAY DIFFRACTION' ? 0.135  0.200  197  ? r_chiral_restr               ? ? 
'X-RAY DIFFRACTION' ? 0.010  0.020  1587 ? r_gen_planes_refined         ? ? 
'X-RAY DIFFRACTION' ? 0.002  0.020  289  ? r_gen_planes_other           ? ? 
'X-RAY DIFFRACTION' ? ?      ?      ?    ? r_nbd_refined                ? ? 
'X-RAY DIFFRACTION' ? ?      ?      ?    ? r_nbd_other                  ? ? 
'X-RAY DIFFRACTION' ? ?      ?      ?    ? r_nbtor_refined              ? ? 
'X-RAY DIFFRACTION' ? ?      ?      ?    ? r_nbtor_other                ? ? 
'X-RAY DIFFRACTION' ? ?      ?      ?    ? r_xyhbond_nbd_refined        ? ? 
'X-RAY DIFFRACTION' ? ?      ?      ?    ? r_xyhbond_nbd_other          ? ? 
'X-RAY DIFFRACTION' ? ?      ?      ?    ? r_metal_ion_refined          ? ? 
'X-RAY DIFFRACTION' ? ?      ?      ?    ? r_metal_ion_other            ? ? 
'X-RAY DIFFRACTION' ? ?      ?      ?    ? r_symmetry_vdw_refined       ? ? 
'X-RAY DIFFRACTION' ? ?      ?      ?    ? r_symmetry_vdw_other         ? ? 
'X-RAY DIFFRACTION' ? ?      ?      ?    ? r_symmetry_hbond_refined     ? ? 
'X-RAY DIFFRACTION' ? ?      ?      ?    ? r_symmetry_hbond_other       ? ? 
'X-RAY DIFFRACTION' ? ?      ?      ?    ? r_symmetry_metal_ion_refined ? ? 
'X-RAY DIFFRACTION' ? ?      ?      ?    ? r_symmetry_metal_ion_other   ? ? 
'X-RAY DIFFRACTION' ? 2.904  3.096  680  ? r_mcbond_it                  ? ? 
'X-RAY DIFFRACTION' ? 2.822  3.087  679  ? r_mcbond_other               ? ? 
'X-RAY DIFFRACTION' ? 3.913  4.616  850  ? r_mcangle_it                 ? ? 
'X-RAY DIFFRACTION' ? 3.925  4.629  851  ? r_mcangle_other              ? ? 
'X-RAY DIFFRACTION' ? 5.209  3.690  732  ? r_scbond_it                  ? ? 
'X-RAY DIFFRACTION' ? 5.169  3.691  732  ? r_scbond_other               ? ? 
'X-RAY DIFFRACTION' ? ?      ?      ?    ? r_scangle_it                 ? ? 
'X-RAY DIFFRACTION' ? 7.539  5.285  1046 ? r_scangle_other              ? ? 
'X-RAY DIFFRACTION' ? 8.426  40.112 1919 ? r_long_range_B_refined       ? ? 
'X-RAY DIFFRACTION' ? 8.348  39.168 1857 ? r_long_range_B_other         ? ? 
'X-RAY DIFFRACTION' ? ?      ?      ?    ? r_rigid_bond_restr           ? ? 
'X-RAY DIFFRACTION' ? ?      ?      ?    ? r_sphericity_free            ? ? 
'X-RAY DIFFRACTION' ? ?      ?      ?    ? r_sphericity_bonded          ? ? 
# 
_refine_ls_shell.pdbx_refine_id                   'X-RAY DIFFRACTION' 
_refine_ls_shell.d_res_high                       1.902 
_refine_ls_shell.d_res_low                        1.951 
_refine_ls_shell.number_reflns_all                ? 
_refine_ls_shell.number_reflns_obs                ? 
_refine_ls_shell.number_reflns_R_free             73 
_refine_ls_shell.number_reflns_R_work             1537 
_refine_ls_shell.percent_reflns_obs               100.00 
_refine_ls_shell.percent_reflns_R_free            ? 
_refine_ls_shell.R_factor_all                     ? 
_refine_ls_shell.R_factor_obs                     ? 
_refine_ls_shell.R_factor_R_free_error            ? 
_refine_ls_shell.R_factor_R_work                  0.219 
_refine_ls_shell.redundancy_reflns_all            ? 
_refine_ls_shell.redundancy_reflns_obs            ? 
_refine_ls_shell.wR_factor_all                    ? 
_refine_ls_shell.wR_factor_obs                    ? 
_refine_ls_shell.wR_factor_R_free                 ? 
_refine_ls_shell.wR_factor_R_work                 ? 
_refine_ls_shell.pdbx_R_complete                  ? 
_refine_ls_shell.pdbx_total_number_of_bins_used   20 
_refine_ls_shell.pdbx_phase_error                 ? 
_refine_ls_shell.pdbx_fsc_work                    ? 
_refine_ls_shell.pdbx_fsc_free                    ? 
_refine_ls_shell.R_factor_R_free                  0.262 
# 
_struct.entry_id                     8GY1 
_struct.title                        'Crystal structure of Ag+ binding to Dendrorhynchus zhejiangensis ferritin' 
_struct.pdbx_model_details           ? 
_struct.pdbx_formula_weight          ? 
_struct.pdbx_formula_weight_method   ? 
_struct.pdbx_model_type_details      ? 
_struct.pdbx_CASP_flag               N 
# 
_struct_keywords.entry_id        8GY1 
_struct_keywords.text            'Ag+-bound DzFer, METAL BINDING PROTEIN' 
_struct_keywords.pdbx_keywords   'METAL BINDING PROTEIN' 
# 
loop_
_struct_asym.id 
_struct_asym.pdbx_blank_PDB_chainid_flag 
_struct_asym.pdbx_modified 
_struct_asym.entity_id 
_struct_asym.details 
A N N 1 ? 
B N N 2 ? 
C N N 2 ? 
D N N 3 ? 
E N N 3 ? 
F N N 3 ? 
G N N 3 ? 
H N N 3 ? 
I N N 4 ? 
# 
_struct_ref.id                         1 
_struct_ref.db_name                    UNP 
_struct_ref.db_code                    A0A8F4Y4C2_9BILA 
_struct_ref.pdbx_db_accession          A0A8F4Y4C2 
_struct_ref.pdbx_db_isoform            ? 
_struct_ref.entity_id                  1 
_struct_ref.pdbx_seq_one_letter_code   
;MSLCRQNYHEECEAGVNKQINMEFYASYVYMSMASHFDRDDVALKGAHEFFLKSSSEEREHAMRLIKFQNQRGGRVVYQD
IKKPEKDAWGTLTDAMQAALDLEKHVNQALLDLHALASKHNDPQMCDFIENHYLTEQVEAIREISGYLTNLKRCGPGLGE
FLFDKELNS
;
_struct_ref.pdbx_align_begin           1 
# 
_struct_ref_seq.align_id                      1 
_struct_ref_seq.ref_id                        1 
_struct_ref_seq.pdbx_PDB_id_code              8GY1 
_struct_ref_seq.pdbx_strand_id                A 
_struct_ref_seq.seq_align_beg                 1 
_struct_ref_seq.pdbx_seq_align_beg_ins_code   ? 
_struct_ref_seq.seq_align_end                 169 
_struct_ref_seq.pdbx_seq_align_end_ins_code   ? 
_struct_ref_seq.pdbx_db_accession             A0A8F4Y4C2 
_struct_ref_seq.db_align_beg                  1 
_struct_ref_seq.pdbx_db_align_beg_ins_code    ? 
_struct_ref_seq.db_align_end                  169 
_struct_ref_seq.pdbx_db_align_end_ins_code    ? 
_struct_ref_seq.pdbx_auth_seq_align_beg       1 
_struct_ref_seq.pdbx_auth_seq_align_end       169 
# 
_pdbx_struct_assembly.id                   1 
_pdbx_struct_assembly.details              author_and_software_defined_assembly 
_pdbx_struct_assembly.method_details       PISA 
_pdbx_struct_assembly.oligomeric_details   24-meric 
_pdbx_struct_assembly.oligomeric_count     24 
# 
loop_
_pdbx_struct_assembly_prop.biol_id 
_pdbx_struct_assembly_prop.type 
_pdbx_struct_assembly_prop.value 
_pdbx_struct_assembly_prop.details 
1 'ABSA (A^2)' 104940 ? 
1 MORE         -688   ? 
1 'SSA (A^2)'  132550 ? 
# 
_pdbx_struct_assembly_gen.assembly_id       1 
_pdbx_struct_assembly_gen.oper_expression   1,2,3,4,5,6,7,8,9,10,11,12,13,14,15,16,17,18,19,20,21,22,23,24 
_pdbx_struct_assembly_gen.asym_id_list      A,B,C,D,E,F,G,H,I 
# 
loop_
_pdbx_struct_oper_list.id 
_pdbx_struct_oper_list.type 
_pdbx_struct_oper_list.name 
_pdbx_struct_oper_list.symmetry_operation 
_pdbx_struct_oper_list.matrix[1][1] 
_pdbx_struct_oper_list.matrix[1][2] 
_pdbx_struct_oper_list.matrix[1][3] 
_pdbx_struct_oper_list.vector[1] 
_pdbx_struct_oper_list.matrix[2][1] 
_pdbx_struct_oper_list.matrix[2][2] 
_pdbx_struct_oper_list.matrix[2][3] 
_pdbx_struct_oper_list.vector[2] 
_pdbx_struct_oper_list.matrix[3][1] 
_pdbx_struct_oper_list.matrix[3][2] 
_pdbx_struct_oper_list.matrix[3][3] 
_pdbx_struct_oper_list.vector[3] 
1  'identity operation'         1_555  x,y,z        1.0000000000  0.0000000000  0.0000000000  0.0000000000   0.0000000000  1.0000000000  0.0000000000  0.0000000000   0.0000000000  0.0000000000  1.0000000000  0.0000000000  
2  'crystal symmetry operation' 2_575  -x,-y+2,z    -0.6826763170 -0.6850617889 -0.2542506470 9.9690616365   -0.6850617889 0.4789619554  0.5488950634  -16.4326940643 -0.2542506470 0.5488950634  -0.7962856383 56.7189516125 
3  'crystal symmetry operation' 3_555  -x,y,-z      -0.5925093110 -0.1075453272 0.7983525029  -46.0383646031 -0.1075453272 -0.9716165358 -0.2107019460 56.0535419516  0.7983525029  -0.2107019460 0.5641258468  31.0495693685 
4  'crystal symmetry operation' 4_575  x,-y+2,-z    0.2751856281  0.7926071161  -0.5441018559 -4.8961500019  0.7926071161  -0.5073454196 -0.3381931174 58.9968997562  -0.5441018559 -0.3381931174 -0.7678402085 74.4674219027 
5  'crystal symmetry operation' 5_564  z,x+1,y-1    0.8582807570  -0.5100747284 -0.0563729870 13.4106381408  -0.2855872288 -0.3834780757 -0.8782849766 66.8064182144  0.4263731664  0.7699144997  -0.4748026813 45.2013349033 
6  'crystal symmetry operation' 6_566  z,-x+1,-y+1  -0.2221623718 -0.8632245944 -0.4533069383 27.1513771473  0.6809743377  -0.4701127991 0.5614872283  20.4455563338  -0.6977949785 -0.1839490577 0.6922751709  9.8697955456  
7  'crystal symmetry operation' 7_564  -z,-x+1,y-1  -0.4986887017 0.4151708538  0.7608828694  -56.4450564387 -0.4907266421 0.5883635651  -0.6426629583 31.1887124679  -0.7144906868 -0.6938742518 -0.0896748634 53.9858275352 
8  'crystal symmetry operation' 8_566  -z,x+1,-y+1  -0.1374296835 0.9581284689  -0.2512029441 -25.0824118180 0.0953395332  0.2652273097  0.9594607067  -19.8229393726 0.9859124989  0.1079088098  -0.1277976262 53.1789848995 
9  'crystal symmetry operation' 9_465  y-1,z+1,x    0.8582807570  -0.2855872288 0.4263731664  -11.7036690975 -0.5100747284 -0.3834780757 0.7699144997  -2.3419388400  -0.0563729870 -0.8782849766 -0.4748026813 80.8927861997 
10 'crystal symmetry operation' 10_665 -y+1,z+1,-x  -0.4986887017 -0.4907266421 -0.7144906868 25.7289912207  0.4151708538  0.5883635651  -0.6938742518 42.5434159072  0.7608828694  -0.6426629583 -0.0896748634 67.8330784363 
11 'crystal symmetry operation' 11_465 y-1,-z+1,-x  -0.1374296835 0.0953395332  0.9859124989  -53.9869840226 0.9581284689  0.2652273097  0.1079088098  23.5512767448  -0.2512029441 0.9594607067  -0.1277976262 19.5147037578 
12 'crystal symmetry operation' 12_665 -y+1,-z+1,x  -0.2221623718 0.6809743377  -0.6977949785 -1.0037910692  -0.8632245944 -0.4701127991 -0.1839490577 34.8649938316  -0.4533069383 0.5614872283  0.6922751709  -6.0046255102 
13 'crystal symmetry operation' 13_465 y-1,x+1,-z   0.5621892320  0.4714339169  0.6794801906  -43.6657442168 0.4714339169  -0.8577317437 0.2050519880  42.3127554054  0.6794801906  0.2050519880  -0.7044574883 71.0344290739 
14 'crystal symmetry operation' 14_665 -y+1,-x+1,-z -0.8795129150 0.2136278720  -0.4252295436 -7.2687703882  0.2136278720  -0.6212302116 -0.7539470515 72.7376863024  -0.4252295436 -0.7539470515 0.5007431266  34.4825621972 
15 'crystal symmetry operation' 15_465 y-1,-x+1,z   0.1586618415  -0.6616816125 0.7328054747  -22.0249089032 -0.0233801764 0.7394809777  0.6727713215  -21.1034175006 -0.9870561217 -0.1238762580 0.1018571808  29.3730608836 
16 'crystal symmetry operation' 16_665 -y+1,x+1,z   0.1586618415  -0.0233801764 -0.9870561217 31.9939705397  -0.6616816125 0.7394809777  -0.1238762580 4.6707234364   0.7328054747  0.6727713215  0.1018571808  27.3458907289 
17 'crystal symmetry operation' 17_566 x,z+1,-y+1   0.6375928140  0.0555985599  -0.7683646293 26.0817952096  0.7370085562  0.2463272902  0.6293975327  0.6016230705   0.2242627735  -0.9675906501 0.1160798958  62.0030620501 
18 'crystal symmetry operation' 18_564 -x,z+1,y-1   -0.2780007588 -0.8319124308 0.4802471089  -12.0564730864 -0.8319124308 -0.0414418008 -0.5533572848 39.5998539966  0.4802471089  -0.5533572848 -0.6805574405 86.7228025859 
19 'crystal symmetry operation' 19_566 -x,-z+1,-y+1 -0.9971848693 0.0393053147  0.0638547470  -24.0128298803 0.0393053147  -0.4512127796 0.8915504022  0.0209938907   0.0638547470  0.8915504022  0.4483976489  1.0457183950  
20 'crystal symmetry operation' 20_564 x,-z+1,y-1   0.6375928140  0.7370085562  0.2242627735  -30.9779452115 0.0555985599  0.2463272902  -0.9675906501 58.3952766857  -0.7683646293 0.6293975327  0.1160798958  12.4643598526 
21 'crystal symmetry operation' 21_555 z,y,-x       0.2037453445  -0.9381158794 0.2800471949  3.6155554258   0.8305705522  0.0141917321  -0.5567325682 55.3912307541  0.5183053080  0.3460306222  0.7820629234  5.6162695639  
22 'crystal symmetry operation' 22_575 z,-y+2,x     0.4323730407  -0.4351834433 -0.7897271202 36.9464598622  -0.4351834433 -0.8677826069 0.2399348198  31.8607437941  -0.7897271202 0.2399348198  -0.5645904338 49.4548608850 
23 'crystal symmetry operation' 23_555 -z,y,x       0.2037453445  0.8305705522  0.5183053080  -49.6539200289 -0.9381158794 0.0141917321  0.3460306222  0.6623111975   0.2800471949  -0.5567325682 0.7820629234  25.4332998045 
24 'crystal symmetry operation' 24_575 -z,-y+2,-x   -0.8398637297 0.5427287705  -0.0086253828 -31.8735482277 0.5427287705  0.8393991427  -0.0292328738 10.7034618978  -0.0086253828 -0.0292328738 -0.9995354130 81.7315126302    
# 
loop_
_struct_conf.conf_type_id 
_struct_conf.id 
_struct_conf.pdbx_PDB_helix_id 
_struct_conf.beg_label_comp_id 
_struct_conf.beg_label_asym_id 
_struct_conf.beg_label_seq_id 
_struct_conf.pdbx_beg_PDB_ins_code 
_struct_conf.end_label_comp_id 
_struct_conf.end_label_asym_id 
_struct_conf.end_label_seq_id 
_struct_conf.pdbx_end_PDB_ins_code 
_struct_conf.beg_auth_comp_id 
_struct_conf.beg_auth_asym_id 
_struct_conf.beg_auth_seq_id 
_struct_conf.end_auth_comp_id 
_struct_conf.end_auth_asym_id 
_struct_conf.end_auth_seq_id 
_struct_conf.pdbx_PDB_helix_class 
_struct_conf.details 
_struct_conf.pdbx_PDB_helix_length 
HELX_P HELX_P1 AA1 HIS A 9   ? ASP A 38  ? HIS A 9   ASP A 38  1 ? 30 
HELX_P HELX_P2 AA2 LEU A 44  ? GLY A 73  ? LEU A 44  GLY A 73  1 ? 30 
HELX_P HELX_P3 AA3 THR A 91  ? HIS A 120 ? THR A 91  HIS A 120 1 ? 30 
HELX_P HELX_P4 AA4 ASP A 122 ? TYR A 133 ? ASP A 122 TYR A 133 1 ? 12 
HELX_P HELX_P5 AA5 TYR A 133 ? GLY A 155 ? TYR A 133 GLY A 155 1 ? 23 
HELX_P HELX_P6 AA6 GLY A 157 ? LEU A 167 ? GLY A 157 LEU A 167 1 ? 11 
# 
_struct_conf_type.id          HELX_P 
_struct_conf_type.criteria    ? 
_struct_conf_type.reference   ? 
# 
loop_
_struct_conn.id 
_struct_conn.conn_type_id 
_struct_conn.pdbx_leaving_atom_flag 
_struct_conn.pdbx_PDB_id 
_struct_conn.ptnr1_label_asym_id 
_struct_conn.ptnr1_label_comp_id 
_struct_conn.ptnr1_label_seq_id 
_struct_conn.ptnr1_label_atom_id 
_struct_conn.pdbx_ptnr1_label_alt_id 
_struct_conn.pdbx_ptnr1_PDB_ins_code 
_struct_conn.pdbx_ptnr1_standard_comp_id 
_struct_conn.ptnr1_symmetry 
_struct_conn.ptnr2_label_asym_id 
_struct_conn.ptnr2_label_comp_id 
_struct_conn.ptnr2_label_seq_id 
_struct_conn.ptnr2_label_atom_id 
_struct_conn.pdbx_ptnr2_label_alt_id 
_struct_conn.pdbx_ptnr2_PDB_ins_code 
_struct_conn.ptnr1_auth_asym_id 
_struct_conn.ptnr1_auth_comp_id 
_struct_conn.ptnr1_auth_seq_id 
_struct_conn.ptnr2_auth_asym_id 
_struct_conn.ptnr2_auth_comp_id 
_struct_conn.ptnr2_auth_seq_id 
_struct_conn.ptnr2_symmetry 
_struct_conn.pdbx_ptnr3_label_atom_id 
_struct_conn.pdbx_ptnr3_label_seq_id 
_struct_conn.pdbx_ptnr3_label_comp_id 
_struct_conn.pdbx_ptnr3_label_asym_id 
_struct_conn.pdbx_ptnr3_label_alt_id 
_struct_conn.pdbx_ptnr3_PDB_ins_code 
_struct_conn.details 
_struct_conn.pdbx_dist_value 
_struct_conn.pdbx_value_order 
_struct_conn.pdbx_role 
metalc1 metalc ? ? A ASP 122 OD2 ? ? ? 1_555 D AG  . AG ? ? A ASP 122 A AG  203 1_555  ? ? ? ? ? ? ? 2.685 ? ? 
metalc2 metalc ? ? A GLU 130 OE1 ? ? ? 1_555 H AG  . AG ? ? A GLU 130 A AG  207 1_555  ? ? ? ? ? ? ? 2.670 ? ? 
metalc3 metalc ? ? A GLU 130 OE1 ? ? ? 1_555 H AG  . AG ? ? A GLU 130 A AG  207 6_566  ? ? ? ? ? ? ? 2.670 ? ? 
metalc4 metalc ? ? D AG  .   AG  ? ? ? 1_555 I HOH . O  ? ? A AG  203 A HOH 399 1_555  ? ? ? ? ? ? ? 2.656 ? ? 
metalc5 metalc ? ? E AG  .   AG  ? ? ? 1_555 I HOH . O  ? ? A AG  204 A HOH 467 1_555  ? ? ? ? ? ? ? 2.678 ? ? 
metalc6 metalc ? ? H AG  .   AG  ? ? ? 1_555 I HOH . O  ? ? A AG  207 A HOH 331 1_555  ? ? ? ? ? ? ? 2.272 ? ? 
metalc7 metalc ? ? H AG  .   AG  ? ? ? 1_555 I HOH . O  ? ? A AG  207 A HOH 331 12_665 ? ? ? ? ? ? ? 2.272 ? ? 
# 
_struct_conn_type.id          metalc 
_struct_conn_type.criteria    ? 
_struct_conn_type.reference   ? 
# 
loop_
_pdbx_struct_conn_angle.id 
_pdbx_struct_conn_angle.ptnr1_label_atom_id 
_pdbx_struct_conn_angle.ptnr1_label_alt_id 
_pdbx_struct_conn_angle.ptnr1_label_asym_id 
_pdbx_struct_conn_angle.ptnr1_label_comp_id 
_pdbx_struct_conn_angle.ptnr1_label_seq_id 
_pdbx_struct_conn_angle.ptnr1_auth_atom_id 
_pdbx_struct_conn_angle.ptnr1_auth_asym_id 
_pdbx_struct_conn_angle.ptnr1_auth_comp_id 
_pdbx_struct_conn_angle.ptnr1_auth_seq_id 
_pdbx_struct_conn_angle.ptnr1_PDB_ins_code 
_pdbx_struct_conn_angle.ptnr1_symmetry 
_pdbx_struct_conn_angle.ptnr2_label_atom_id 
_pdbx_struct_conn_angle.ptnr2_label_alt_id 
_pdbx_struct_conn_angle.ptnr2_label_asym_id 
_pdbx_struct_conn_angle.ptnr2_label_comp_id 
_pdbx_struct_conn_angle.ptnr2_label_seq_id 
_pdbx_struct_conn_angle.ptnr2_auth_atom_id 
_pdbx_struct_conn_angle.ptnr2_auth_asym_id 
_pdbx_struct_conn_angle.ptnr2_auth_comp_id 
_pdbx_struct_conn_angle.ptnr2_auth_seq_id 
_pdbx_struct_conn_angle.ptnr2_PDB_ins_code 
_pdbx_struct_conn_angle.ptnr2_symmetry 
_pdbx_struct_conn_angle.ptnr3_label_atom_id 
_pdbx_struct_conn_angle.ptnr3_label_alt_id 
_pdbx_struct_conn_angle.ptnr3_label_asym_id 
_pdbx_struct_conn_angle.ptnr3_label_comp_id 
_pdbx_struct_conn_angle.ptnr3_label_seq_id 
_pdbx_struct_conn_angle.ptnr3_auth_atom_id 
_pdbx_struct_conn_angle.ptnr3_auth_asym_id 
_pdbx_struct_conn_angle.ptnr3_auth_comp_id 
_pdbx_struct_conn_angle.ptnr3_auth_seq_id 
_pdbx_struct_conn_angle.ptnr3_PDB_ins_code 
_pdbx_struct_conn_angle.ptnr3_symmetry 
_pdbx_struct_conn_angle.value 
_pdbx_struct_conn_angle.value_esd 
1 OD2 ? A ASP 122 ? A ASP 122 ? 1_555 AG ? D AG . ? A AG 203 ? 1_555 O   ? I HOH .   ? A HOH 399 ? 1_555  103.8 ? 
2 OE1 ? A GLU 130 ? A GLU 130 ? 1_555 AG ? H AG . ? A AG 207 ? 1_555 OE1 ? A GLU 130 ? A GLU 130 ? 1_555  0.0   ? 
3 OE1 ? A GLU 130 ? A GLU 130 ? 1_555 AG ? H AG . ? A AG 207 ? 1_555 O   ? I HOH .   ? A HOH 331 ? 1_555  70.3  ? 
4 OE1 ? A GLU 130 ? A GLU 130 ? 1_555 AG ? H AG . ? A AG 207 ? 1_555 O   ? I HOH .   ? A HOH 331 ? 1_555  70.3  ? 
5 OE1 ? A GLU 130 ? A GLU 130 ? 1_555 AG ? H AG . ? A AG 207 ? 1_555 O   ? I HOH .   ? A HOH 331 ? 12_665 167.9 ? 
6 OE1 ? A GLU 130 ? A GLU 130 ? 1_555 AG ? H AG . ? A AG 207 ? 1_555 O   ? I HOH .   ? A HOH 331 ? 12_665 167.9 ? 
7 O   ? I HOH .   ? A HOH 331 ? 1_555 AG ? H AG . ? A AG 207 ? 1_555 O   ? I HOH .   ? A HOH 331 ? 12_665 97.7  ? 
# 
loop_
_pdbx_validate_close_contact.id 
_pdbx_validate_close_contact.PDB_model_num 
_pdbx_validate_close_contact.auth_atom_id_1 
_pdbx_validate_close_contact.auth_asym_id_1 
_pdbx_validate_close_contact.auth_comp_id_1 
_pdbx_validate_close_contact.auth_seq_id_1 
_pdbx_validate_close_contact.PDB_ins_code_1 
_pdbx_validate_close_contact.label_alt_id_1 
_pdbx_validate_close_contact.auth_atom_id_2 
_pdbx_validate_close_contact.auth_asym_id_2 
_pdbx_validate_close_contact.auth_comp_id_2 
_pdbx_validate_close_contact.auth_seq_id_2 
_pdbx_validate_close_contact.PDB_ins_code_2 
_pdbx_validate_close_contact.label_alt_id_2 
_pdbx_validate_close_contact.dist 
1 1 OE2 A GLU 58  ? ? O A HOH 301 ? ? 2.07 
2 1 O   A HOH 348 ? ? O A HOH 438 ? ? 2.15 
3 1 OE1 A GLU 49  ? ? O A HOH 302 ? ? 2.19 
# 
loop_
_pdbx_validate_symm_contact.id 
_pdbx_validate_symm_contact.PDB_model_num 
_pdbx_validate_symm_contact.auth_atom_id_1 
_pdbx_validate_symm_contact.auth_asym_id_1 
_pdbx_validate_symm_contact.auth_comp_id_1 
_pdbx_validate_symm_contact.auth_seq_id_1 
_pdbx_validate_symm_contact.PDB_ins_code_1 
_pdbx_validate_symm_contact.label_alt_id_1 
_pdbx_validate_symm_contact.site_symmetry_1 
_pdbx_validate_symm_contact.auth_atom_id_2 
_pdbx_validate_symm_contact.auth_asym_id_2 
_pdbx_validate_symm_contact.auth_comp_id_2 
_pdbx_validate_symm_contact.auth_seq_id_2 
_pdbx_validate_symm_contact.PDB_ins_code_2 
_pdbx_validate_symm_contact.label_alt_id_2 
_pdbx_validate_symm_contact.site_symmetry_2 
_pdbx_validate_symm_contact.dist 
1 1 O3 A GOL 202 ? ? 1_555 O3 A GOL 202 ? ? 19_566 1.29 
2 1 O  A HOH 445 ? ? 1_555 O  A HOH 445 ? ? 42_554 1.90 
3 1 C3 A GOL 202 ? ? 1_555 O3 A GOL 202 ? ? 19_566 2.13 
# 
loop_
_pdbx_validate_rmsd_angle.id 
_pdbx_validate_rmsd_angle.PDB_model_num 
_pdbx_validate_rmsd_angle.auth_atom_id_1 
_pdbx_validate_rmsd_angle.auth_asym_id_1 
_pdbx_validate_rmsd_angle.auth_comp_id_1 
_pdbx_validate_rmsd_angle.auth_seq_id_1 
_pdbx_validate_rmsd_angle.PDB_ins_code_1 
_pdbx_validate_rmsd_angle.label_alt_id_1 
_pdbx_validate_rmsd_angle.auth_atom_id_2 
_pdbx_validate_rmsd_angle.auth_asym_id_2 
_pdbx_validate_rmsd_angle.auth_comp_id_2 
_pdbx_validate_rmsd_angle.auth_seq_id_2 
_pdbx_validate_rmsd_angle.PDB_ins_code_2 
_pdbx_validate_rmsd_angle.label_alt_id_2 
_pdbx_validate_rmsd_angle.auth_atom_id_3 
_pdbx_validate_rmsd_angle.auth_asym_id_3 
_pdbx_validate_rmsd_angle.auth_comp_id_3 
_pdbx_validate_rmsd_angle.auth_seq_id_3 
_pdbx_validate_rmsd_angle.PDB_ins_code_3 
_pdbx_validate_rmsd_angle.label_alt_id_3 
_pdbx_validate_rmsd_angle.angle_value 
_pdbx_validate_rmsd_angle.angle_target_value 
_pdbx_validate_rmsd_angle.angle_deviation 
_pdbx_validate_rmsd_angle.angle_standard_deviation 
_pdbx_validate_rmsd_angle.linker_flag 
1 1 NE A ARG 72 ? ? CZ A ARG 72 ? ? NH2 A ARG 72 ? ? 116.30 120.30 -4.00 0.50 N 
2 1 CB A ASP 80 ? ? CG A ASP 80 ? ? OD1 A ASP 80 ? ? 125.40 118.30 7.10  0.90 N 
3 1 CB A ASP 80 ? ? CG A ASP 80 ? ? OD2 A ASP 80 ? ? 112.82 118.30 -5.48 0.90 N 
# 
loop_
_pdbx_validate_torsion.id 
_pdbx_validate_torsion.PDB_model_num 
_pdbx_validate_torsion.auth_comp_id 
_pdbx_validate_torsion.auth_asym_id 
_pdbx_validate_torsion.auth_seq_id 
_pdbx_validate_torsion.PDB_ins_code 
_pdbx_validate_torsion.label_alt_id 
_pdbx_validate_torsion.phi 
_pdbx_validate_torsion.psi 
1 1 VAL A 42  ? ? -120.04 -59.80 
2 1 ASP A 122 ? ? -113.50 79.81  
3 1 ASN A 168 ? ? 80.09   -75.09 
# 
loop_
_pdbx_struct_special_symmetry.id 
_pdbx_struct_special_symmetry.PDB_model_num 
_pdbx_struct_special_symmetry.auth_asym_id 
_pdbx_struct_special_symmetry.auth_comp_id 
_pdbx_struct_special_symmetry.auth_seq_id 
_pdbx_struct_special_symmetry.PDB_ins_code 
_pdbx_struct_special_symmetry.label_asym_id 
_pdbx_struct_special_symmetry.label_comp_id 
_pdbx_struct_special_symmetry.label_seq_id 
1 1 A AG  206 ? G AG  . 
2 1 A AG  207 ? H AG  . 
3 1 A HOH 470 ? I HOH . 
# 
_pdbx_entry_details.entry_id                 8GY1 
_pdbx_entry_details.has_ligand_of_interest   N 
_pdbx_entry_details.compound_details         ? 
_pdbx_entry_details.source_details           ? 
_pdbx_entry_details.nonpolymer_details       ? 
_pdbx_entry_details.sequence_details         ? 
# 
loop_
_chem_comp_atom.comp_id 
_chem_comp_atom.atom_id 
_chem_comp_atom.type_symbol 
_chem_comp_atom.pdbx_aromatic_flag 
_chem_comp_atom.pdbx_stereo_config 
_chem_comp_atom.pdbx_ordinal 
AG  AG   AG N N 1   
ALA N    N  N N 2   
ALA CA   C  N S 3   
ALA C    C  N N 4   
ALA O    O  N N 5   
ALA CB   C  N N 6   
ALA OXT  O  N N 7   
ALA H    H  N N 8   
ALA H2   H  N N 9   
ALA HA   H  N N 10  
ALA HB1  H  N N 11  
ALA HB2  H  N N 12  
ALA HB3  H  N N 13  
ALA HXT  H  N N 14  
ARG N    N  N N 15  
ARG CA   C  N S 16  
ARG C    C  N N 17  
ARG O    O  N N 18  
ARG CB   C  N N 19  
ARG CG   C  N N 20  
ARG CD   C  N N 21  
ARG NE   N  N N 22  
ARG CZ   C  N N 23  
ARG NH1  N  N N 24  
ARG NH2  N  N N 25  
ARG OXT  O  N N 26  
ARG H    H  N N 27  
ARG H2   H  N N 28  
ARG HA   H  N N 29  
ARG HB2  H  N N 30  
ARG HB3  H  N N 31  
ARG HG2  H  N N 32  
ARG HG3  H  N N 33  
ARG HD2  H  N N 34  
ARG HD3  H  N N 35  
ARG HE   H  N N 36  
ARG HH11 H  N N 37  
ARG HH12 H  N N 38  
ARG HH21 H  N N 39  
ARG HH22 H  N N 40  
ARG HXT  H  N N 41  
ASN N    N  N N 42  
ASN CA   C  N S 43  
ASN C    C  N N 44  
ASN O    O  N N 45  
ASN CB   C  N N 46  
ASN CG   C  N N 47  
ASN OD1  O  N N 48  
ASN ND2  N  N N 49  
ASN OXT  O  N N 50  
ASN H    H  N N 51  
ASN H2   H  N N 52  
ASN HA   H  N N 53  
ASN HB2  H  N N 54  
ASN HB3  H  N N 55  
ASN HD21 H  N N 56  
ASN HD22 H  N N 57  
ASN HXT  H  N N 58  
ASP N    N  N N 59  
ASP CA   C  N S 60  
ASP C    C  N N 61  
ASP O    O  N N 62  
ASP CB   C  N N 63  
ASP CG   C  N N 64  
ASP OD1  O  N N 65  
ASP OD2  O  N N 66  
ASP OXT  O  N N 67  
ASP H    H  N N 68  
ASP H2   H  N N 69  
ASP HA   H  N N 70  
ASP HB2  H  N N 71  
ASP HB3  H  N N 72  
ASP HD2  H  N N 73  
ASP HXT  H  N N 74  
CYS N    N  N N 75  
CYS CA   C  N R 76  
CYS C    C  N N 77  
CYS O    O  N N 78  
CYS CB   C  N N 79  
CYS SG   S  N N 80  
CYS OXT  O  N N 81  
CYS H    H  N N 82  
CYS H2   H  N N 83  
CYS HA   H  N N 84  
CYS HB2  H  N N 85  
CYS HB3  H  N N 86  
CYS HG   H  N N 87  
CYS HXT  H  N N 88  
GLN N    N  N N 89  
GLN CA   C  N S 90  
GLN C    C  N N 91  
GLN O    O  N N 92  
GLN CB   C  N N 93  
GLN CG   C  N N 94  
GLN CD   C  N N 95  
GLN OE1  O  N N 96  
GLN NE2  N  N N 97  
GLN OXT  O  N N 98  
GLN H    H  N N 99  
GLN H2   H  N N 100 
GLN HA   H  N N 101 
GLN HB2  H  N N 102 
GLN HB3  H  N N 103 
GLN HG2  H  N N 104 
GLN HG3  H  N N 105 
GLN HE21 H  N N 106 
GLN HE22 H  N N 107 
GLN HXT  H  N N 108 
GLU N    N  N N 109 
GLU CA   C  N S 110 
GLU C    C  N N 111 
GLU O    O  N N 112 
GLU CB   C  N N 113 
GLU CG   C  N N 114 
GLU CD   C  N N 115 
GLU OE1  O  N N 116 
GLU OE2  O  N N 117 
GLU OXT  O  N N 118 
GLU H    H  N N 119 
GLU H2   H  N N 120 
GLU HA   H  N N 121 
GLU HB2  H  N N 122 
GLU HB3  H  N N 123 
GLU HG2  H  N N 124 
GLU HG3  H  N N 125 
GLU HE2  H  N N 126 
GLU HXT  H  N N 127 
GLY N    N  N N 128 
GLY CA   C  N N 129 
GLY C    C  N N 130 
GLY O    O  N N 131 
GLY OXT  O  N N 132 
GLY H    H  N N 133 
GLY H2   H  N N 134 
GLY HA2  H  N N 135 
GLY HA3  H  N N 136 
GLY HXT  H  N N 137 
GOL C1   C  N N 138 
GOL O1   O  N N 139 
GOL C2   C  N N 140 
GOL O2   O  N N 141 
GOL C3   C  N N 142 
GOL O3   O  N N 143 
GOL H11  H  N N 144 
GOL H12  H  N N 145 
GOL HO1  H  N N 146 
GOL H2   H  N N 147 
GOL HO2  H  N N 148 
GOL H31  H  N N 149 
GOL H32  H  N N 150 
GOL HO3  H  N N 151 
HIS N    N  N N 152 
HIS CA   C  N S 153 
HIS C    C  N N 154 
HIS O    O  N N 155 
HIS CB   C  N N 156 
HIS CG   C  Y N 157 
HIS ND1  N  Y N 158 
HIS CD2  C  Y N 159 
HIS CE1  C  Y N 160 
HIS NE2  N  Y N 161 
HIS OXT  O  N N 162 
HIS H    H  N N 163 
HIS H2   H  N N 164 
HIS HA   H  N N 165 
HIS HB2  H  N N 166 
HIS HB3  H  N N 167 
HIS HD1  H  N N 168 
HIS HD2  H  N N 169 
HIS HE1  H  N N 170 
HIS HE2  H  N N 171 
HIS HXT  H  N N 172 
HOH O    O  N N 173 
HOH H1   H  N N 174 
HOH H2   H  N N 175 
ILE N    N  N N 176 
ILE CA   C  N S 177 
ILE C    C  N N 178 
ILE O    O  N N 179 
ILE CB   C  N S 180 
ILE CG1  C  N N 181 
ILE CG2  C  N N 182 
ILE CD1  C  N N 183 
ILE OXT  O  N N 184 
ILE H    H  N N 185 
ILE H2   H  N N 186 
ILE HA   H  N N 187 
ILE HB   H  N N 188 
ILE HG12 H  N N 189 
ILE HG13 H  N N 190 
ILE HG21 H  N N 191 
ILE HG22 H  N N 192 
ILE HG23 H  N N 193 
ILE HD11 H  N N 194 
ILE HD12 H  N N 195 
ILE HD13 H  N N 196 
ILE HXT  H  N N 197 
LEU N    N  N N 198 
LEU CA   C  N S 199 
LEU C    C  N N 200 
LEU O    O  N N 201 
LEU CB   C  N N 202 
LEU CG   C  N N 203 
LEU CD1  C  N N 204 
LEU CD2  C  N N 205 
LEU OXT  O  N N 206 
LEU H    H  N N 207 
LEU H2   H  N N 208 
LEU HA   H  N N 209 
LEU HB2  H  N N 210 
LEU HB3  H  N N 211 
LEU HG   H  N N 212 
LEU HD11 H  N N 213 
LEU HD12 H  N N 214 
LEU HD13 H  N N 215 
LEU HD21 H  N N 216 
LEU HD22 H  N N 217 
LEU HD23 H  N N 218 
LEU HXT  H  N N 219 
LYS N    N  N N 220 
LYS CA   C  N S 221 
LYS C    C  N N 222 
LYS O    O  N N 223 
LYS CB   C  N N 224 
LYS CG   C  N N 225 
LYS CD   C  N N 226 
LYS CE   C  N N 227 
LYS NZ   N  N N 228 
LYS OXT  O  N N 229 
LYS H    H  N N 230 
LYS H2   H  N N 231 
LYS HA   H  N N 232 
LYS HB2  H  N N 233 
LYS HB3  H  N N 234 
LYS HG2  H  N N 235 
LYS HG3  H  N N 236 
LYS HD2  H  N N 237 
LYS HD3  H  N N 238 
LYS HE2  H  N N 239 
LYS HE3  H  N N 240 
LYS HZ1  H  N N 241 
LYS HZ2  H  N N 242 
LYS HZ3  H  N N 243 
LYS HXT  H  N N 244 
MET N    N  N N 245 
MET CA   C  N S 246 
MET C    C  N N 247 
MET O    O  N N 248 
MET CB   C  N N 249 
MET CG   C  N N 250 
MET SD   S  N N 251 
MET CE   C  N N 252 
MET OXT  O  N N 253 
MET H    H  N N 254 
MET H2   H  N N 255 
MET HA   H  N N 256 
MET HB2  H  N N 257 
MET HB3  H  N N 258 
MET HG2  H  N N 259 
MET HG3  H  N N 260 
MET HE1  H  N N 261 
MET HE2  H  N N 262 
MET HE3  H  N N 263 
MET HXT  H  N N 264 
PHE N    N  N N 265 
PHE CA   C  N S 266 
PHE C    C  N N 267 
PHE O    O  N N 268 
PHE CB   C  N N 269 
PHE CG   C  Y N 270 
PHE CD1  C  Y N 271 
PHE CD2  C  Y N 272 
PHE CE1  C  Y N 273 
PHE CE2  C  Y N 274 
PHE CZ   C  Y N 275 
PHE OXT  O  N N 276 
PHE H    H  N N 277 
PHE H2   H  N N 278 
PHE HA   H  N N 279 
PHE HB2  H  N N 280 
PHE HB3  H  N N 281 
PHE HD1  H  N N 282 
PHE HD2  H  N N 283 
PHE HE1  H  N N 284 
PHE HE2  H  N N 285 
PHE HZ   H  N N 286 
PHE HXT  H  N N 287 
PRO N    N  N N 288 
PRO CA   C  N S 289 
PRO C    C  N N 290 
PRO O    O  N N 291 
PRO CB   C  N N 292 
PRO CG   C  N N 293 
PRO CD   C  N N 294 
PRO OXT  O  N N 295 
PRO H    H  N N 296 
PRO HA   H  N N 297 
PRO HB2  H  N N 298 
PRO HB3  H  N N 299 
PRO HG2  H  N N 300 
PRO HG3  H  N N 301 
PRO HD2  H  N N 302 
PRO HD3  H  N N 303 
PRO HXT  H  N N 304 
SER N    N  N N 305 
SER CA   C  N S 306 
SER C    C  N N 307 
SER O    O  N N 308 
SER CB   C  N N 309 
SER OG   O  N N 310 
SER OXT  O  N N 311 
SER H    H  N N 312 
SER H2   H  N N 313 
SER HA   H  N N 314 
SER HB2  H  N N 315 
SER HB3  H  N N 316 
SER HG   H  N N 317 
SER HXT  H  N N 318 
THR N    N  N N 319 
THR CA   C  N S 320 
THR C    C  N N 321 
THR O    O  N N 322 
THR CB   C  N R 323 
THR OG1  O  N N 324 
THR CG2  C  N N 325 
THR OXT  O  N N 326 
THR H    H  N N 327 
THR H2   H  N N 328 
THR HA   H  N N 329 
THR HB   H  N N 330 
THR HG1  H  N N 331 
THR HG21 H  N N 332 
THR HG22 H  N N 333 
THR HG23 H  N N 334 
THR HXT  H  N N 335 
TRP N    N  N N 336 
TRP CA   C  N S 337 
TRP C    C  N N 338 
TRP O    O  N N 339 
TRP CB   C  N N 340 
TRP CG   C  Y N 341 
TRP CD1  C  Y N 342 
TRP CD2  C  Y N 343 
TRP NE1  N  Y N 344 
TRP CE2  C  Y N 345 
TRP CE3  C  Y N 346 
TRP CZ2  C  Y N 347 
TRP CZ3  C  Y N 348 
TRP CH2  C  Y N 349 
TRP OXT  O  N N 350 
TRP H    H  N N 351 
TRP H2   H  N N 352 
TRP HA   H  N N 353 
TRP HB2  H  N N 354 
TRP HB3  H  N N 355 
TRP HD1  H  N N 356 
TRP HE1  H  N N 357 
TRP HE3  H  N N 358 
TRP HZ2  H  N N 359 
TRP HZ3  H  N N 360 
TRP HH2  H  N N 361 
TRP HXT  H  N N 362 
TYR N    N  N N 363 
TYR CA   C  N S 364 
TYR C    C  N N 365 
TYR O    O  N N 366 
TYR CB   C  N N 367 
TYR CG   C  Y N 368 
TYR CD1  C  Y N 369 
TYR CD2  C  Y N 370 
TYR CE1  C  Y N 371 
TYR CE2  C  Y N 372 
TYR CZ   C  Y N 373 
TYR OH   O  N N 374 
TYR OXT  O  N N 375 
TYR H    H  N N 376 
TYR H2   H  N N 377 
TYR HA   H  N N 378 
TYR HB2  H  N N 379 
TYR HB3  H  N N 380 
TYR HD1  H  N N 381 
TYR HD2  H  N N 382 
TYR HE1  H  N N 383 
TYR HE2  H  N N 384 
TYR HH   H  N N 385 
TYR HXT  H  N N 386 
VAL N    N  N N 387 
VAL CA   C  N S 388 
VAL C    C  N N 389 
VAL O    O  N N 390 
VAL CB   C  N N 391 
VAL CG1  C  N N 392 
VAL CG2  C  N N 393 
VAL OXT  O  N N 394 
VAL H    H  N N 395 
VAL H2   H  N N 396 
VAL HA   H  N N 397 
VAL HB   H  N N 398 
VAL HG11 H  N N 399 
VAL HG12 H  N N 400 
VAL HG13 H  N N 401 
VAL HG21 H  N N 402 
VAL HG22 H  N N 403 
VAL HG23 H  N N 404 
VAL HXT  H  N N 405 
# 
loop_
_chem_comp_bond.comp_id 
_chem_comp_bond.atom_id_1 
_chem_comp_bond.atom_id_2 
_chem_comp_bond.value_order 
_chem_comp_bond.pdbx_aromatic_flag 
_chem_comp_bond.pdbx_stereo_config 
_chem_comp_bond.pdbx_ordinal 
ALA N   CA   sing N N 1   
ALA N   H    sing N N 2   
ALA N   H2   sing N N 3   
ALA CA  C    sing N N 4   
ALA CA  CB   sing N N 5   
ALA CA  HA   sing N N 6   
ALA C   O    doub N N 7   
ALA C   OXT  sing N N 8   
ALA CB  HB1  sing N N 9   
ALA CB  HB2  sing N N 10  
ALA CB  HB3  sing N N 11  
ALA OXT HXT  sing N N 12  
ARG N   CA   sing N N 13  
ARG N   H    sing N N 14  
ARG N   H2   sing N N 15  
ARG CA  C    sing N N 16  
ARG CA  CB   sing N N 17  
ARG CA  HA   sing N N 18  
ARG C   O    doub N N 19  
ARG C   OXT  sing N N 20  
ARG CB  CG   sing N N 21  
ARG CB  HB2  sing N N 22  
ARG CB  HB3  sing N N 23  
ARG CG  CD   sing N N 24  
ARG CG  HG2  sing N N 25  
ARG CG  HG3  sing N N 26  
ARG CD  NE   sing N N 27  
ARG CD  HD2  sing N N 28  
ARG CD  HD3  sing N N 29  
ARG NE  CZ   sing N N 30  
ARG NE  HE   sing N N 31  
ARG CZ  NH1  sing N N 32  
ARG CZ  NH2  doub N N 33  
ARG NH1 HH11 sing N N 34  
ARG NH1 HH12 sing N N 35  
ARG NH2 HH21 sing N N 36  
ARG NH2 HH22 sing N N 37  
ARG OXT HXT  sing N N 38  
ASN N   CA   sing N N 39  
ASN N   H    sing N N 40  
ASN N   H2   sing N N 41  
ASN CA  C    sing N N 42  
ASN CA  CB   sing N N 43  
ASN CA  HA   sing N N 44  
ASN C   O    doub N N 45  
ASN C   OXT  sing N N 46  
ASN CB  CG   sing N N 47  
ASN CB  HB2  sing N N 48  
ASN CB  HB3  sing N N 49  
ASN CG  OD1  doub N N 50  
ASN CG  ND2  sing N N 51  
ASN ND2 HD21 sing N N 52  
ASN ND2 HD22 sing N N 53  
ASN OXT HXT  sing N N 54  
ASP N   CA   sing N N 55  
ASP N   H    sing N N 56  
ASP N   H2   sing N N 57  
ASP CA  C    sing N N 58  
ASP CA  CB   sing N N 59  
ASP CA  HA   sing N N 60  
ASP C   O    doub N N 61  
ASP C   OXT  sing N N 62  
ASP CB  CG   sing N N 63  
ASP CB  HB2  sing N N 64  
ASP CB  HB3  sing N N 65  
ASP CG  OD1  doub N N 66  
ASP CG  OD2  sing N N 67  
ASP OD2 HD2  sing N N 68  
ASP OXT HXT  sing N N 69  
CYS N   CA   sing N N 70  
CYS N   H    sing N N 71  
CYS N   H2   sing N N 72  
CYS CA  C    sing N N 73  
CYS CA  CB   sing N N 74  
CYS CA  HA   sing N N 75  
CYS C   O    doub N N 76  
CYS C   OXT  sing N N 77  
CYS CB  SG   sing N N 78  
CYS CB  HB2  sing N N 79  
CYS CB  HB3  sing N N 80  
CYS SG  HG   sing N N 81  
CYS OXT HXT  sing N N 82  
GLN N   CA   sing N N 83  
GLN N   H    sing N N 84  
GLN N   H2   sing N N 85  
GLN CA  C    sing N N 86  
GLN CA  CB   sing N N 87  
GLN CA  HA   sing N N 88  
GLN C   O    doub N N 89  
GLN C   OXT  sing N N 90  
GLN CB  CG   sing N N 91  
GLN CB  HB2  sing N N 92  
GLN CB  HB3  sing N N 93  
GLN CG  CD   sing N N 94  
GLN CG  HG2  sing N N 95  
GLN CG  HG3  sing N N 96  
GLN CD  OE1  doub N N 97  
GLN CD  NE2  sing N N 98  
GLN NE2 HE21 sing N N 99  
GLN NE2 HE22 sing N N 100 
GLN OXT HXT  sing N N 101 
GLU N   CA   sing N N 102 
GLU N   H    sing N N 103 
GLU N   H2   sing N N 104 
GLU CA  C    sing N N 105 
GLU CA  CB   sing N N 106 
GLU CA  HA   sing N N 107 
GLU C   O    doub N N 108 
GLU C   OXT  sing N N 109 
GLU CB  CG   sing N N 110 
GLU CB  HB2  sing N N 111 
GLU CB  HB3  sing N N 112 
GLU CG  CD   sing N N 113 
GLU CG  HG2  sing N N 114 
GLU CG  HG3  sing N N 115 
GLU CD  OE1  doub N N 116 
GLU CD  OE2  sing N N 117 
GLU OE2 HE2  sing N N 118 
GLU OXT HXT  sing N N 119 
GLY N   CA   sing N N 120 
GLY N   H    sing N N 121 
GLY N   H2   sing N N 122 
GLY CA  C    sing N N 123 
GLY CA  HA2  sing N N 124 
GLY CA  HA3  sing N N 125 
GLY C   O    doub N N 126 
GLY C   OXT  sing N N 127 
GLY OXT HXT  sing N N 128 
GOL C1  O1   sing N N 129 
GOL C1  C2   sing N N 130 
GOL C1  H11  sing N N 131 
GOL C1  H12  sing N N 132 
GOL O1  HO1  sing N N 133 
GOL C2  O2   sing N N 134 
GOL C2  C3   sing N N 135 
GOL C2  H2   sing N N 136 
GOL O2  HO2  sing N N 137 
GOL C3  O3   sing N N 138 
GOL C3  H31  sing N N 139 
GOL C3  H32  sing N N 140 
GOL O3  HO3  sing N N 141 
HIS N   CA   sing N N 142 
HIS N   H    sing N N 143 
HIS N   H2   sing N N 144 
HIS CA  C    sing N N 145 
HIS CA  CB   sing N N 146 
HIS CA  HA   sing N N 147 
HIS C   O    doub N N 148 
HIS C   OXT  sing N N 149 
HIS CB  CG   sing N N 150 
HIS CB  HB2  sing N N 151 
HIS CB  HB3  sing N N 152 
HIS CG  ND1  sing Y N 153 
HIS CG  CD2  doub Y N 154 
HIS ND1 CE1  doub Y N 155 
HIS ND1 HD1  sing N N 156 
HIS CD2 NE2  sing Y N 157 
HIS CD2 HD2  sing N N 158 
HIS CE1 NE2  sing Y N 159 
HIS CE1 HE1  sing N N 160 
HIS NE2 HE2  sing N N 161 
HIS OXT HXT  sing N N 162 
HOH O   H1   sing N N 163 
HOH O   H2   sing N N 164 
ILE N   CA   sing N N 165 
ILE N   H    sing N N 166 
ILE N   H2   sing N N 167 
ILE CA  C    sing N N 168 
ILE CA  CB   sing N N 169 
ILE CA  HA   sing N N 170 
ILE C   O    doub N N 171 
ILE C   OXT  sing N N 172 
ILE CB  CG1  sing N N 173 
ILE CB  CG2  sing N N 174 
ILE CB  HB   sing N N 175 
ILE CG1 CD1  sing N N 176 
ILE CG1 HG12 sing N N 177 
ILE CG1 HG13 sing N N 178 
ILE CG2 HG21 sing N N 179 
ILE CG2 HG22 sing N N 180 
ILE CG2 HG23 sing N N 181 
ILE CD1 HD11 sing N N 182 
ILE CD1 HD12 sing N N 183 
ILE CD1 HD13 sing N N 184 
ILE OXT HXT  sing N N 185 
LEU N   CA   sing N N 186 
LEU N   H    sing N N 187 
LEU N   H2   sing N N 188 
LEU CA  C    sing N N 189 
LEU CA  CB   sing N N 190 
LEU CA  HA   sing N N 191 
LEU C   O    doub N N 192 
LEU C   OXT  sing N N 193 
LEU CB  CG   sing N N 194 
LEU CB  HB2  sing N N 195 
LEU CB  HB3  sing N N 196 
LEU CG  CD1  sing N N 197 
LEU CG  CD2  sing N N 198 
LEU CG  HG   sing N N 199 
LEU CD1 HD11 sing N N 200 
LEU CD1 HD12 sing N N 201 
LEU CD1 HD13 sing N N 202 
LEU CD2 HD21 sing N N 203 
LEU CD2 HD22 sing N N 204 
LEU CD2 HD23 sing N N 205 
LEU OXT HXT  sing N N 206 
LYS N   CA   sing N N 207 
LYS N   H    sing N N 208 
LYS N   H2   sing N N 209 
LYS CA  C    sing N N 210 
LYS CA  CB   sing N N 211 
LYS CA  HA   sing N N 212 
LYS C   O    doub N N 213 
LYS C   OXT  sing N N 214 
LYS CB  CG   sing N N 215 
LYS CB  HB2  sing N N 216 
LYS CB  HB3  sing N N 217 
LYS CG  CD   sing N N 218 
LYS CG  HG2  sing N N 219 
LYS CG  HG3  sing N N 220 
LYS CD  CE   sing N N 221 
LYS CD  HD2  sing N N 222 
LYS CD  HD3  sing N N 223 
LYS CE  NZ   sing N N 224 
LYS CE  HE2  sing N N 225 
LYS CE  HE3  sing N N 226 
LYS NZ  HZ1  sing N N 227 
LYS NZ  HZ2  sing N N 228 
LYS NZ  HZ3  sing N N 229 
LYS OXT HXT  sing N N 230 
MET N   CA   sing N N 231 
MET N   H    sing N N 232 
MET N   H2   sing N N 233 
MET CA  C    sing N N 234 
MET CA  CB   sing N N 235 
MET CA  HA   sing N N 236 
MET C   O    doub N N 237 
MET C   OXT  sing N N 238 
MET CB  CG   sing N N 239 
MET CB  HB2  sing N N 240 
MET CB  HB3  sing N N 241 
MET CG  SD   sing N N 242 
MET CG  HG2  sing N N 243 
MET CG  HG3  sing N N 244 
MET SD  CE   sing N N 245 
MET CE  HE1  sing N N 246 
MET CE  HE2  sing N N 247 
MET CE  HE3  sing N N 248 
MET OXT HXT  sing N N 249 
PHE N   CA   sing N N 250 
PHE N   H    sing N N 251 
PHE N   H2   sing N N 252 
PHE CA  C    sing N N 253 
PHE CA  CB   sing N N 254 
PHE CA  HA   sing N N 255 
PHE C   O    doub N N 256 
PHE C   OXT  sing N N 257 
PHE CB  CG   sing N N 258 
PHE CB  HB2  sing N N 259 
PHE CB  HB3  sing N N 260 
PHE CG  CD1  doub Y N 261 
PHE CG  CD2  sing Y N 262 
PHE CD1 CE1  sing Y N 263 
PHE CD1 HD1  sing N N 264 
PHE CD2 CE2  doub Y N 265 
PHE CD2 HD2  sing N N 266 
PHE CE1 CZ   doub Y N 267 
PHE CE1 HE1  sing N N 268 
PHE CE2 CZ   sing Y N 269 
PHE CE2 HE2  sing N N 270 
PHE CZ  HZ   sing N N 271 
PHE OXT HXT  sing N N 272 
PRO N   CA   sing N N 273 
PRO N   CD   sing N N 274 
PRO N   H    sing N N 275 
PRO CA  C    sing N N 276 
PRO CA  CB   sing N N 277 
PRO CA  HA   sing N N 278 
PRO C   O    doub N N 279 
PRO C   OXT  sing N N 280 
PRO CB  CG   sing N N 281 
PRO CB  HB2  sing N N 282 
PRO CB  HB3  sing N N 283 
PRO CG  CD   sing N N 284 
PRO CG  HG2  sing N N 285 
PRO CG  HG3  sing N N 286 
PRO CD  HD2  sing N N 287 
PRO CD  HD3  sing N N 288 
PRO OXT HXT  sing N N 289 
SER N   CA   sing N N 290 
SER N   H    sing N N 291 
SER N   H2   sing N N 292 
SER CA  C    sing N N 293 
SER CA  CB   sing N N 294 
SER CA  HA   sing N N 295 
SER C   O    doub N N 296 
SER C   OXT  sing N N 297 
SER CB  OG   sing N N 298 
SER CB  HB2  sing N N 299 
SER CB  HB3  sing N N 300 
SER OG  HG   sing N N 301 
SER OXT HXT  sing N N 302 
THR N   CA   sing N N 303 
THR N   H    sing N N 304 
THR N   H2   sing N N 305 
THR CA  C    sing N N 306 
THR CA  CB   sing N N 307 
THR CA  HA   sing N N 308 
THR C   O    doub N N 309 
THR C   OXT  sing N N 310 
THR CB  OG1  sing N N 311 
THR CB  CG2  sing N N 312 
THR CB  HB   sing N N 313 
THR OG1 HG1  sing N N 314 
THR CG2 HG21 sing N N 315 
THR CG2 HG22 sing N N 316 
THR CG2 HG23 sing N N 317 
THR OXT HXT  sing N N 318 
TRP N   CA   sing N N 319 
TRP N   H    sing N N 320 
TRP N   H2   sing N N 321 
TRP CA  C    sing N N 322 
TRP CA  CB   sing N N 323 
TRP CA  HA   sing N N 324 
TRP C   O    doub N N 325 
TRP C   OXT  sing N N 326 
TRP CB  CG   sing N N 327 
TRP CB  HB2  sing N N 328 
TRP CB  HB3  sing N N 329 
TRP CG  CD1  doub Y N 330 
TRP CG  CD2  sing Y N 331 
TRP CD1 NE1  sing Y N 332 
TRP CD1 HD1  sing N N 333 
TRP CD2 CE2  doub Y N 334 
TRP CD2 CE3  sing Y N 335 
TRP NE1 CE2  sing Y N 336 
TRP NE1 HE1  sing N N 337 
TRP CE2 CZ2  sing Y N 338 
TRP CE3 CZ3  doub Y N 339 
TRP CE3 HE3  sing N N 340 
TRP CZ2 CH2  doub Y N 341 
TRP CZ2 HZ2  sing N N 342 
TRP CZ3 CH2  sing Y N 343 
TRP CZ3 HZ3  sing N N 344 
TRP CH2 HH2  sing N N 345 
TRP OXT HXT  sing N N 346 
TYR N   CA   sing N N 347 
TYR N   H    sing N N 348 
TYR N   H2   sing N N 349 
TYR CA  C    sing N N 350 
TYR CA  CB   sing N N 351 
TYR CA  HA   sing N N 352 
TYR C   O    doub N N 353 
TYR C   OXT  sing N N 354 
TYR CB  CG   sing N N 355 
TYR CB  HB2  sing N N 356 
TYR CB  HB3  sing N N 357 
TYR CG  CD1  doub Y N 358 
TYR CG  CD2  sing Y N 359 
TYR CD1 CE1  sing Y N 360 
TYR CD1 HD1  sing N N 361 
TYR CD2 CE2  doub Y N 362 
TYR CD2 HD2  sing N N 363 
TYR CE1 CZ   doub Y N 364 
TYR CE1 HE1  sing N N 365 
TYR CE2 CZ   sing Y N 366 
TYR CE2 HE2  sing N N 367 
TYR CZ  OH   sing N N 368 
TYR OH  HH   sing N N 369 
TYR OXT HXT  sing N N 370 
VAL N   CA   sing N N 371 
VAL N   H    sing N N 372 
VAL N   H2   sing N N 373 
VAL CA  C    sing N N 374 
VAL CA  CB   sing N N 375 
VAL CA  HA   sing N N 376 
VAL C   O    doub N N 377 
VAL C   OXT  sing N N 378 
VAL CB  CG1  sing N N 379 
VAL CB  CG2  sing N N 380 
VAL CB  HB   sing N N 381 
VAL CG1 HG11 sing N N 382 
VAL CG1 HG12 sing N N 383 
VAL CG1 HG13 sing N N 384 
VAL CG2 HG21 sing N N 385 
VAL CG2 HG22 sing N N 386 
VAL CG2 HG23 sing N N 387 
VAL OXT HXT  sing N N 388 
# 
_pdbx_audit_support.funding_organization   'National Natural Science Foundation of China (NSFC)' 
_pdbx_audit_support.country                China 
_pdbx_audit_support.grant_number           41676159 
_pdbx_audit_support.ordinal                1 
# 
_pdbx_initial_refinement_model.id               1 
_pdbx_initial_refinement_model.entity_id_list   ? 
_pdbx_initial_refinement_model.type             'experimental model' 
_pdbx_initial_refinement_model.source_name      PDB 
_pdbx_initial_refinement_model.accession_code   ? 
_pdbx_initial_refinement_model.details          ? 
# 
_atom_sites.entry_id                    8GY1 
_atom_sites.Cartn_transf_matrix[1][1]   ? 
_atom_sites.Cartn_transf_matrix[1][2]   ? 
_atom_sites.Cartn_transf_matrix[1][3]   ? 
_atom_sites.Cartn_transf_matrix[2][1]   ? 
_atom_sites.Cartn_transf_matrix[2][2]   ? 
_atom_sites.Cartn_transf_matrix[2][3]   ? 
_atom_sites.Cartn_transf_matrix[3][1]   ? 
_atom_sites.Cartn_transf_matrix[3][2]   ? 
_atom_sites.Cartn_transf_matrix[3][3]   ? 
_atom_sites.Cartn_transf_vector[1]      ? 
_atom_sites.Cartn_transf_vector[2]      ? 
_atom_sites.Cartn_transf_vector[3]      ? 
_atom_sites.fract_transf_matrix[1][1]   0.00538744 
_atom_sites.fract_transf_matrix[1][2]   0.00334863 
_atom_sites.fract_transf_matrix[1][3]   -0.00229874 
_atom_sites.fract_transf_matrix[2][1]   0.00304547 
_atom_sites.fract_transf_matrix[2][2]   -0.00080376 
_atom_sites.fract_transf_matrix[2][3]   0.00596666 
_atom_sites.fract_transf_matrix[3][1]   0.00268749 
_atom_sites.fract_transf_matrix[3][2]   -0.00580195 
_atom_sites.fract_transf_matrix[3][3]   -0.00215331 
_atom_sites.fract_transf_vector[1]      0.065851 
_atom_sites.fract_transf_vector[2]      0.808991 
_atom_sites.fract_transf_vector[3]      0.257904 
_atom_sites.solution_primary            ? 
_atom_sites.solution_secondary          ? 
_atom_sites.solution_hydrogens          ? 
_atom_sites.special_details             ? 
# 
loop_
_atom_type.symbol 
AG 
C  
CU 
FE 
N  
O  
S  
# 
loop_
_atom_site.group_PDB 
_atom_site.id 
_atom_site.type_symbol 
_atom_site.label_atom_id 
_atom_site.label_alt_id 
_atom_site.label_comp_id 
_atom_site.label_asym_id 
_atom_site.label_entity_id 
_atom_site.label_seq_id 
_atom_site.pdbx_PDB_ins_code 
_atom_site.Cartn_x 
_atom_site.Cartn_y 
_atom_site.Cartn_z 
_atom_site.occupancy 
_atom_site.B_iso_or_equiv 
_atom_site.pdbx_formal_charge 
_atom_site.auth_seq_id 
_atom_site.auth_comp_id 
_atom_site.auth_asym_id 
_atom_site.auth_atom_id 
_atom_site.pdbx_PDB_model_num 
ATOM   1    N  N   . MET A 1 1   ? -11.224 26.617  -19.719 1.00 87.85  ? 1   MET A N   1 
ATOM   2    C  CA  . MET A 1 1   ? -10.795 27.985  -19.244 1.00 84.84  ? 1   MET A CA  1 
ATOM   3    C  C   . MET A 1 1   ? -11.283 28.350  -17.806 1.00 73.12  ? 1   MET A C   1 
ATOM   4    O  O   . MET A 1 1   ? -10.712 29.244  -17.182 1.00 56.33  ? 1   MET A O   1 
ATOM   5    C  CB  . MET A 1 1   ? -11.152 29.071  -20.285 1.00 94.57  ? 1   MET A CB  1 
ATOM   6    C  CG  . MET A 1 1   ? -12.637 29.247  -20.623 1.00 103.88 ? 1   MET A CG  1 
ATOM   7    S  SD  . MET A 1 1   ? -13.398 30.654  -19.790 1.00 112.72 ? 1   MET A SD  1 
ATOM   8    C  CE  . MET A 1 1   ? -12.374 32.039  -20.336 1.00 96.34  ? 1   MET A CE  1 
ATOM   9    N  N   . SER A 1 2   ? -12.304 27.648  -17.290 1.00 58.52  ? 2   SER A N   1 
ATOM   10   C  CA  . SER A 1 2   ? -12.737 27.735  -15.894 1.00 51.51  ? 2   SER A CA  1 
ATOM   11   C  C   . SER A 1 2   ? -12.284 26.546  -15.081 1.00 49.94  ? 2   SER A C   1 
ATOM   12   O  O   . SER A 1 2   ? -12.656 26.425  -13.914 1.00 51.96  ? 2   SER A O   1 
ATOM   13   C  CB  . SER A 1 2   ? -14.247 27.862  -15.799 1.00 55.58  ? 2   SER A CB  1 
ATOM   14   O  OG  . SER A 1 2   ? -14.648 29.112  -16.363 1.00 65.30  ? 2   SER A OG  1 
ATOM   15   N  N   . LEU A 1 3   ? -11.451 25.693  -15.658 1.00 44.30  ? 3   LEU A N   1 
ATOM   16   C  CA  . LEU A 1 3   ? -11.036 24.483  -15.022 1.00 40.90  ? 3   LEU A CA  1 
ATOM   17   C  C   . LEU A 1 3   ? -9.679  24.701  -14.436 1.00 38.42  ? 3   LEU A C   1 
ATOM   18   O  O   . LEU A 1 3   ? -8.943  25.627  -14.768 1.00 32.78  ? 3   LEU A O   1 
ATOM   19   C  CB  . LEU A 1 3   ? -11.025 23.304  -16.020 1.00 47.24  ? 3   LEU A CB  1 
ATOM   20   C  CG  . LEU A 1 3   ? -12.393 22.843  -16.579 1.00 62.70  ? 3   LEU A CG  1 
ATOM   21   C  CD1 . LEU A 1 3   ? -12.238 21.487  -17.305 1.00 56.82  ? 3   LEU A CD1 1 
ATOM   22   C  CD2 . LEU A 1 3   ? -13.521 22.835  -15.523 1.00 65.24  ? 3   LEU A CD2 1 
ATOM   23   N  N   . CYS A 1 4   ? -9.315  23.790  -13.557 1.00 31.14  ? 4   CYS A N   1 
ATOM   24   C  CA  . CYS A 1 4   ? -8.141  23.986  -12.767 1.00 32.37  ? 4   CYS A CA  1 
ATOM   25   C  C   . CYS A 1 4   ? -6.889  23.345  -13.398 1.00 33.66  ? 4   CYS A C   1 
ATOM   26   O  O   . CYS A 1 4   ? -5.755  23.658  -13.052 1.00 32.41  ? 4   CYS A O   1 
ATOM   27   C  CB  . CYS A 1 4   ? -8.403  23.494  -11.337 1.00 36.08  ? 4   CYS A CB  1 
ATOM   28   S  SG  . CYS A 1 4   ? -8.527  21.740  -11.172 1.00 37.85  ? 4   CYS A SG  1 
ATOM   29   N  N   . ARG A 1 5   ? -7.092  22.462  -14.346 1.00 33.20  ? 5   ARG A N   1 
ATOM   30   C  CA  . ARG A 1 5   ? -5.981  21.711  -14.902 1.00 32.54  ? 5   ARG A CA  1 
ATOM   31   C  C   . ARG A 1 5   ? -4.911  22.569  -15.482 1.00 33.27  ? 5   ARG A C   1 
ATOM   32   O  O   . ARG A 1 5   ? -5.166  23.443  -16.265 1.00 34.82  ? 5   ARG A O   1 
ATOM   33   C  CB  . ARG A 1 5   ? -6.483  20.721  -15.933 1.00 32.31  ? 5   ARG A CB  1 
ATOM   34   C  CG  . ARG A 1 5   ? -5.421  19.730  -16.274 1.00 32.17  ? 5   ARG A CG  1 
ATOM   35   C  CD  . ARG A 1 5   ? -6.042  18.718  -17.196 1.00 33.20  ? 5   ARG A CD  1 
ATOM   36   N  NE  . ARG A 1 5   ? -5.090  17.652  -17.402 1.00 32.21  ? 5   ARG A NE  1 
ATOM   37   C  CZ  . ARG A 1 5   ? -5.431  16.399  -17.619 1.00 37.88  ? 5   ARG A CZ  1 
ATOM   38   N  NH1 . ARG A 1 5   ? -4.482  15.486  -17.797 1.00 37.94  ? 5   ARG A NH1 1 
ATOM   39   N  NH2 . ARG A 1 5   ? -6.705  16.057  -17.691 1.00 37.63  ? 5   ARG A NH2 1 
ATOM   40   N  N   . GLN A 1 6   ? -3.696  22.341  -15.046 1.00 33.70  ? 6   GLN A N   1 
ATOM   41   C  CA  . GLN A 1 6   ? -2.607  23.109  -15.512 1.00 32.84  ? 6   GLN A CA  1 
ATOM   42   C  C   . GLN A 1 6   ? -1.384  22.319  -15.278 1.00 34.41  ? 6   GLN A C   1 
ATOM   43   O  O   . GLN A 1 6   ? -1.134  21.825  -14.192 1.00 31.77  ? 6   GLN A O   1 
ATOM   44   C  CB  . GLN A 1 6   ? -2.524  24.431  -14.801 1.00 34.43  ? 6   GLN A CB  1 
ATOM   45   C  CG  . GLN A 1 6   ? -1.414  25.308  -15.320 1.00 36.90  ? 6   GLN A CG  1 
ATOM   46   C  CD  . GLN A 1 6   ? -1.391  26.657  -14.638 1.00 37.27  ? 6   GLN A CD  1 
ATOM   47   O  OE1 . GLN A 1 6   ? -1.836  26.787  -13.497 1.00 38.54  ? 6   GLN A OE1 1 
ATOM   48   N  NE2 . GLN A 1 6   ? -0.855  27.660  -15.308 1.00 33.14  ? 6   GLN A NE2 1 
ATOM   49   N  N   . ASN A 1 7   ? -0.624  22.101  -16.343 1.00 28.95  ? 7   ASN A N   1 
ATOM   50   C  CA  . ASN A 1 7   ? 0.639   21.405  -16.199 1.00 30.29  ? 7   ASN A CA  1 
ATOM   51   C  C   . ASN A 1 7   ? 0.436   19.973  -15.707 1.00 28.48  ? 7   ASN A C   1 
ATOM   52   O  O   . ASN A 1 7   ? 1.304   19.425  -15.001 1.00 30.05  ? 7   ASN A O   1 
ATOM   53   C  CB  . ASN A 1 7   ? 1.643   22.112  -15.267 1.00 33.55  ? 7   ASN A CB  1 
ATOM   54   C  CG  . ASN A 1 7   ? 3.024   21.545  -15.431 1.00 40.94  ? 7   ASN A CG  1 
ATOM   55   O  OD1 . ASN A 1 7   ? 3.399   21.332  -16.579 1.00 38.42  ? 7   ASN A OD1 1 
ATOM   56   N  ND2 . ASN A 1 7   ? 3.771   21.270  -14.350 1.00 29.65  ? 7   ASN A ND2 1 
ATOM   57   N  N   . TYR A 1 8   ? -0.663  19.347  -16.131 1.00 28.47  ? 8   TYR A N   1 
ATOM   58   C  CA  . TYR A 1 8   ? -0.975  18.044  -15.669 1.00 30.92  ? 8   TYR A CA  1 
ATOM   59   C  C   . TYR A 1 8   ? -1.206  17.160  -16.860 1.00 28.91  ? 8   TYR A C   1 
ATOM   60   O  O   . TYR A 1 8   ? -2.254  17.135  -17.464 1.00 31.47  ? 8   TYR A O   1 
ATOM   61   C  CB  . TYR A 1 8   ? -2.238  18.057  -14.781 1.00 30.41  ? 8   TYR A CB  1 
ATOM   62   C  CG  . TYR A 1 8   ? -2.466  16.810  -14.058 1.00 26.77  ? 8   TYR A CG  1 
ATOM   63   C  CD1 . TYR A 1 8   ? -1.488  16.238  -13.270 1.00 29.38  ? 8   TYR A CD1 1 
ATOM   64   C  CD2 . TYR A 1 8   ? -3.684  16.179  -14.133 1.00 29.67  ? 8   TYR A CD2 1 
ATOM   65   C  CE1 . TYR A 1 8   ? -1.715  15.060  -12.594 1.00 29.04  ? 8   TYR A CE1 1 
ATOM   66   C  CE2 . TYR A 1 8   ? -3.885  15.032  -13.465 1.00 27.61  ? 8   TYR A CE2 1 
ATOM   67   C  CZ  . TYR A 1 8   ? -2.927  14.480  -12.691 1.00 28.05  ? 8   TYR A CZ  1 
ATOM   68   O  OH  . TYR A 1 8   ? -3.221  13.320  -11.966 1.00 29.73  ? 8   TYR A OH  1 
ATOM   69   N  N   . HIS A 1 9   ? -0.202  16.392  -17.140 1.00 31.02  ? 9   HIS A N   1 
ATOM   70   C  CA  . HIS A 1 9   ? -0.178  15.683  -18.387 1.00 33.99  ? 9   HIS A CA  1 
ATOM   71   C  C   . HIS A 1 9   ? -1.147  14.501  -18.326 1.00 32.54  ? 9   HIS A C   1 
ATOM   72   O  O   . HIS A 1 9   ? -1.284  13.830  -17.281 1.00 31.15  ? 9   HIS A O   1 
ATOM   73   C  CB  . HIS A 1 9   ? 1.241   15.207  -18.624 1.00 34.09  ? 9   HIS A CB  1 
ATOM   74   C  CG  . HIS A 1 9   ? 1.453   14.755  -20.036 1.00 38.01  ? 9   HIS A CG  1 
ATOM   75   N  ND1 . HIS A 1 9   ? 0.999   13.535  -20.500 1.00 39.97  ? 9   HIS A ND1 1 
ATOM   76   C  CD2 . HIS A 1 9   ? 1.948   15.413  -21.100 1.00 38.55  ? 9   HIS A CD2 1 
ATOM   77   C  CE1 . HIS A 1 9   ? 1.284   13.434  -21.790 1.00 42.61  ? 9   HIS A CE1 1 
ATOM   78   N  NE2 . HIS A 1 9   ? 1.893   14.546  -22.170 1.00 36.62  ? 9   HIS A NE2 1 
ATOM   79   N  N   . GLU A 1 10  ? -1.745  14.146  -19.444 1.00 29.34  ? 10  GLU A N   1 
ATOM   80   C  CA  . GLU A 1 10  ? -2.607  12.941  -19.500 1.00 35.16  ? 10  GLU A CA  1 
ATOM   81   C  C   . GLU A 1 10  ? -1.978  11.669  -19.017 1.00 31.85  ? 10  GLU A C   1 
ATOM   82   O  O   . GLU A 1 10  ? -2.658  10.831  -18.409 1.00 32.45  ? 10  GLU A O   1 
ATOM   83   C  CB  . GLU A 1 10  ? -3.218  12.757  -20.878 1.00 45.53  ? 10  GLU A CB  1 
ATOM   84   C  CG  . GLU A 1 10  ? -4.026  13.996  -21.231 1.00 66.45  ? 10  GLU A CG  1 
ATOM   85   C  CD  . GLU A 1 10  ? -5.047  13.744  -22.309 1.00 84.02  ? 10  GLU A CD  1 
ATOM   86   O  OE1 . GLU A 1 10  ? -4.649  13.140  -23.351 1.00 75.97  ? 10  GLU A OE1 1 
ATOM   87   O  OE2 . GLU A 1 10  ? -6.221  14.159  -22.084 1.00 85.59  ? 10  GLU A OE2 1 
ATOM   88   N  N   . GLU A 1 11  ? -0.667  11.492  -19.245 1.00 32.93  ? 11  GLU A N   1 
ATOM   89   C  CA  . GLU A 1 11  ? -0.016  10.296  -18.747 1.00 31.19  ? 11  GLU A CA  1 
ATOM   90   C  C   . GLU A 1 11  ? 0.054   10.273  -17.242 1.00 30.41  ? 11  GLU A C   1 
ATOM   91   O  O   . GLU A 1 11  ? 0.045   9.241   -16.619 1.00 29.42  ? 11  GLU A O   1 
ATOM   92   C  CB  . GLU A 1 11  ? 1.434   10.170  -19.201 1.00 36.97  ? 11  GLU A CB  1 
ATOM   93   C  CG  . GLU A 1 11  ? 1.602   9.400   -20.484 1.00 44.57  ? 11  GLU A CG  1 
ATOM   94   C  CD  . GLU A 1 11  ? 3.077   8.968   -20.702 1.00 49.76  ? 11  GLU A CD  1 
ATOM   95   O  OE1 . GLU A 1 11  ? 4.024   9.776   -20.578 1.00 39.03  ? 11  GLU A OE1 1 
ATOM   96   O  OE2 . GLU A 1 11  ? 3.293   7.790   -20.954 1.00 55.99  ? 11  GLU A OE2 1 
ATOM   97   N  N   . CYS A 1 12  ? 0.292   11.421  -16.691 1.00 30.68  ? 12  CYS A N   1 
ATOM   98   C  CA  . CYS A 1 12  ? 0.321   11.504  -15.253 1.00 33.67  ? 12  CYS A CA  1 
ATOM   99   C  C   . CYS A 1 12  ? -1.023  11.189  -14.690 1.00 27.68  ? 12  CYS A C   1 
ATOM   100  O  O   . CYS A 1 12  ? -1.137  10.414  -13.769 1.00 29.92  ? 12  CYS A O   1 
ATOM   101  C  CB  . CYS A 1 12  ? 0.761   12.883  -14.874 1.00 33.07  ? 12  CYS A CB  1 
ATOM   102  S  SG  . CYS A 1 12  ? 2.508   13.084  -15.245 1.00 36.52  ? 12  CYS A SG  1 
ATOM   103  N  N   . GLU A 1 13  ? -2.033  11.860  -15.218 1.00 30.67  ? 13  GLU A N   1 
ATOM   104  C  CA  . GLU A 1 13  ? -3.413  11.556  -14.862 1.00 32.32  ? 13  GLU A CA  1 
ATOM   105  C  C   . GLU A 1 13  ? -3.692  10.077  -14.924 1.00 34.06  ? 13  GLU A C   1 
ATOM   106  O  O   . GLU A 1 13  ? -4.266  9.493   -13.997 1.00 29.28  ? 13  GLU A O   1 
ATOM   107  C  CB  . GLU A 1 13  ? -4.310  12.282  -15.781 1.00 30.49  ? 13  GLU A CB  1 
ATOM   108  C  CG  . GLU A 1 13  ? -5.768  12.026  -15.559 1.00 30.94  ? 13  GLU A CG  1 
ATOM   109  C  CD  . GLU A 1 13  ? -6.606  12.747  -16.581 1.00 37.10  ? 13  GLU A CD  1 
ATOM   110  O  OE1 . GLU A 1 13  ? -6.005  13.197  -17.595 1.00 37.86  ? 13  GLU A OE1 1 
ATOM   111  O  OE2 . GLU A 1 13  ? -7.848  12.849  -16.403 1.00 34.91  ? 13  GLU A OE2 1 
ATOM   112  N  N   . ALA A 1 14  ? -3.268  9.425   -16.006 1.00 31.38  ? 14  ALA A N   1 
ATOM   113  C  CA  . ALA A 1 14  ? -3.546  8.043   -16.119 1.00 29.95  ? 14  ALA A CA  1 
ATOM   114  C  C   . ALA A 1 14  ? -2.713  7.300   -15.091 1.00 29.78  ? 14  ALA A C   1 
ATOM   115  O  O   . ALA A 1 14  ? -3.153  6.269   -14.558 1.00 29.19  ? 14  ALA A O   1 
ATOM   116  C  CB  . ALA A 1 14  ? -3.228  7.530   -17.556 1.00 34.56  ? 14  ALA A CB  1 
ATOM   117  N  N   . GLY A 1 15  ? -1.467  7.738   -14.874 1.00 29.51  ? 15  GLY A N   1 
ATOM   118  C  CA  . GLY A 1 15  ? -0.609  7.043   -13.903 1.00 29.98  ? 15  GLY A CA  1 
ATOM   119  C  C   . GLY A 1 15  ? -1.274  7.168   -12.491 1.00 29.96  ? 15  GLY A C   1 
ATOM   120  O  O   . GLY A 1 15  ? -1.281  6.259   -11.701 1.00 27.84  ? 15  GLY A O   1 
ATOM   121  N  N   . VAL A 1 16  ? -1.846  8.306   -12.209 1.00 30.60  ? 16  VAL A N   1 
ATOM   122  C  CA  . VAL A 1 16  ? -2.553  8.456   -10.898 1.00 27.40  ? 16  VAL A CA  1 
ATOM   123  C  C   . VAL A 1 16  ? -3.724  7.477   -10.809 1.00 26.82  ? 16  VAL A C   1 
ATOM   124  O  O   . VAL A 1 16  ? -3.935  6.828   -9.802  1.00 29.47  ? 16  VAL A O   1 
ATOM   125  C  CB  . VAL A 1 16  ? -3.005  9.870   -10.731 1.00 26.40  ? 16  VAL A CB  1 
ATOM   126  C  CG1 . VAL A 1 16  ? -3.907  10.005  -9.491  1.00 27.81  ? 16  VAL A CG1 1 
ATOM   127  C  CG2 . VAL A 1 16  ? -1.755  10.763  -10.563 1.00 27.46  ? 16  VAL A CG2 1 
ATOM   128  N  N   . ASN A 1 17  ? -4.477  7.363   -11.869 1.00 24.69  ? 17  ASN A N   1 
ATOM   129  C  CA  . ASN A 1 17  ? -5.563  6.401   -11.917 1.00 26.14  ? 17  ASN A CA  1 
ATOM   130  C  C   . ASN A 1 17  ? -5.078  5.020   -11.709 1.00 30.14  ? 17  ASN A C   1 
ATOM   131  O  O   . ASN A 1 17  ? -5.672  4.273   -10.934 1.00 29.50  ? 17  ASN A O   1 
ATOM   132  C  CB  . ASN A 1 17  ? -6.420  6.522   -13.156 1.00 28.45  ? 17  ASN A CB  1 
ATOM   133  C  CG  . ASN A 1 17  ? -7.336  7.643   -13.091 1.00 30.76  ? 17  ASN A CG  1 
ATOM   134  O  OD1 . ASN A 1 17  ? -7.815  8.010   -11.993 1.00 30.25  ? 17  ASN A OD1 1 
ATOM   135  N  ND2 . ASN A 1 17  ? -7.617  8.259   -14.255 1.00 29.62  ? 17  ASN A ND2 1 
ATOM   136  N  N   . LYS A 1 18  ? -3.936  4.672   -12.309 1.00 31.36  ? 18  LYS A N   1 
ATOM   137  C  CA  . LYS A 1 18  ? -3.400  3.349   -12.051 1.00 33.27  ? 18  LYS A CA  1 
ATOM   138  C  C   . LYS A 1 18  ? -2.980  3.239   -10.605 1.00 30.30  ? 18  LYS A C   1 
ATOM   139  O  O   . LYS A 1 18  ? -3.166  2.217   -10.001 1.00 28.73  ? 18  LYS A O   1 
ATOM   140  C  CB  . LYS A 1 18  ? -2.185  2.998   -12.905 1.00 38.93  ? 18  LYS A CB  1 
ATOM   141  C  CG  . LYS A 1 18  ? -2.620  2.476   -14.233 1.00 55.02  ? 18  LYS A CG  1 
ATOM   142  C  CD  . LYS A 1 18  ? -1.447  2.368   -15.219 1.00 67.62  ? 18  LYS A CD  1 
ATOM   143  C  CE  . LYS A 1 18  ? -1.850  2.900   -16.607 1.00 75.18  ? 18  LYS A CE  1 
ATOM   144  N  NZ  . LYS A 1 18  ? -0.806  2.495   -17.581 1.00 87.93  ? 18  LYS A NZ  1 
ATOM   145  N  N   . GLN A 1 19  ? -2.315  4.259   -10.087 1.00 28.30  ? 19  GLN A N   1 
ATOM   146  C  CA  . GLN A 1 19  ? -1.899  4.177   -8.730  1.00 28.65  ? 19  GLN A CA  1 
ATOM   147  C  C   . GLN A 1 19  ? -3.098  4.082   -7.741  1.00 25.61  ? 19  GLN A C   1 
ATOM   148  O  O   . GLN A 1 19  ? -2.997  3.381   -6.769  1.00 27.24  ? 19  GLN A O   1 
ATOM   149  C  CB  . GLN A 1 19  ? -1.020  5.315   -8.363  1.00 28.36  ? 19  GLN A CB  1 
ATOM   150  C  CG  . GLN A 1 19  ? -0.329  5.058   -7.065  1.00 29.34  ? 19  GLN A CG  1 
ATOM   151  C  CD  . GLN A 1 19  ? 0.701   3.995   -7.220  1.00 34.48  ? 19  GLN A CD  1 
ATOM   152  O  OE1 . GLN A 1 19  ? 1.262   3.881   -8.307  1.00 37.84  ? 19  GLN A OE1 1 
ATOM   153  N  NE2 . GLN A 1 19  ? 0.928   3.193   -6.190  1.00 31.45  ? 19  GLN A NE2 1 
ATOM   154  N  N   . ILE A 1 20  ? -4.182  4.756   -8.055  1.00 26.32  ? 20  ILE A N   1 
ATOM   155  C  CA  . ILE A 1 20  ? -5.362  4.655   -7.232  1.00 28.15  ? 20  ILE A CA  1 
ATOM   156  C  C   . ILE A 1 20  ? -5.750  3.217   -7.166  1.00 32.43  ? 20  ILE A C   1 
ATOM   157  O  O   . ILE A 1 20  ? -5.983  2.696   -6.071  1.00 27.93  ? 20  ILE A O   1 
ATOM   158  C  CB  . ILE A 1 20  ? -6.456  5.536   -7.765  1.00 26.41  ? 20  ILE A CB  1 
ATOM   159  C  CG1 . ILE A 1 20  ? -6.068  6.992   -7.560  1.00 27.60  ? 20  ILE A CG1 1 
ATOM   160  C  CG2 . ILE A 1 20  ? -7.783  5.116   -7.206  1.00 27.52  ? 20  ILE A CG2 1 
ATOM   161  C  CD1 . ILE A 1 20  ? -6.911  7.906   -8.390  1.00 26.83  ? 20  ILE A CD1 1 
ATOM   162  N  N   . ASN A 1 21  ? -5.709  2.506   -8.318  1.00 28.57  ? 21  ASN A N   1 
ATOM   163  C  CA  . ASN A 1 21  ? -6.197  1.168   -8.331  1.00 26.69  ? 21  ASN A CA  1 
ATOM   164  C  C   . ASN A 1 21  ? -5.254  0.342   -7.543  1.00 27.93  ? 21  ASN A C   1 
ATOM   165  O  O   . ASN A 1 21  ? -5.627  -0.521  -6.763  1.00 28.66  ? 21  ASN A O   1 
ATOM   166  C  CB  . ASN A 1 21  ? -6.279  0.617   -9.737  1.00 28.67  ? 21  ASN A CB  1 
ATOM   167  C  CG  . ASN A 1 21  ? -6.905  -0.746  -9.748  1.00 28.72  ? 21  ASN A CG  1 
ATOM   168  O  OD1 . ASN A 1 21  ? -6.207  -1.741  -9.736  1.00 29.94  ? 21  ASN A OD1 1 
ATOM   169  N  ND2 . ASN A 1 21  ? -8.215  -0.788  -9.617  1.00 29.31  ? 21  ASN A ND2 1 
ATOM   170  N  N   . MET A 1 22  ? -3.998  0.611   -7.725  1.00 26.82  ? 22  MET A N   1 
ATOM   171  C  CA  . MET A 1 22  ? -2.995  -0.148  -7.008  1.00 31.01  ? 22  MET A CA  1 
ATOM   172  C  C   . MET A 1 22  ? -3.132  -0.001  -5.494  1.00 29.54  ? 22  MET A C   1 
ATOM   173  O  O   . MET A 1 22  ? -2.933  -0.948  -4.754  1.00 26.11  ? 22  MET A O   1 
ATOM   174  C  CB  . MET A 1 22  ? -1.629  0.387   -7.397  1.00 33.23  ? 22  MET A CB  1 
ATOM   175  C  CG  . MET A 1 22  ? -0.511  -0.240  -6.662  1.00 46.66  ? 22  MET A CG  1 
ATOM   176  S  SD  . MET A 1 22  ? 0.133   -1.640  -7.489  1.00 65.87  ? 22  MET A SD  1 
ATOM   177  C  CE  . MET A 1 22  ? 0.699   -0.703  -8.956  1.00 58.78  ? 22  MET A CE  1 
ATOM   178  N  N   . GLU A 1 23  ? -3.394  1.215   -5.058  1.00 27.35  ? 23  GLU A N   1 
ATOM   179  C  CA  . GLU A 1 23  ? -3.539  1.394   -3.581  1.00 30.72  ? 23  GLU A CA  1 
ATOM   180  C  C   . GLU A 1 23  ? -4.779  0.706   -3.072  1.00 27.21  ? 23  GLU A C   1 
ATOM   181  O  O   . GLU A 1 23  ? -4.727  0.059   -2.002  1.00 28.93  ? 23  GLU A O   1 
ATOM   182  C  CB  . GLU A 1 23  ? -3.526  2.858   -3.194  1.00 28.76  ? 23  GLU A CB  1 
ATOM   183  C  CG  . GLU A 1 23  ? -2.335  3.669   -3.583  1.00 31.64  ? 23  GLU A CG  1 
ATOM   184  C  CD  . GLU A 1 23  ? -0.951  3.208   -3.115  1.00 40.09  ? 23  GLU A CD  1 
ATOM   185  O  OE1 . GLU A 1 23  ? -0.841  2.491   -2.134  1.00 45.09  ? 23  GLU A OE1 1 
ATOM   186  O  OE2 . GLU A 1 23  ? 0.067   3.679   -3.695  1.00 46.59  ? 23  GLU A OE2 1 
ATOM   187  N  N   . PHE A 1 24  ? -5.853  0.719   -3.863  1.00 28.67  ? 24  PHE A N   1 
ATOM   188  C  CA  . PHE A 1 24  ? -7.058  0.006   -3.449  1.00 27.87  ? 24  PHE A CA  1 
ATOM   189  C  C   . PHE A 1 24  ? -6.769  -1.444  -3.420  1.00 29.34  ? 24  PHE A C   1 
ATOM   190  O  O   . PHE A 1 24  ? -7.210  -2.148  -2.554  1.00 25.71  ? 24  PHE A O   1 
ATOM   191  C  CB  . PHE A 1 24  ? -8.210  0.271   -4.351  1.00 28.73  ? 24  PHE A CB  1 
ATOM   192  C  CG  . PHE A 1 24  ? -8.923  1.522   -4.051  1.00 29.72  ? 24  PHE A CG  1 
ATOM   193  C  CD1 . PHE A 1 24  ? -9.393  1.771   -2.768  1.00 33.38  ? 24  PHE A CD1 1 
ATOM   194  C  CD2 . PHE A 1 24  ? -9.165  2.439   -5.027  1.00 30.67  ? 24  PHE A CD2 1 
ATOM   195  C  CE1 . PHE A 1 24  ? -10.095 2.931   -2.504  1.00 30.86  ? 24  PHE A CE1 1 
ATOM   196  C  CE2 . PHE A 1 24  ? -9.837  3.600   -4.753  1.00 31.40  ? 24  PHE A CE2 1 
ATOM   197  C  CZ  . PHE A 1 24  ? -10.335 3.833   -3.494  1.00 29.70  ? 24  PHE A CZ  1 
ATOM   198  N  N   . TYR A 1 25  ? -5.980  -1.897  -4.378  1.00 27.69  ? 25  TYR A N   1 
ATOM   199  C  CA  . TYR A 1 25  ? -5.639  -3.288  -4.424  1.00 29.74  ? 25  TYR A CA  1 
ATOM   200  C  C   . TYR A 1 25  ? -4.844  -3.667  -3.217  1.00 27.14  ? 25  TYR A C   1 
ATOM   201  O  O   . TYR A 1 25  ? -5.062  -4.719  -2.629  1.00 27.85  ? 25  TYR A O   1 
ATOM   202  C  CB  . TYR A 1 25  ? -4.845  -3.620  -5.718  1.00 30.92  ? 25  TYR A CB  1 
ATOM   203  C  CG  . TYR A 1 25  ? -4.315  -4.982  -5.774  1.00 28.61  ? 25  TYR A CG  1 
ATOM   204  C  CD1 . TYR A 1 25  ? -5.129  -6.038  -6.137  1.00 30.52  ? 25  TYR A CD1 1 
ATOM   205  C  CD2 . TYR A 1 25  ? -3.003  -5.248  -5.487  1.00 31.75  ? 25  TYR A CD2 1 
ATOM   206  C  CE1 . TYR A 1 25  ? -4.653  -7.320  -6.145  1.00 30.31  ? 25  TYR A CE1 1 
ATOM   207  C  CE2 . TYR A 1 25  ? -2.507  -6.550  -5.512  1.00 32.90  ? 25  TYR A CE2 1 
ATOM   208  C  CZ  . TYR A 1 25  ? -3.343  -7.563  -5.869  1.00 32.26  ? 25  TYR A CZ  1 
ATOM   209  O  OH  . TYR A 1 25  ? -2.870  -8.801  -5.878  1.00 33.42  ? 25  TYR A OH  1 
ATOM   210  N  N   . ALA A 1 26  ? -3.850  -2.860  -2.898  1.00 27.16  ? 26  ALA A N   1 
ATOM   211  C  CA  . ALA A 1 26  ? -3.056  -3.181  -1.754  1.00 26.38  ? 26  ALA A CA  1 
ATOM   212  C  C   . ALA A 1 26  ? -3.936  -3.142  -0.513  1.00 27.11  ? 26  ALA A C   1 
ATOM   213  O  O   . ALA A 1 26  ? -3.804  -3.981  0.382   1.00 26.99  ? 26  ALA A O   1 
ATOM   214  C  CB  . ALA A 1 26  ? -1.908  -2.223  -1.620  1.00 27.90  ? 26  ALA A CB  1 
ATOM   215  N  N   . SER A 1 27  ? -4.859  -2.200  -0.460  1.00 26.13  ? 27  SER A N   1 
ATOM   216  C  CA  . SER A 1 27  ? -5.799  -2.171  0.630   1.00 26.36  ? 27  SER A CA  1 
ATOM   217  C  C   . SER A 1 27  ? -6.525  -3.504  0.752   1.00 30.01  ? 27  SER A C   1 
ATOM   218  O  O   . SER A 1 27  ? -6.782  -4.010  1.865   1.00 28.44  ? 27  SER A O   1 
ATOM   219  C  CB  . SER A 1 27  ? -6.840  -1.105  0.415   1.00 28.77  ? 27  SER A CB  1 
ATOM   220  O  OG  . SER A 1 27  ? -7.643  -0.995  1.584   1.00 27.02  ? 27  SER A OG  1 
ATOM   221  N  N   . TYR A 1 28  ? -6.905  -4.027  -0.412  1.00 27.24  ? 28  TYR A N   1 
ATOM   222  C  CA  . TYR A 1 28  ? -7.672  -5.231  -0.461  1.00 27.61  ? 28  TYR A CA  1 
ATOM   223  C  C   . TYR A 1 28  ? -6.869  -6.417  -0.073  1.00 29.62  ? 28  TYR A C   1 
ATOM   224  O  O   . TYR A 1 28  ? -7.343  -7.228  0.705   1.00 27.28  ? 28  TYR A O   1 
ATOM   225  C  CB  . TYR A 1 28  ? -8.294  -5.372  -1.833  1.00 29.23  ? 28  TYR A CB  1 
ATOM   226  C  CG  . TYR A 1 28  ? -9.513  -6.193  -1.967  1.00 30.14  ? 28  TYR A CG  1 
ATOM   227  C  CD1 . TYR A 1 28  ? -10.429 -6.317  -0.950  1.00 31.22  ? 28  TYR A CD1 1 
ATOM   228  C  CD2 . TYR A 1 28  ? -9.805  -6.810  -3.207  1.00 27.37  ? 28  TYR A CD2 1 
ATOM   229  C  CE1 . TYR A 1 28  ? -11.603 -7.047  -1.125  1.00 32.63  ? 28  TYR A CE1 1 
ATOM   230  C  CE2 . TYR A 1 28  ? -10.939 -7.555  -3.383  1.00 27.59  ? 28  TYR A CE2 1 
ATOM   231  C  CZ  . TYR A 1 28  ? -11.838 -7.686  -2.327  1.00 29.72  ? 28  TYR A CZ  1 
ATOM   232  O  OH  . TYR A 1 28  ? -13.016 -8.331  -2.487  1.00 28.66  ? 28  TYR A OH  1 
ATOM   233  N  N   . VAL A 1 29  ? -5.608  -6.478  -0.511  1.00 28.27  ? 29  VAL A N   1 
ATOM   234  C  CA  . VAL A 1 29  ? -4.735  -7.515  -0.060  1.00 26.89  ? 29  VAL A CA  1 
ATOM   235  C  C   . VAL A 1 29  ? -4.637  -7.525  1.449   1.00 26.99  ? 29  VAL A C   1 
ATOM   236  O  O   . VAL A 1 29  ? -4.684  -8.510  2.065   1.00 27.53  ? 29  VAL A O   1 
ATOM   237  C  CB  . VAL A 1 29  ? -3.349  -7.385  -0.697  1.00 26.91  ? 29  VAL A CB  1 
ATOM   238  C  CG1 . VAL A 1 29  ? -2.374  -8.396  -0.114  1.00 30.63  ? 29  VAL A CG1 1 
ATOM   239  C  CG2 . VAL A 1 29  ? -3.451  -7.604  -2.223  1.00 28.98  ? 29  VAL A CG2 1 
ATOM   240  N  N   . TYR A 1 30  ? -4.429  -6.373  2.024   1.00 26.24  ? 30  TYR A N   1 
ATOM   241  C  CA  . TYR A 1 30  ? -4.290  -6.318  3.445   1.00 27.85  ? 30  TYR A CA  1 
ATOM   242  C  C   . TYR A 1 30  ? -5.535  -6.656  4.170   1.00 23.94  ? 30  TYR A C   1 
ATOM   243  O  O   . TYR A 1 30  ? -5.471  -7.285  5.196   1.00 27.72  ? 30  TYR A O   1 
ATOM   244  C  CB  . TYR A 1 30  ? -3.842  -4.943  3.817   1.00 27.70  ? 30  TYR A CB  1 
ATOM   245  C  CG  . TYR A 1 30  ? -2.407  -4.682  3.576   1.00 27.06  ? 30  TYR A CG  1 
ATOM   246  C  CD1 . TYR A 1 30  ? -1.465  -5.548  4.060   1.00 31.02  ? 30  TYR A CD1 1 
ATOM   247  C  CD2 . TYR A 1 30  ? -1.985  -3.519  2.962   1.00 28.26  ? 30  TYR A CD2 1 
ATOM   248  C  CE1 . TYR A 1 30  ? -0.119  -5.278  3.952   1.00 36.87  ? 30  TYR A CE1 1 
ATOM   249  C  CE2 . TYR A 1 30  ? -0.644  -3.245  2.816   1.00 33.10  ? 30  TYR A CE2 1 
ATOM   250  C  CZ  . TYR A 1 30  ? 0.286   -4.123  3.331   1.00 32.94  ? 30  TYR A CZ  1 
ATOM   251  O  OH  . TYR A 1 30  ? 1.614   -3.893  3.279   1.00 39.10  ? 30  TYR A OH  1 
ATOM   252  N  N   . MET A 1 31  ? -6.670  -6.310  3.602   1.00 25.69  ? 31  MET A N   1 
ATOM   253  C  CA  . MET A 1 31  ? -7.942  -6.727  4.152   1.00 29.20  ? 31  MET A CA  1 
ATOM   254  C  C   . MET A 1 31  ? -7.964  -8.245  4.203   1.00 29.34  ? 31  MET A C   1 
ATOM   255  O  O   . MET A 1 31  ? -8.368  -8.816  5.170   1.00 26.72  ? 31  MET A O   1 
ATOM   256  C  CB  . MET A 1 31  ? -9.068  -6.205  3.269   1.00 27.53  ? 31  MET A CB  1 
ATOM   257  C  CG  . MET A 1 31  ? -10.438 -6.470  3.735   1.00 30.26  ? 31  MET A CG  1 
ATOM   258  S  SD  . MET A 1 31  ? -10.825 -5.688  5.283   1.00 36.95  ? 31  MET A SD  1 
ATOM   259  C  CE  . MET A 1 31  ? -10.868 -4.003  4.660   1.00 37.27  ? 31  MET A CE  1 
ATOM   260  N  N   . SER A 1 32  ? -7.535  -8.884  3.129   1.00 26.91  ? 32  SER A N   1 
ATOM   261  C  CA  . SER A 1 32  ? -7.543  -10.323 3.090   1.00 27.10  ? 32  SER A CA  1 
ATOM   262  C  C   . SER A 1 32  ? -6.532  -10.896 4.033   1.00 27.58  ? 32  SER A C   1 
ATOM   263  O  O   . SER A 1 32  ? -6.782  -11.927 4.655   1.00 27.23  ? 32  SER A O   1 
ATOM   264  C  CB  . SER A 1 32  ? -7.357  -10.837 1.646   1.00 28.32  ? 32  SER A CB  1 
ATOM   265  O  OG  . SER A 1 32  ? -7.201  -12.205 1.659   1.00 26.99  ? 32  SER A OG  1 
ATOM   266  N  N   . MET A 1 33  ? -5.367  -10.235 4.175   1.00 25.23  ? 33  MET A N   1 
ATOM   267  C  CA  . MET A 1 33  ? -4.446  -10.760 5.127   1.00 26.39  ? 33  MET A CA  1 
ATOM   268  C  C   . MET A 1 33  ? -5.066  -10.658 6.522   1.00 25.05  ? 33  MET A C   1 
ATOM   269  O  O   . MET A 1 33  ? -4.961  -11.559 7.359   1.00 26.57  ? 33  MET A O   1 
ATOM   270  C  CB  . MET A 1 33  ? -3.164  -10.001 5.084   1.00 27.93  ? 33  MET A CB  1 
ATOM   271  C  CG  . MET A 1 33  ? -2.426  -10.386 3.795   1.00 31.76  ? 33  MET A CG  1 
ATOM   272  S  SD  . MET A 1 33  ? -0.878  -9.515  3.829   1.00 35.25  ? 33  MET A SD  1 
ATOM   273  C  CE  . MET A 1 33  ? -0.144  -10.022 2.245   1.00 36.16  ? 33  MET A CE  1 
ATOM   274  N  N   . ALA A 1 34  ? -5.688  -9.548  6.739   1.00 25.41  ? 34  ALA A N   1 
ATOM   275  C  CA  . ALA A 1 34  ? -6.283  -9.308  8.046   1.00 26.34  ? 34  ALA A CA  1 
ATOM   276  C  C   . ALA A 1 34  ? -7.258  -10.375 8.355   1.00 25.63  ? 34  ALA A C   1 
ATOM   277  O  O   . ALA A 1 34  ? -7.247  -10.901 9.483   1.00 28.01  ? 34  ALA A O   1 
ATOM   278  C  CB  . ALA A 1 34  ? -6.900  -7.943  8.119   1.00 29.75  ? 34  ALA A CB  1 
ATOM   279  N  N   . SER A 1 35  ? -8.143  -10.691 7.399   1.00 25.93  ? 35  SER A N   1 
ATOM   280  C  CA  . SER A 1 35  ? -9.184  -11.667 7.718   1.00 26.81  ? 35  SER A CA  1 
ATOM   281  C  C   . SER A 1 35  ? -8.617  -13.076 7.862   1.00 28.83  ? 35  SER A C   1 
ATOM   282  O  O   . SER A 1 35  ? -9.101  -13.857 8.660   1.00 31.61  ? 35  SER A O   1 
ATOM   283  C  CB  . SER A 1 35  ? -10.336 -11.637 6.750   1.00 29.60  ? 35  SER A CB  1 
ATOM   284  O  OG  . SER A 1 35  ? -9.864  -11.534 5.407   1.00 28.38  ? 35  SER A OG  1 
ATOM   285  N  N   . HIS A 1 36  ? -7.566  -13.387 7.126   1.00 29.61  ? 36  HIS A N   1 
ATOM   286  C  CA  . HIS A 1 36  ? -6.869  -14.601 7.309   1.00 28.93  ? 36  HIS A CA  1 
ATOM   287  C  C   . HIS A 1 36  ? -6.366  -14.783 8.716   1.00 28.74  ? 36  HIS A C   1 
ATOM   288  O  O   . HIS A 1 36  ? -6.523  -15.847 9.307   1.00 28.02  ? 36  HIS A O   1 
ATOM   289  C  CB  . HIS A 1 36  ? -5.692  -14.678 6.325   1.00 28.25  ? 36  HIS A CB  1 
ATOM   290  C  CG  . HIS A 1 36  ? -4.812  -15.809 6.552   1.00 28.12  ? 36  HIS A CG  1 
ATOM   291  N  ND1 . HIS A 1 36  ? -5.121  -17.081 6.127   1.00 29.42  ? 36  HIS A ND1 1 
ATOM   292  C  CD2 . HIS A 1 36  ? -3.583  -15.865 7.091   1.00 29.42  ? 36  HIS A CD2 1 
ATOM   293  C  CE1 . HIS A 1 36  ? -4.146  -17.889 6.484   1.00 30.71  ? 36  HIS A CE1 1 
ATOM   294  N  NE2 . HIS A 1 36  ? -3.184  -17.179 7.057   1.00 29.75  ? 36  HIS A NE2 1 
ATOM   295  N  N   . PHE A 1 37  ? -5.715  -13.747 9.248   1.00 27.23  ? 37  PHE A N   1 
ATOM   296  C  CA  . PHE A 1 37  ? -5.223  -13.819 10.566  1.00 27.88  ? 37  PHE A CA  1 
ATOM   297  C  C   . PHE A 1 37  ? -6.271  -13.720 11.660  1.00 27.58  ? 37  PHE A C   1 
ATOM   298  O  O   . PHE A 1 37  ? -5.976  -13.977 12.797  1.00 27.93  ? 37  PHE A O   1 
ATOM   299  C  CB  . PHE A 1 37  ? -4.076  -12.848 10.779  1.00 27.42  ? 37  PHE A CB  1 
ATOM   300  C  CG  . PHE A 1 37  ? -2.886  -13.249 10.047  1.00 28.16  ? 37  PHE A CG  1 
ATOM   301  C  CD1 . PHE A 1 37  ? -2.188  -14.365 10.456  1.00 25.41  ? 37  PHE A CD1 1 
ATOM   302  C  CD2 . PHE A 1 37  ? -2.571  -12.644 8.850   1.00 28.01  ? 37  PHE A CD2 1 
ATOM   303  C  CE1 . PHE A 1 37  ? -1.123  -14.774 9.746   1.00 28.34  ? 37  PHE A CE1 1 
ATOM   304  C  CE2 . PHE A 1 37  ? -1.529  -13.066 8.134   1.00 28.61  ? 37  PHE A CE2 1 
ATOM   305  C  CZ  . PHE A 1 37  ? -0.815  -14.152 8.572   1.00 28.66  ? 37  PHE A CZ  1 
ATOM   306  N  N   . ASP A 1 38  ? -7.500  -13.429 11.288  1.00 29.47  ? 38  ASP A N   1 
ATOM   307  C  CA  . ASP A 1 38  ? -8.606  -13.511 12.219  1.00 27.81  ? 38  ASP A CA  1 
ATOM   308  C  C   . ASP A 1 38  ? -9.424  -14.771 12.098  1.00 30.31  ? 38  ASP A C   1 
ATOM   309  O  O   . ASP A 1 38  ? -10.472 -14.914 12.739  1.00 29.24  ? 38  ASP A O   1 
ATOM   310  C  CB  . ASP A 1 38  ? -9.536  -12.360 12.016  1.00 29.20  ? 38  ASP A CB  1 
ATOM   311  C  CG  . ASP A 1 38  ? -10.348 -12.053 13.301  1.00 32.15  ? 38  ASP A CG  1 
ATOM   312  O  OD1 . ASP A 1 38  ? -9.776  -12.271 14.388  1.00 33.95  ? 38  ASP A OD1 1 
ATOM   313  O  OD2 . ASP A 1 38  ? -11.519 -11.675 13.172  1.00 32.74  ? 38  ASP A OD2 1 
ATOM   314  N  N   . ARG A 1 39  ? -8.978  -15.694 11.280  1.00 28.59  ? 39  ARG A N   1 
ATOM   315  C  CA  . ARG A 1 39  ? -9.584  -17.022 11.303  1.00 27.92  ? 39  ARG A CA  1 
ATOM   316  C  C   . ARG A 1 39  ? -9.387  -17.668 12.638  1.00 28.31  ? 39  ARG A C   1 
ATOM   317  O  O   . ARG A 1 39  ? -8.322  -17.573 13.270  1.00 28.24  ? 39  ARG A O   1 
ATOM   318  C  CB  . ARG A 1 39  ? -8.967  -17.921 10.249  1.00 29.88  ? 39  ARG A CB  1 
ATOM   319  C  CG  . ARG A 1 39  ? -9.363  -17.524 8.868   1.00 29.84  ? 39  ARG A CG  1 
ATOM   320  C  CD  . ARG A 1 39  ? -8.523  -18.193 7.821   1.00 31.17  ? 39  ARG A CD  1 
ATOM   321  N  NE  . ARG A 1 39  ? -8.440  -19.618 7.997   1.00 31.66  ? 39  ARG A NE  1 
ATOM   322  C  CZ  . ARG A 1 39  ? -8.113  -20.501 7.039   1.00 38.04  ? 39  ARG A CZ  1 
ATOM   323  N  NH1 . ARG A 1 39  ? -7.921  -20.123 5.767   1.00 37.88  ? 39  ARG A NH1 1 
ATOM   324  N  NH2 . ARG A 1 39  ? -7.985  -21.783 7.384   1.00 36.97  ? 39  ARG A NH2 1 
ATOM   325  N  N   . ASP A 1 40  ? -10.380 -18.395 13.073  1.00 28.05  ? 40  ASP A N   1 
ATOM   326  C  CA  . ASP A 1 40  ? -10.278 -19.101 14.365  1.00 28.93  ? 40  ASP A CA  1 
ATOM   327  C  C   . ASP A 1 40  ? -9.100  -20.075 14.409  1.00 29.15  ? 40  ASP A C   1 
ATOM   328  O  O   . ASP A 1 40  ? -8.491  -20.279 15.427  1.00 30.42  ? 40  ASP A O   1 
ATOM   329  C  CB  . ASP A 1 40  ? -11.558 -19.832 14.673  1.00 30.43  ? 40  ASP A CB  1 
ATOM   330  C  CG  . ASP A 1 40  ? -11.941 -20.900 13.606  1.00 36.77  ? 40  ASP A CG  1 
ATOM   331  O  OD1 . ASP A 1 40  ? -11.496 -20.887 12.440  1.00 37.26  ? 40  ASP A OD1 1 
ATOM   332  O  OD2 . ASP A 1 40  ? -12.815 -21.661 13.903  1.00 44.33  ? 40  ASP A OD2 1 
ATOM   333  N  N   . ASP A 1 41  ? -8.733  -20.593 13.240  1.00 28.65  ? 41  ASP A N   1 
ATOM   334  C  CA  . ASP A 1 41  ? -7.609  -21.509 13.130  1.00 29.79  ? 41  ASP A CA  1 
ATOM   335  C  C   . ASP A 1 41  ? -6.307  -20.845 12.792  1.00 30.88  ? 41  ASP A C   1 
ATOM   336  O  O   . ASP A 1 41  ? -5.325  -21.514 12.590  1.00 29.66  ? 41  ASP A O   1 
ATOM   337  C  CB  . ASP A 1 41  ? -7.890  -22.606 12.096  1.00 31.30  ? 41  ASP A CB  1 
ATOM   338  C  CG  . ASP A 1 41  ? -8.162  -22.108 10.728  1.00 34.77  ? 41  ASP A CG  1 
ATOM   339  O  OD1 . ASP A 1 41  ? -8.170  -20.887 10.421  1.00 34.49  ? 41  ASP A OD1 1 
ATOM   340  O  OD2 . ASP A 1 41  ? -8.439  -22.977 9.839   1.00 36.65  ? 41  ASP A OD2 1 
ATOM   341  N  N   . VAL A 1 42  ? -6.275  -19.527 12.764  1.00 28.26  ? 42  VAL A N   1 
ATOM   342  C  CA  . VAL A 1 42  ? -5.043  -18.844 12.610  1.00 29.63  ? 42  VAL A CA  1 
ATOM   343  C  C   . VAL A 1 42  ? -4.852  -17.954 13.850  1.00 28.63  ? 42  VAL A C   1 
ATOM   344  O  O   . VAL A 1 42  ? -3.863  -18.053 14.522  1.00 29.90  ? 42  VAL A O   1 
ATOM   345  C  CB  . VAL A 1 42  ? -5.071  -18.004 11.337  1.00 28.18  ? 42  VAL A CB  1 
ATOM   346  C  CG1 . VAL A 1 42  ? -3.803  -17.195 11.230  1.00 30.85  ? 42  VAL A CG1 1 
ATOM   347  C  CG2 . VAL A 1 42  ? -5.197  -18.923 10.118  1.00 30.35  ? 42  VAL A CG2 1 
ATOM   348  N  N   . ALA A 1 43  ? -5.781  -17.039 14.071  1.00 28.38  ? 43  ALA A N   1 
ATOM   349  C  CA  . ALA A 1 43  ? -5.985  -16.403 15.391  1.00 28.91  ? 43  ALA A CA  1 
ATOM   350  C  C   . ALA A 1 43  ? -4.734  -15.634 15.887  1.00 28.32  ? 43  ALA A C   1 
ATOM   351  O  O   . ALA A 1 43  ? -4.235  -15.806 16.993  1.00 27.94  ? 43  ALA A O   1 
ATOM   352  C  CB  . ALA A 1 43  ? -6.422  -17.435 16.345  1.00 28.75  ? 43  ALA A CB  1 
ATOM   353  N  N   . LEU A 1 44  ? -4.219  -14.779 15.010  1.00 30.03  ? 44  LEU A N   1 
ATOM   354  C  CA  . LEU A 1 44  ? -3.125  -13.896 15.343  1.00 28.37  ? 44  LEU A CA  1 
ATOM   355  C  C   . LEU A 1 44  ? -3.655  -12.503 15.339  1.00 30.22  ? 44  LEU A C   1 
ATOM   356  O  O   . LEU A 1 44  ? -3.796  -11.836 14.307  1.00 28.80  ? 44  LEU A O   1 
ATOM   357  C  CB  . LEU A 1 44  ? -1.984  -14.057 14.379  1.00 29.33  ? 44  LEU A CB  1 
ATOM   358  C  CG  . LEU A 1 44  ? -1.196  -15.346 14.605  1.00 30.69  ? 44  LEU A CG  1 
ATOM   359  C  CD1 . LEU A 1 44  ? -0.164  -15.510 13.505  1.00 31.45  ? 44  LEU A CD1 1 
ATOM   360  C  CD2 . LEU A 1 44  ? -0.463  -15.368 15.935  1.00 30.24  ? 44  LEU A CD2 1 
ATOM   361  N  N   . LYS A 1 45  ? -4.035  -12.071 16.525  1.00 29.13  ? 45  LYS A N   1 
ATOM   362  C  CA  . LYS A 1 45  ? -4.757  -10.847 16.613  1.00 31.49  ? 45  LYS A CA  1 
ATOM   363  C  C   . LYS A 1 45  ? -3.871  -9.651  16.266  1.00 28.52  ? 45  LYS A C   1 
ATOM   364  O  O   . LYS A 1 45  ? -4.324  -8.675  15.707  1.00 27.26  ? 45  LYS A O   1 
ATOM   365  C  CB  . LYS A 1 45  ? -5.385  -10.740 18.034  1.00 39.80  ? 45  LYS A CB  1 
ATOM   366  C  CG  . LYS A 1 45  ? -6.113  -9.431  18.287  1.00 56.75  ? 45  LYS A CG  1 
ATOM   367  C  CD  . LYS A 1 45  ? -7.204  -9.050  17.267  1.00 68.10  ? 45  LYS A CD  1 
ATOM   368  C  CE  . LYS A 1 45  ? -8.604  -9.215  17.852  1.00 73.90  ? 45  LYS A CE  1 
ATOM   369  N  NZ  . LYS A 1 45  ? -9.565  -9.602  16.793  1.00 82.32  ? 45  LYS A NZ  1 
ATOM   370  N  N   . GLY A 1 46  ? -2.592  -9.711  16.572  1.00 28.23  ? 46  GLY A N   1 
ATOM   371  C  CA  . GLY A 1 46  ? -1.725  -8.603  16.256  1.00 28.00  ? 46  GLY A CA  1 
ATOM   372  C  C   . GLY A 1 46  ? -1.623  -8.417  14.742  1.00 29.02  ? 46  GLY A C   1 
ATOM   373  O  O   . GLY A 1 46  ? -1.720  -7.296  14.187  1.00 26.71  ? 46  GLY A O   1 
ATOM   374  N  N   . ALA A 1 47  ? -1.466  -9.526  14.056  1.00 27.46  ? 47  ALA A N   1 
ATOM   375  C  CA  . ALA A 1 47  ? -1.399  -9.503  12.594  1.00 26.54  ? 47  ALA A CA  1 
ATOM   376  C  C   . ALA A 1 47  ? -2.721  -8.996  12.066  1.00 27.52  ? 47  ALA A C   1 
ATOM   377  O  O   . ALA A 1 47  ? -2.751  -8.165  11.175  1.00 27.27  ? 47  ALA A O   1 
ATOM   378  C  CB  . ALA A 1 47  ? -1.165  -10.897 12.055  1.00 28.64  ? 47  ALA A CB  1 
ATOM   379  N  N   . HIS A 1 48  ? -3.805  -9.481  12.643  1.00 26.80  ? 48  HIS A N   1 
ATOM   380  C  CA  . HIS A 1 48  ? -5.087  -9.026  12.174  1.00 26.19  ? 48  HIS A CA  1 
ATOM   381  C  C   . HIS A 1 48  ? -5.176  -7.507  12.209  1.00 28.78  ? 48  HIS A C   1 
ATOM   382  O  O   . HIS A 1 48  ? -5.536  -6.861  11.253  1.00 27.33  ? 48  HIS A O   1 
ATOM   383  C  CB  . HIS A 1 48  ? -6.147  -9.669  13.017  1.00 25.50  ? 48  HIS A CB  1 
ATOM   384  C  CG  . HIS A 1 48  ? -7.471  -9.103  12.817  1.00 28.55  ? 48  HIS A CG  1 
ATOM   385  N  ND1 . HIS A 1 48  ? -8.092  -9.127  11.595  1.00 32.35  ? 48  HIS A ND1 1 
ATOM   386  C  CD2 . HIS A 1 48  ? -8.325  -8.489  13.681  1.00 30.99  ? 48  HIS A CD2 1 
ATOM   387  C  CE1 . HIS A 1 48  ? -9.290  -8.565  11.714  1.00 33.16  ? 48  HIS A CE1 1 
ATOM   388  N  NE2 . HIS A 1 48  ? -9.456  -8.177  12.966  1.00 32.58  ? 48  HIS A NE2 1 
ATOM   389  N  N   . GLU A 1 49  ? -4.837  -6.953  13.374  1.00 29.65  ? 49  GLU A N   1 
ATOM   390  C  CA  . GLU A 1 49  ? -4.878  -5.511  13.570  1.00 29.19  ? 49  GLU A CA  1 
ATOM   391  C  C   . GLU A 1 49  ? -3.897  -4.788  12.670  1.00 25.09  ? 49  GLU A C   1 
ATOM   392  O  O   . GLU A 1 49  ? -4.193  -3.751  12.123  1.00 25.54  ? 49  GLU A O   1 
ATOM   393  C  CB  . GLU A 1 49  ? -4.608  -5.108  15.028  1.00 33.53  ? 49  GLU A CB  1 
ATOM   394  C  CG  . GLU A 1 49  ? -5.556  -5.686  16.076  1.00 50.31  ? 49  GLU A CG  1 
ATOM   395  C  CD  . GLU A 1 49  ? -7.005  -5.172  16.042  1.00 70.11  ? 49  GLU A CD  1 
ATOM   396  O  OE1 . GLU A 1 49  ? -7.375  -4.280  15.207  1.00 77.17  ? 49  GLU A OE1 1 
ATOM   397  O  OE2 . GLU A 1 49  ? -7.789  -5.699  16.876  1.00 81.17  ? 49  GLU A OE2 1 
ATOM   398  N  N   . PHE A 1 50  ? -2.708  -5.317  12.561  1.00 26.17  ? 50  PHE A N   1 
ATOM   399  C  CA  . PHE A 1 50  ? -1.719  -4.724  11.723  1.00 28.84  ? 50  PHE A CA  1 
ATOM   400  C  C   . PHE A 1 50  ? -2.122  -4.632  10.265  1.00 26.86  ? 50  PHE A C   1 
ATOM   401  O  O   . PHE A 1 50  ? -2.016  -3.579  9.649   1.00 27.91  ? 50  PHE A O   1 
ATOM   402  C  CB  . PHE A 1 50  ? -0.403  -5.495  11.843  1.00 29.34  ? 50  PHE A CB  1 
ATOM   403  C  CG  . PHE A 1 50  ? 0.617   -4.995  10.923  1.00 30.60  ? 50  PHE A CG  1 
ATOM   404  C  CD1 . PHE A 1 50  ? 1.322   -3.860  11.255  1.00 35.87  ? 50  PHE A CD1 1 
ATOM   405  C  CD2 . PHE A 1 50  ? 0.843   -5.612  9.708   1.00 29.34  ? 50  PHE A CD2 1 
ATOM   406  C  CE1 . PHE A 1 50  ? 2.284   -3.362  10.393  1.00 33.43  ? 50  PHE A CE1 1 
ATOM   407  C  CE2 . PHE A 1 50  ? 1.763   -5.111  8.830   1.00 32.01  ? 50  PHE A CE2 1 
ATOM   408  C  CZ  . PHE A 1 50  ? 2.483   -3.970  9.182   1.00 34.52  ? 50  PHE A CZ  1 
ATOM   409  N  N   . PHE A 1 51  ? -2.623  -5.736  9.718   1.00 26.91  ? 51  PHE A N   1 
ATOM   410  C  CA  . PHE A 1 51  ? -3.121  -5.741  8.375   1.00 24.72  ? 51  PHE A CA  1 
ATOM   411  C  C   . PHE A 1 51  ? -4.378  -4.956  8.187   1.00 26.15  ? 51  PHE A C   1 
ATOM   412  O  O   . PHE A 1 51  ? -4.537  -4.327  7.149   1.00 27.31  ? 51  PHE A O   1 
ATOM   413  C  CB  . PHE A 1 51  ? -3.243  -7.164  7.862   1.00 26.22  ? 51  PHE A CB  1 
ATOM   414  C  CG  . PHE A 1 51  ? -1.930  -7.838  7.753   1.00 27.73  ? 51  PHE A CG  1 
ATOM   415  C  CD1 . PHE A 1 51  ? -0.929  -7.255  7.024   1.00 29.61  ? 51  PHE A CD1 1 
ATOM   416  C  CD2 . PHE A 1 51  ? -1.674  -8.993  8.383   1.00 26.22  ? 51  PHE A CD2 1 
ATOM   417  C  CE1 . PHE A 1 51  ? 0.292   -7.820  6.941   1.00 30.79  ? 51  PHE A CE1 1 
ATOM   418  C  CE2 . PHE A 1 51  ? -0.458  -9.593  8.269   1.00 28.67  ? 51  PHE A CE2 1 
ATOM   419  C  CZ  . PHE A 1 51  ? 0.516   -9.012  7.541   1.00 30.80  ? 51  PHE A CZ  1 
ATOM   420  N  N   . LEU A 1 52  ? -5.280  -4.932  9.156   1.00 25.85  ? 52  LEU A N   1 
ATOM   421  C  CA  . LEU A 1 52  ? -6.404  -4.021  9.031   1.00 28.60  ? 52  LEU A CA  1 
ATOM   422  C  C   . LEU A 1 52  ? -5.947  -2.568  8.936   1.00 29.42  ? 52  LEU A C   1 
ATOM   423  O  O   . LEU A 1 52  ? -6.464  -1.806  8.134   1.00 29.71  ? 52  LEU A O   1 
ATOM   424  C  CB  . LEU A 1 52  ? -7.336  -4.082  10.191  1.00 32.40  ? 52  LEU A CB  1 
ATOM   425  C  CG  . LEU A 1 52  ? -8.357  -5.158  10.247  1.00 37.67  ? 52  LEU A CG  1 
ATOM   426  C  CD1 . LEU A 1 52  ? -9.169  -4.862  11.518  1.00 42.79  ? 52  LEU A CD1 1 
ATOM   427  C  CD2 . LEU A 1 52  ? -9.203  -5.134  8.958   1.00 37.45  ? 52  LEU A CD2 1 
ATOM   428  N  N   . LYS A 1 53  ? -4.938  -2.225  9.729   1.00 27.99  ? 53  LYS A N   1 
ATOM   429  C  CA  . LYS A 1 53  ? -4.533  -0.867  9.776   1.00 30.78  ? 53  LYS A CA  1 
ATOM   430  C  C   . LYS A 1 53  ? -3.857  -0.596  8.433   1.00 29.56  ? 53  LYS A C   1 
ATOM   431  O  O   . LYS A 1 53  ? -4.110  0.411   7.805   1.00 29.00  ? 53  LYS A O   1 
ATOM   432  C  CB  . LYS A 1 53  ? -3.531  -0.642  10.890  1.00 33.83  ? 53  LYS A CB  1 
ATOM   433  C  CG  . LYS A 1 53  ? -2.907  0.753   10.864  1.00 44.96  ? 53  LYS A CG  1 
ATOM   434  C  CD  . LYS A 1 53  ? -1.776  0.950   11.859  1.00 56.25  ? 53  LYS A CD  1 
ATOM   435  C  CE  . LYS A 1 53  ? -0.515  0.224   11.376  1.00 63.69  ? 53  LYS A CE  1 
ATOM   436  N  NZ  . LYS A 1 53  ? 0.117   -0.566  12.446  1.00 66.06  ? 53  LYS A NZ  1 
ATOM   437  N  N   . SER A 1 54  ? -3.007  -1.512  8.005   1.00 27.17  ? 54  SER A N   1 
ATOM   438  C  CA  . SER A 1 54  ? -2.403  -1.370  6.690   1.00 29.28  ? 54  SER A CA  1 
ATOM   439  C  C   . SER A 1 54  ? -3.457  -1.271  5.589   1.00 27.81  ? 54  SER A C   1 
ATOM   440  O  O   . SER A 1 54  ? -3.306  -0.468  4.673   1.00 28.94  ? 54  SER A O   1 
ATOM   441  C  CB  . SER A 1 54  ? -1.495  -2.489  6.389   1.00 28.50  ? 54  SER A CB  1 
ATOM   442  O  OG  . SER A 1 54  ? -0.490  -2.584  7.312   1.00 34.03  ? 54  SER A OG  1 
ATOM   443  N  N   . SER A 1 55  ? -4.532  -2.045  5.676   1.00 27.08  ? 55  SER A N   1 
ATOM   444  C  CA  . SER A 1 55  ? -5.594  -1.908  4.699   1.00 25.49  ? 55  SER A CA  1 
ATOM   445  C  C   . SER A 1 55  ? -6.212  -0.526  4.719   1.00 29.86  ? 55  SER A C   1 
ATOM   446  O  O   . SER A 1 55  ? -6.418  0.094   3.693   1.00 28.62  ? 55  SER A O   1 
ATOM   447  C  CB  . SER A 1 55  ? -6.668  -2.943  4.882   1.00 26.98  ? 55  SER A CB  1 
ATOM   448  O  OG  . SER A 1 55  ? -7.748  -2.761  3.979   1.00 24.70  ? 55  SER A OG  1 
ATOM   449  N  N   . SER A 1 56  ? -6.477  -0.021  5.914   1.00 28.00  ? 56  SER A N   1 
ATOM   450  C  CA  . SER A 1 56  ? -7.089  1.265   6.021   1.00 29.71  ? 56  SER A CA  1 
ATOM   451  C  C   . SER A 1 56  ? -6.158  2.381   5.513   1.00 26.56  ? 56  SER A C   1 
ATOM   452  O  O   . SER A 1 56  ? -6.586  3.302   4.855   1.00 29.66  ? 56  SER A O   1 
ATOM   453  C  CB  . SER A 1 56  ? -7.430  1.514   7.516   1.00 29.40  ? 56  SER A CB  1 
ATOM   454  O  OG  . SER A 1 56  ? -7.761  2.847   7.578   1.00 43.21  ? 56  SER A OG  1 
ATOM   455  N  N   . GLU A 1 57  ? -4.886  2.267   5.825   1.00 27.10  ? 57  GLU A N   1 
ATOM   456  C  CA  . GLU A 1 57  ? -3.935  3.220   5.337   1.00 31.63  ? 57  GLU A CA  1 
ATOM   457  C  C   . GLU A 1 57  ? -3.792  3.199   3.827   1.00 28.89  ? 57  GLU A C   1 
ATOM   458  O  O   . GLU A 1 57  ? -3.785  4.240   3.197   1.00 27.52  ? 57  GLU A O   1 
ATOM   459  C  CB  . GLU A 1 57  ? -2.587  2.949   5.971   1.00 33.77  ? 57  GLU A CB  1 
ATOM   460  C  CG  . GLU A 1 57  ? -2.574  3.345   7.442   1.00 40.83  ? 57  GLU A CG  1 
ATOM   461  C  CD  . GLU A 1 57  ? -1.246  2.987   8.136   1.00 49.08  ? 57  GLU A CD  1 
ATOM   462  O  OE1 . GLU A 1 57  ? -0.371  2.284   7.548   1.00 60.87  ? 57  GLU A OE1 1 
ATOM   463  O  OE2 . GLU A 1 57  ? -1.131  3.350   9.309   1.00 54.62  ? 57  GLU A OE2 1 
ATOM   464  N  N   . GLU A 1 58  ? -3.759  1.997   3.248   1.00 26.68  ? 58  GLU A N   1 
ATOM   465  C  CA  . GLU A 1 58  ? -3.782  1.894   1.803   1.00 29.13  ? 58  GLU A CA  1 
ATOM   466  C  C   . GLU A 1 58  ? -5.000  2.517   1.220   1.00 25.84  ? 58  GLU A C   1 
ATOM   467  O  O   . GLU A 1 58  ? -4.903  3.236   0.250   1.00 27.46  ? 58  GLU A O   1 
ATOM   468  C  CB  . GLU A 1 58  ? -3.662  0.468   1.371   1.00 30.88  ? 58  GLU A CB  1 
ATOM   469  C  CG  . GLU A 1 58  ? -2.225  0.030   1.485   1.00 34.42  ? 58  GLU A CG  1 
ATOM   470  C  CD  . GLU A 1 58  ? -1.366  0.733   0.477   1.00 41.24  ? 58  GLU A CD  1 
ATOM   471  O  OE1 . GLU A 1 58  ? -1.917  1.389   -0.435  1.00 43.84  ? 58  GLU A OE1 1 
ATOM   472  O  OE2 . GLU A 1 58  ? -0.176  0.672   0.630   1.00 47.90  ? 58  GLU A OE2 1 
ATOM   473  N  N   . ARG A 1 59  ? -6.147  2.338   1.871   1.00 25.36  ? 59  ARG A N   1 
ATOM   474  C  CA  . ARG A 1 59  ? -7.303  3.023   1.388   1.00 27.48  ? 59  ARG A CA  1 
ATOM   475  C  C   . ARG A 1 59  ? -7.131  4.563   1.408   1.00 28.58  ? 59  ARG A C   1 
ATOM   476  O  O   . ARG A 1 59  ? -7.509  5.294   0.445   1.00 27.94  ? 59  ARG A O   1 
ATOM   477  C  CB  . ARG A 1 59  ? -8.502  2.586   2.127   1.00 26.78  ? 59  ARG A CB  1 
ATOM   478  C  CG  . ARG A 1 59  ? -9.743  3.241   1.626   1.00 33.18  ? 59  ARG A CG  1 
ATOM   479  C  CD  . ARG A 1 59  ? -10.930 2.621   2.266   1.00 35.52  ? 59  ARG A CD  1 
ATOM   480  N  NE  . ARG A 1 59  ? -12.211 3.218   1.842   1.00 35.49  ? 59  ARG A NE  1 
ATOM   481  C  CZ  . ARG A 1 59  ? -12.795 4.234   2.447   1.00 34.64  ? 59  ARG A CZ  1 
ATOM   482  N  NH1 . ARG A 1 59  ? -12.198 4.854   3.481   1.00 36.30  ? 59  ARG A NH1 1 
ATOM   483  N  NH2 . ARG A 1 59  ? -13.980 4.648   2.001   1.00 35.51  ? 59  ARG A NH2 1 
ATOM   484  N  N   . GLU A 1 60  ? -6.556  5.055   2.503   1.00 30.74  ? 60  GLU A N   1 
ATOM   485  C  CA  . GLU A 1 60  ? -6.296  6.462   2.617   1.00 30.79  ? 60  GLU A CA  1 
ATOM   486  C  C   . GLU A 1 60  ? -5.344  6.924   1.529   1.00 27.61  ? 60  GLU A C   1 
ATOM   487  O  O   . GLU A 1 60  ? -5.546  7.989   0.976   1.00 27.80  ? 60  GLU A O   1 
ATOM   488  C  CB  . GLU A 1 60  ? -5.820  6.880   4.014   1.00 35.25  ? 60  GLU A CB  1 
ATOM   489  C  CG  . GLU A 1 60  ? -6.846  6.631   5.120   1.00 44.85  ? 60  GLU A CG  1 
ATOM   490  C  CD  . GLU A 1 60  ? -8.156  7.446   5.035   1.00 63.89  ? 60  GLU A CD  1 
ATOM   491  O  OE1 . GLU A 1 60  ? -8.225  8.497   4.305   1.00 73.18  ? 60  GLU A OE1 1 
ATOM   492  O  OE2 . GLU A 1 60  ? -9.130  7.042   5.745   1.00 70.71  ? 60  GLU A OE2 1 
ATOM   493  N  N   . HIS A 1 61  ? -4.315  6.149   1.249   1.00 28.26  ? 61  HIS A N   1 
ATOM   494  C  CA  . HIS A 1 61  ? -3.420  6.421   0.150   1.00 31.21  ? 61  HIS A CA  1 
ATOM   495  C  C   . HIS A 1 61  ? -4.124  6.524   -1.159  1.00 26.37  ? 61  HIS A C   1 
ATOM   496  O  O   . HIS A 1 61  ? -3.904  7.438   -1.898  1.00 30.10  ? 61  HIS A O   1 
ATOM   497  C  CB  . HIS A 1 61  ? -2.345  5.370   0.014   1.00 36.61  ? 61  HIS A CB  1 
ATOM   498  C  CG  . HIS A 1 61  ? -1.279  5.493   1.045   1.00 49.85  ? 61  HIS A CG  1 
ATOM   499  N  ND1 . HIS A 1 61  ? -0.616  4.391   1.565   1.00 63.07  ? 61  HIS A ND1 1 
ATOM   500  C  CD2 . HIS A 1 61  ? -0.782  6.579   1.676   1.00 54.53  ? 61  HIS A CD2 1 
ATOM   501  C  CE1 . HIS A 1 61  ? 0.219   4.802   2.499   1.00 63.56  ? 61  HIS A CE1 1 
ATOM   502  N  NE2 . HIS A 1 61  ? 0.146   6.124   2.576   1.00 65.45  ? 61  HIS A NE2 1 
ATOM   503  N  N   . ALA A 1 62  ? -5.041  5.628   -1.383  1.00 26.89  ? 62  ALA A N   1 
ATOM   504  C  CA  . ALA A 1 62  ? -5.862  5.710   -2.577  1.00 26.79  ? 62  ALA A CA  1 
ATOM   505  C  C   . ALA A 1 62  ? -6.683  6.972   -2.660  1.00 27.61  ? 62  ALA A C   1 
ATOM   506  O  O   . ALA A 1 62  ? -6.688  7.728   -3.642  1.00 26.08  ? 62  ALA A O   1 
ATOM   507  C  CB  . ALA A 1 62  ? -6.738  4.488   -2.636  1.00 27.48  ? 62  ALA A CB  1 
ATOM   508  N  N   . MET A 1 63  ? -7.313  7.267   -1.546  1.00 25.86  ? 63  MET A N   1 
ATOM   509  C  CA  . MET A 1 63  ? -8.142  8.384   -1.495  1.00 27.44  ? 63  MET A CA  1 
ATOM   510  C  C   . MET A 1 63  ? -7.364  9.648   -1.676  1.00 25.33  ? 63  MET A C   1 
ATOM   511  O  O   . MET A 1 63  ? -7.894  10.589  -2.185  1.00 25.64  ? 63  MET A O   1 
ATOM   512  C  CB  . MET A 1 63  ? -8.895  8.432   -0.157  1.00 30.20  ? 63  MET A CB  1 
ATOM   513  C  CG  . MET A 1 63  ? -9.978  7.364   -0.161  1.00 33.79  ? 63  MET A CG  1 
ATOM   514  S  SD  . MET A 1 63  ? -10.705 7.247   1.488   1.00 41.67  ? 63  MET A SD  1 
ATOM   515  C  CE  . MET A 1 63  ? -11.544 8.781   1.572   1.00 45.37  ? 63  MET A CE  1 
ATOM   516  N  N   . ARG A 1 64  ? -6.142  9.704   -1.175  1.00 24.69  ? 64  ARG A N   1 
ATOM   517  C  CA  . ARG A 1 64  ? -5.407  10.913  -1.310  1.00 25.00  ? 64  ARG A CA  1 
ATOM   518  C  C   . ARG A 1 64  ? -4.969  11.128  -2.779  1.00 25.41  ? 64  ARG A C   1 
ATOM   519  O  O   . ARG A 1 64  ? -4.887  12.274  -3.276  1.00 24.97  ? 64  ARG A O   1 
ATOM   520  C  CB  . ARG A 1 64  ? -4.192  10.829  -0.460  1.00 29.67  ? 64  ARG A CB  1 
ATOM   521  C  CG  . ARG A 1 64  ? -3.402  12.107  -0.454  1.00 34.21  ? 64  ARG A CG  1 
ATOM   522  C  CD  . ARG A 1 64  ? -2.084  11.898  0.266   1.00 40.50  ? 64  ARG A CD  1 
ATOM   523  N  NE  . ARG A 1 64  ? -2.324  11.610  1.675   1.00 46.42  ? 64  ARG A NE  1 
ATOM   524  C  CZ  . ARG A 1 64  ? -2.507  12.528  2.633   1.00 56.13  ? 64  ARG A CZ  1 
ATOM   525  N  NH1 . ARG A 1 64  ? -2.476  13.858  2.374   1.00 54.94  ? 64  ARG A NH1 1 
ATOM   526  N  NH2 . ARG A 1 64  ? -2.716  12.105  3.879   1.00 52.85  ? 64  ARG A NH2 1 
ATOM   527  N  N   . LEU A 1 65  ? -4.796  10.027  -3.478  1.00 26.84  ? 65  LEU A N   1 
ATOM   528  C  CA  . LEU A 1 65  ? -4.500  10.127  -4.901  1.00 26.39  ? 65  LEU A CA  1 
ATOM   529  C  C   . LEU A 1 65  ? -5.744  10.484  -5.656  1.00 28.58  ? 65  LEU A C   1 
ATOM   530  O  O   . LEU A 1 65  ? -5.702  11.272  -6.587  1.00 27.34  ? 65  LEU A O   1 
ATOM   531  C  CB  . LEU A 1 65  ? -4.021  8.832   -5.390  1.00 27.80  ? 65  LEU A CB  1 
ATOM   532  C  CG  . LEU A 1 65  ? -2.520  8.672   -5.135  1.00 29.50  ? 65  LEU A CG  1 
ATOM   533  C  CD1 . LEU A 1 65  ? -2.280  7.194   -5.031  1.00 33.24  ? 65  LEU A CD1 1 
ATOM   534  C  CD2 . LEU A 1 65  ? -1.659  9.342   -6.187  1.00 30.20  ? 65  LEU A CD2 1 
ATOM   535  N  N   . ILE A 1 66  ? -6.879  9.973   -5.210  1.00 27.01  ? 66  ILE A N   1 
ATOM   536  C  CA  . ILE A 1 66  ? -8.130  10.431  -5.803  1.00 25.07  ? 66  ILE A CA  1 
ATOM   537  C  C   . ILE A 1 66  ? -8.295  11.910  -5.666  1.00 27.80  ? 66  ILE A C   1 
ATOM   538  O  O   . ILE A 1 66  ? -8.633  12.608  -6.633  1.00 28.13  ? 66  ILE A O   1 
ATOM   539  C  CB  . ILE A 1 66  ? -9.326  9.713   -5.224  1.00 26.02  ? 66  ILE A CB  1 
ATOM   540  C  CG1 . ILE A 1 66  ? -9.262  8.255   -5.610  1.00 26.92  ? 66  ILE A CG1 1 
ATOM   541  C  CG2 . ILE A 1 66  ? -10.628 10.334  -5.613  1.00 27.45  ? 66  ILE A CG2 1 
ATOM   542  C  CD1 . ILE A 1 66  ? -10.035 7.367   -4.714  1.00 28.84  ? 66  ILE A CD1 1 
ATOM   543  N  N   . LYS A 1 67  ? -8.068  12.386  -4.440  1.00 27.42  ? 67  LYS A N   1 
ATOM   544  C  CA  . LYS A 1 67  ? -8.118  13.791  -4.221  1.00 27.18  ? 67  LYS A CA  1 
ATOM   545  C  C   . LYS A 1 67  ? -7.173  14.562  -5.093  1.00 24.84  ? 67  LYS A C   1 
ATOM   546  O  O   . LYS A 1 67  ? -7.536  15.593  -5.626  1.00 24.16  ? 67  LYS A O   1 
ATOM   547  C  CB  . LYS A 1 67  ? -7.813  14.118  -2.770  1.00 27.29  ? 67  LYS A CB  1 
ATOM   548  C  CG  . LYS A 1 67  ? -7.928  15.524  -2.368  1.00 33.61  ? 67  LYS A CG  1 
ATOM   549  C  CD  . LYS A 1 67  ? -9.379  15.896  -2.450  1.00 41.22  ? 67  LYS A CD  1 
ATOM   550  C  CE  . LYS A 1 67  ? -9.694  17.180  -1.744  1.00 50.64  ? 67  LYS A CE  1 
ATOM   551  N  NZ  . LYS A 1 67  ? -11.191 17.259  -1.783  1.00 46.35  ? 67  LYS A NZ  1 
ATOM   552  N  N   . PHE A 1 68  ? -5.959  14.084  -5.187  1.00 25.91  ? 68  PHE A N   1 
ATOM   553  C  CA  . PHE A 1 68  ? -4.973  14.732  -5.998  1.00 26.78  ? 68  PHE A CA  1 
ATOM   554  C  C   . PHE A 1 68  ? -5.388  14.823  -7.439  1.00 24.88  ? 68  PHE A C   1 
ATOM   555  O  O   . PHE A 1 68  ? -5.320  15.867  -8.055  1.00 26.32  ? 68  PHE A O   1 
ATOM   556  C  CB  . PHE A 1 68  ? -3.637  13.989  -5.852  1.00 26.89  ? 68  PHE A CB  1 
ATOM   557  C  CG  . PHE A 1 68  ? -2.575  14.459  -6.812  1.00 27.67  ? 68  PHE A CG  1 
ATOM   558  C  CD1 . PHE A 1 68  ? -1.760  15.507  -6.486  1.00 28.05  ? 68  PHE A CD1 1 
ATOM   559  C  CD2 . PHE A 1 68  ? -2.417  13.842  -8.022  1.00 27.72  ? 68  PHE A CD2 1 
ATOM   560  C  CE1 . PHE A 1 68  ? -0.811  15.941  -7.370  1.00 32.32  ? 68  PHE A CE1 1 
ATOM   561  C  CE2 . PHE A 1 68  ? -1.474  14.265  -8.924  1.00 29.25  ? 68  PHE A CE2 1 
ATOM   562  C  CZ  . PHE A 1 68  ? -0.638  15.310  -8.577  1.00 30.23  ? 68  PHE A CZ  1 
ATOM   563  N  N   . GLN A 1 69  ? -5.961  13.763  -7.919  1.00 25.98  ? 69  GLN A N   1 
ATOM   564  C  CA  . GLN A 1 69  ? -6.431  13.739  -9.272  1.00 28.29  ? 69  GLN A CA  1 
ATOM   565  C  C   . GLN A 1 69  ? -7.403  14.861  -9.467  1.00 27.35  ? 69  GLN A C   1 
ATOM   566  O  O   . GLN A 1 69  ? -7.317  15.658  -10.440 1.00 27.02  ? 69  GLN A O   1 
ATOM   567  C  CB  . GLN A 1 69  ? -7.130  12.382  -9.542  1.00 28.03  ? 69  GLN A CB  1 
ATOM   568  C  CG  . GLN A 1 69  ? -7.609  12.208  -10.971 1.00 30.58  ? 69  GLN A CG  1 
ATOM   569  C  CD  . GLN A 1 69  ? -6.431  11.867  -11.896 1.00 29.46  ? 69  GLN A CD  1 
ATOM   570  O  OE1 . GLN A 1 69  ? -5.654  12.761  -12.225 1.00 29.51  ? 69  GLN A OE1 1 
ATOM   571  N  NE2 . GLN A 1 69  ? -6.256  10.563  -12.244 1.00 29.21  ? 69  GLN A NE2 1 
ATOM   572  N  N   . ASN A 1 70  ? -8.347  14.979  -8.534  1.00 26.94  ? 70  ASN A N   1 
ATOM   573  C  CA  . ASN A 1 70  ? -9.301  16.043  -8.653  1.00 25.39  ? 70  ASN A CA  1 
ATOM   574  C  C   . ASN A 1 70  ? -8.701  17.395  -8.434  1.00 27.39  ? 70  ASN A C   1 
ATOM   575  O  O   . ASN A 1 70  ? -9.091  18.347  -9.115  1.00 29.58  ? 70  ASN A O   1 
ATOM   576  C  CB  . ASN A 1 70  ? -10.539 15.858  -7.763  1.00 26.34  ? 70  ASN A CB  1 
ATOM   577  C  CG  . ASN A 1 70  ? -11.582 14.986  -8.414  1.00 29.71  ? 70  ASN A CG  1 
ATOM   578  O  OD1 . ASN A 1 70  ? -11.752 15.066  -9.607  1.00 31.25  ? 70  ASN A OD1 1 
ATOM   579  N  ND2 . ASN A 1 70  ? -12.247 14.146  -7.648  1.00 29.44  ? 70  ASN A ND2 1 
ATOM   580  N  N   A GLN A 1 71  ? -7.721  17.506  -7.553  0.50 27.94  ? 71  GLN A N   1 
ATOM   581  N  N   B GLN A 1 71  ? -7.728  17.480  -7.539  0.50 28.09  ? 71  GLN A N   1 
ATOM   582  C  CA  A GLN A 1 71  ? -7.166  18.808  -7.274  0.50 28.25  ? 71  GLN A CA  1 
ATOM   583  C  CA  B GLN A 1 71  ? -7.104  18.740  -7.239  0.50 28.33  ? 71  GLN A CA  1 
ATOM   584  C  C   A GLN A 1 71  ? -6.387  19.309  -8.485  0.50 28.67  ? 71  GLN A C   1 
ATOM   585  C  C   B GLN A 1 71  ? -6.471  19.277  -8.515  0.50 28.54  ? 71  GLN A C   1 
ATOM   586  O  O   A GLN A 1 71  ? -6.254  20.523  -8.673  0.50 29.29  ? 71  GLN A O   1 
ATOM   587  O  O   B GLN A 1 71  ? -6.555  20.465  -8.803  0.50 29.28  ? 71  GLN A O   1 
ATOM   588  C  CB  A GLN A 1 71  ? -6.282  18.778  -6.056  0.50 29.32  ? 71  GLN A CB  1 
ATOM   589  C  CB  B GLN A 1 71  ? -6.029  18.578  -6.197  0.50 29.84  ? 71  GLN A CB  1 
ATOM   590  C  CG  A GLN A 1 71  ? -7.014  18.535  -4.714  0.50 30.24  ? 71  GLN A CG  1 
ATOM   591  C  CG  B GLN A 1 71  ? -6.466  18.400  -4.734  0.50 33.61  ? 71  GLN A CG  1 
ATOM   592  C  CD  A GLN A 1 71  ? -7.785  19.712  -4.189  0.50 32.77  ? 71  GLN A CD  1 
ATOM   593  C  CD  B GLN A 1 71  ? -5.270  18.353  -3.798  0.50 32.57  ? 71  GLN A CD  1 
ATOM   594  O  OE1 A GLN A 1 71  ? -9.031  19.710  -4.243  0.50 30.07  ? 71  GLN A OE1 1 
ATOM   595  O  OE1 B GLN A 1 71  ? -4.639  17.295  -3.556  0.50 35.22  ? 71  GLN A OE1 1 
ATOM   596  N  NE2 A GLN A 1 71  ? -7.071  20.722  -3.610  0.50 33.65  ? 71  GLN A NE2 1 
ATOM   597  N  NE2 B GLN A 1 71  ? -4.954  19.517  -3.246  0.50 32.90  ? 71  GLN A NE2 1 
ATOM   598  N  N   . ARG A 1 72  ? -5.858  18.375  -9.268  1.00 29.67  ? 72  ARG A N   1 
ATOM   599  C  CA  . ARG A 1 72  ? -5.114  18.733  -10.505 1.00 31.61  ? 72  ARG A CA  1 
ATOM   600  C  C   . ARG A 1 72  ? -5.999  18.819  -11.735 1.00 29.67  ? 72  ARG A C   1 
ATOM   601  O  O   . ARG A 1 72  ? -5.553  19.206  -12.781 1.00 28.39  ? 72  ARG A O   1 
ATOM   602  C  CB  . ARG A 1 72  ? -3.980  17.728  -10.726 1.00 28.35  ? 72  ARG A CB  1 
ATOM   603  C  CG  . ARG A 1 72  ? -2.880  17.773  -9.682  1.00 28.18  ? 72  ARG A CG  1 
ATOM   604  C  CD  . ARG A 1 72  ? -2.273  19.151  -9.543  1.00 28.53  ? 72  ARG A CD  1 
ATOM   605  N  NE  . ARG A 1 72  ? -1.678  19.503  -10.810 1.00 28.76  ? 72  ARG A NE  1 
ATOM   606  C  CZ  . ARG A 1 72  ? -0.466  19.189  -11.230 1.00 27.99  ? 72  ARG A CZ  1 
ATOM   607  N  NH1 . ARG A 1 72  ? 0.358   18.439  -10.498 1.00 26.11  ? 72  ARG A NH1 1 
ATOM   608  N  NH2 . ARG A 1 72  ? -0.148  19.579  -12.475 1.00 29.04  ? 72  ARG A NH2 1 
ATOM   609  N  N   . GLY A 1 73  ? -7.242  18.501  -11.571 1.00 27.89  ? 73  GLY A N   1 
ATOM   610  C  CA  . GLY A 1 73  ? -8.198  18.635  -12.616 1.00 35.16  ? 73  GLY A CA  1 
ATOM   611  C  C   . GLY A 1 73  ? -8.159  17.460  -13.569 1.00 33.19  ? 73  GLY A C   1 
ATOM   612  O  O   . GLY A 1 73  ? -8.751  17.527  -14.640 1.00 32.31  ? 73  GLY A O   1 
ATOM   613  N  N   . GLY A 1 74  ? -7.530  16.359  -13.167 1.00 31.30  ? 74  GLY A N   1 
ATOM   614  C  CA  . GLY A 1 74  ? -7.705  15.119  -13.842 1.00 31.30  ? 74  GLY A CA  1 
ATOM   615  C  C   . GLY A 1 74  ? -9.038  14.504  -13.551 1.00 33.30  ? 74  GLY A C   1 
ATOM   616  O  O   . GLY A 1 74  ? -9.826  15.028  -12.798 1.00 34.03  ? 74  GLY A O   1 
ATOM   617  N  N   . ARG A 1 75  ? -9.266  13.347  -14.133 1.00 30.03  ? 75  ARG A N   1 
ATOM   618  C  CA  . ARG A 1 75  ? -10.526 12.684  -13.956 1.00 32.84  ? 75  ARG A CA  1 
ATOM   619  C  C   . ARG A 1 75  ? -10.237 11.326  -13.454 1.00 30.63  ? 75  ARG A C   1 
ATOM   620  O  O   . ARG A 1 75  ? -9.505  10.602  -14.047 1.00 30.02  ? 75  ARG A O   1 
ATOM   621  C  CB  . ARG A 1 75  ? -11.274 12.654  -15.236 1.00 35.88  ? 75  ARG A CB  1 
ATOM   622  C  CG  . ARG A 1 75  ? -11.679 14.063  -15.618 1.00 39.22  ? 75  ARG A CG  1 
ATOM   623  C  CD  . ARG A 1 75  ? -12.801 14.645  -14.754 1.00 35.73  ? 75  ARG A CD  1 
ATOM   624  N  NE  . ARG A 1 75  ? -13.005 16.055  -15.104 1.00 38.38  ? 75  ARG A NE  1 
ATOM   625  C  CZ  . ARG A 1 75  ? -12.595 17.115  -14.391 1.00 42.05  ? 75  ARG A CZ  1 
ATOM   626  N  NH1 . ARG A 1 75  ? -11.882 16.973  -13.251 1.00 40.72  ? 75  ARG A NH1 1 
ATOM   627  N  NH2 . ARG A 1 75  ? -12.881 18.336  -14.838 1.00 42.19  ? 75  ARG A NH2 1 
ATOM   628  N  N   . VAL A 1 76  ? -10.751 11.025  -12.255 1.00 26.17  ? 76  VAL A N   1 
ATOM   629  C  CA  . VAL A 1 76  ? -10.577 9.774   -11.680 1.00 27.17  ? 76  VAL A CA  1 
ATOM   630  C  C   . VAL A 1 76  ? -11.346 8.771   -12.524 1.00 28.16  ? 76  VAL A C   1 
ATOM   631  O  O   . VAL A 1 76  ? -12.523 8.943   -12.797 1.00 31.57  ? 76  VAL A O   1 
ATOM   632  C  CB  . VAL A 1 76  ? -11.211 9.741   -10.298 1.00 28.45  ? 76  VAL A CB  1 
ATOM   633  C  CG1 . VAL A 1 76  ? -10.983 8.422   -9.656  1.00 30.74  ? 76  VAL A CG1 1 
ATOM   634  C  CG2 . VAL A 1 76  ? -10.509 10.803  -9.444  1.00 30.29  ? 76  VAL A CG2 1 
ATOM   635  N  N   . VAL A 1 77  ? -10.703 7.685   -12.792 1.00 29.83  ? 77  VAL A N   1 
ATOM   636  C  CA  . VAL A 1 77  ? -11.363 6.584   -13.494 1.00 28.64  ? 77  VAL A CA  1 
ATOM   637  C  C   . VAL A 1 77  ? -11.008 5.325   -12.742 1.00 26.30  ? 77  VAL A C   1 
ATOM   638  O  O   . VAL A 1 77  ? -9.843  4.950   -12.550 1.00 28.41  ? 77  VAL A O   1 
ATOM   639  C  CB  . VAL A 1 77  ? -10.845 6.482   -14.955 1.00 29.21  ? 77  VAL A CB  1 
ATOM   640  C  CG1 . VAL A 1 77  ? -11.574 5.311   -15.636 1.00 33.84  ? 77  VAL A CG1 1 
ATOM   641  C  CG2 . VAL A 1 77  ? -11.151 7.774   -15.646 1.00 30.65  ? 77  VAL A CG2 1 
ATOM   642  N  N   . TYR A 1 78  ? -12.028 4.696   -12.235 1.00 27.39  ? 78  TYR A N   1 
ATOM   643  C  CA  . TYR A 1 78  ? -11.824 3.532   -11.458 1.00 28.05  ? 78  TYR A CA  1 
ATOM   644  C  C   . TYR A 1 78  ? -11.790 2.314   -12.378 1.00 30.06  ? 78  TYR A C   1 
ATOM   645  O  O   . TYR A 1 78  ? -12.403 2.313   -13.402 1.00 30.07  ? 78  TYR A O   1 
ATOM   646  C  CB  . TYR A 1 78  ? -12.968 3.406   -10.500 1.00 27.10  ? 78  TYR A CB  1 
ATOM   647  C  CG  . TYR A 1 78  ? -12.932 4.522   -9.506  1.00 28.85  ? 78  TYR A CG  1 
ATOM   648  C  CD1 . TYR A 1 78  ? -12.039 4.497   -8.450  1.00 31.13  ? 78  TYR A CD1 1 
ATOM   649  C  CD2 . TYR A 1 78  ? -13.752 5.612   -9.646  1.00 28.87  ? 78  TYR A CD2 1 
ATOM   650  C  CE1 . TYR A 1 78  ? -12.000 5.514   -7.509  1.00 31.47  ? 78  TYR A CE1 1 
ATOM   651  C  CE2 . TYR A 1 78  ? -13.700 6.645   -8.715  1.00 30.52  ? 78  TYR A CE2 1 
ATOM   652  C  CZ  . TYR A 1 78  ? -12.871 6.574   -7.628  1.00 30.63  ? 78  TYR A CZ  1 
ATOM   653  O  OH  . TYR A 1 78  ? -12.859 7.645   -6.764  1.00 30.24  ? 78  TYR A OH  1 
ATOM   654  N  N   . GLN A 1 79  ? -11.094 1.313   -11.923 1.00 28.71  ? 79  GLN A N   1 
ATOM   655  C  CA  . GLN A 1 79  ? -11.083 -0.024  -12.503 1.00 29.16  ? 79  GLN A CA  1 
ATOM   656  C  C   . GLN A 1 79  ? -11.433 -0.983  -11.390 1.00 31.69  ? 79  GLN A C   1 
ATOM   657  O  O   . GLN A 1 79  ? -11.448 -0.626  -10.183 1.00 28.62  ? 79  GLN A O   1 
ATOM   658  C  CB  . GLN A 1 79  ? -9.675  -0.288  -12.986 1.00 30.56  ? 79  GLN A CB  1 
ATOM   659  C  CG  . GLN A 1 79  ? -9.250  0.709   -14.078 1.00 34.83  ? 79  GLN A CG  1 
ATOM   660  C  CD  . GLN A 1 79  ? -10.227 0.759   -15.277 1.00 39.80  ? 79  GLN A CD  1 
ATOM   661  O  OE1 . GLN A 1 79  ? -10.902 -0.242  -15.567 1.00 40.75  ? 79  GLN A OE1 1 
ATOM   662  N  NE2 . GLN A 1 79  ? -10.353 1.940   -15.932 1.00 37.11  ? 79  GLN A NE2 1 
ATOM   663  N  N   . ASP A 1 80  ? -11.750 -2.196  -11.764 1.00 28.78  ? 80  ASP A N   1 
ATOM   664  C  CA  . ASP A 1 80  ? -11.901 -3.268  -10.804 1.00 30.78  ? 80  ASP A CA  1 
ATOM   665  C  C   . ASP A 1 80  ? -10.728 -3.324  -9.865  1.00 30.03  ? 80  ASP A C   1 
ATOM   666  O  O   . ASP A 1 80  ? -9.569  -3.143  -10.219 1.00 29.70  ? 80  ASP A O   1 
ATOM   667  C  CB  . ASP A 1 80  ? -11.964 -4.605  -11.479 1.00 31.73  ? 80  ASP A CB  1 
ATOM   668  C  CG  . ASP A 1 80  ? -13.131 -4.743  -12.389 1.00 36.95  ? 80  ASP A CG  1 
ATOM   669  O  OD1 . ASP A 1 80  ? -14.094 -3.924  -12.476 1.00 34.44  ? 80  ASP A OD1 1 
ATOM   670  O  OD2 . ASP A 1 80  ? -13.071 -5.749  -13.092 1.00 36.54  ? 80  ASP A OD2 1 
ATOM   671  N  N   . ILE A 1 81  ? -11.045 -3.598  -8.630  1.00 26.00  ? 81  ILE A N   1 
ATOM   672  C  CA  . ILE A 1 81  ? -10.049 -3.925  -7.678  1.00 28.74  ? 81  ILE A CA  1 
ATOM   673  C  C   . ILE A 1 81  ? -10.007 -5.405  -7.682  1.00 30.42  ? 81  ILE A C   1 
ATOM   674  O  O   . ILE A 1 81  ? -10.954 -6.074  -7.282  1.00 30.55  ? 81  ILE A O   1 
ATOM   675  C  CB  . ILE A 1 81  ? -10.398 -3.372  -6.273  1.00 28.85  ? 81  ILE A CB  1 
ATOM   676  C  CG1 . ILE A 1 81  ? -10.698 -1.886  -6.418  1.00 30.23  ? 81  ILE A CG1 1 
ATOM   677  C  CG2 . ILE A 1 81  ? -9.239  -3.638  -5.321  1.00 30.59  ? 81  ILE A CG2 1 
ATOM   678  C  CD1 . ILE A 1 81  ? -11.416 -1.389  -5.159  1.00 34.55  ? 81  ILE A CD1 1 
ATOM   679  N  N   . LYS A 1 82  ? -8.897  -5.926  -8.156  1.00 31.65  ? 82  LYS A N   1 
ATOM   680  C  CA  . LYS A 1 82  ? -8.773  -7.351  -8.344  1.00 35.29  ? 82  LYS A CA  1 
ATOM   681  C  C   . LYS A 1 82  ? -8.655  -7.983  -7.045  1.00 33.90  ? 82  LYS A C   1 
ATOM   682  O  O   . LYS A 1 82  ? -8.066  -7.429  -6.131  1.00 32.02  ? 82  LYS A O   1 
ATOM   683  C  CB  . LYS A 1 82  ? -7.536  -7.671  -9.187  1.00 34.47  ? 82  LYS A CB  1 
ATOM   684  C  CG  . LYS A 1 82  ? -7.589  -7.015  -10.557 1.00 39.06  ? 82  LYS A CG  1 
ATOM   685  C  CD  . LYS A 1 82  ? -8.699  -7.473  -11.439 1.00 45.33  ? 82  LYS A CD  1 
ATOM   686  C  CE  . LYS A 1 82  ? -8.527  -8.895  -11.936 1.00 59.92  ? 82  LYS A CE  1 
ATOM   687  N  NZ  . LYS A 1 82  ? -9.777  -9.296  -12.675 1.00 59.15  ? 82  LYS A NZ  1 
ATOM   688  N  N   . LYS A 1 83  ? -9.221  -9.155  -6.922  1.00 29.14  ? 83  LYS A N   1 
ATOM   689  C  CA  . LYS A 1 83  ? -8.971  -9.924  -5.749  1.00 31.49  ? 83  LYS A CA  1 
ATOM   690  C  C   . LYS A 1 83  ? -7.540  -10.263 -5.517  1.00 31.83  ? 83  LYS A C   1 
ATOM   691  O  O   . LYS A 1 83  ? -6.774  -10.374 -6.435  1.00 32.27  ? 83  LYS A O   1 
ATOM   692  C  CB  . LYS A 1 83  ? -9.822  -11.145 -5.644  1.00 35.13  ? 83  LYS A CB  1 
ATOM   693  C  CG  . LYS A 1 83  ? -9.508  -12.233 -6.577  1.00 38.88  ? 83  LYS A CG  1 
ATOM   694  C  CD  . LYS A 1 83  ? -10.470 -13.333 -6.244  1.00 47.12  ? 83  LYS A CD  1 
ATOM   695  C  CE  . LYS A 1 83  ? -10.320 -14.483 -7.234  1.00 58.51  ? 83  LYS A CE  1 
ATOM   696  N  NZ  . LYS A 1 83  ? -9.012  -15.174 -7.017  1.00 64.75  ? 83  LYS A NZ  1 
ATOM   697  N  N   . PRO A 1 84  ? -7.158  -10.397 -4.263  1.00 30.81  ? 84  PRO A N   1 
ATOM   698  C  CA  . PRO A 1 84  ? -5.770  -10.728 -4.005  1.00 33.62  ? 84  PRO A CA  1 
ATOM   699  C  C   . PRO A 1 84  ? -5.395  -12.109 -4.532  1.00 36.17  ? 84  PRO A C   1 
ATOM   700  O  O   . PRO A 1 84  ? -6.286  -12.901 -4.839  1.00 31.92  ? 84  PRO A O   1 
ATOM   701  C  CB  . PRO A 1 84  ? -5.708  -10.791 -2.496  1.00 34.06  ? 84  PRO A CB  1 
ATOM   702  C  CG  . PRO A 1 84  ? -6.815  -9.955  -2.038  1.00 33.42  ? 84  PRO A CG  1 
ATOM   703  C  CD  . PRO A 1 84  ? -7.899  -10.159 -3.003  1.00 33.31  ? 84  PRO A CD  1 
ATOM   704  N  N   . GLU A 1 85  ? -4.093  -12.357 -4.602  1.00 36.13  ? 85  GLU A N   1 
ATOM   705  C  CA  . GLU A 1 85  ? -3.589  -13.565 -5.223  1.00 36.29  ? 85  GLU A CA  1 
ATOM   706  C  C   . GLU A 1 85  ? -3.900  -14.791 -4.423  1.00 38.17  ? 85  GLU A C   1 
ATOM   707  O  O   . GLU A 1 85  ? -3.994  -15.856 -4.945  1.00 37.98  ? 85  GLU A O   1 
ATOM   708  C  CB  . GLU A 1 85  ? -2.085  -13.446 -5.423  1.00 42.00  ? 85  GLU A CB  1 
ATOM   709  C  CG  . GLU A 1 85  ? -1.754  -12.454 -6.544  1.00 46.91  ? 85  GLU A CG  1 
ATOM   710  C  CD  . GLU A 1 85  ? -2.289  -12.939 -7.924  1.00 52.95  ? 85  GLU A CD  1 
ATOM   711  O  OE1 . GLU A 1 85  ? -1.873  -14.049 -8.349  1.00 51.52  ? 85  GLU A OE1 1 
ATOM   712  O  OE2 . GLU A 1 85  ? -3.158  -12.267 -8.567  1.00 43.42  ? 85  GLU A OE2 1 
ATOM   713  N  N   . LYS A 1 86  ? -4.042  -14.675 -3.128  1.00 31.36  ? 86  LYS A N   1 
ATOM   714  C  CA  . LYS A 1 86  ? -4.248  -15.860 -2.305  1.00 34.01  ? 86  LYS A CA  1 
ATOM   715  C  C   . LYS A 1 86  ? -5.478  -15.670 -1.484  1.00 34.72  ? 86  LYS A C   1 
ATOM   716  O  O   . LYS A 1 86  ? -5.838  -14.534 -1.173  1.00 34.83  ? 86  LYS A O   1 
ATOM   717  C  CB  . LYS A 1 86  ? -3.061  -16.046 -1.365  1.00 37.92  ? 86  LYS A CB  1 
ATOM   718  C  CG  . LYS A 1 86  ? -1.702  -16.170 -2.039  1.00 43.95  ? 86  LYS A CG  1 
ATOM   719  C  CD  . LYS A 1 86  ? -0.673  -16.576 -1.010  1.00 50.41  ? 86  LYS A CD  1 
ATOM   720  C  CE  . LYS A 1 86  ? 0.740   -16.645 -1.579  1.00 66.96  ? 86  LYS A CE  1 
ATOM   721  N  NZ  . LYS A 1 86  ? 1.759   -16.322 -0.537  1.00 63.30  ? 86  LYS A NZ  1 
ATOM   722  N  N   . ASP A 1 87  ? -6.103  -16.779 -1.088  1.00 32.32  ? 87  ASP A N   1 
ATOM   723  C  CA  . ASP A 1 87  ? -7.202  -16.756 -0.141  1.00 33.33  ? 87  ASP A CA  1 
ATOM   724  C  C   . ASP A 1 87  ? -6.750  -16.984 1.259   1.00 33.70  ? 87  ASP A C   1 
ATOM   725  O  O   . ASP A 1 87  ? -7.520  -16.772 2.199   1.00 31.95  ? 87  ASP A O   1 
ATOM   726  C  CB  . ASP A 1 87  ? -8.233  -17.818 -0.497  1.00 37.91  ? 87  ASP A CB  1 
ATOM   727  C  CG  . ASP A 1 87  ? -8.904  -17.538 -1.806  1.00 40.48  ? 87  ASP A CG  1 
ATOM   728  O  OD1 . ASP A 1 87  ? -9.231  -16.364 -2.153  1.00 39.39  ? 87  ASP A OD1 1 
ATOM   729  O  OD2 . ASP A 1 87  ? -9.071  -18.520 -2.521  1.00 47.44  ? 87  ASP A OD2 1 
ATOM   730  N  N   . ALA A 1 88  ? -5.542  -17.503 1.396   1.00 31.56  ? 88  ALA A N   1 
ATOM   731  C  CA  . ALA A 1 88  ? -4.989  -17.880 2.671   1.00 30.54  ? 88  ALA A CA  1 
ATOM   732  C  C   . ALA A 1 88  ? -3.544  -17.506 2.559   1.00 35.97  ? 88  ALA A C   1 
ATOM   733  O  O   . ALA A 1 88  ? -2.922  -17.760 1.551   1.00 32.96  ? 88  ALA A O   1 
ATOM   734  C  CB  . ALA A 1 88  ? -5.166  -19.349 2.972   1.00 34.50  ? 88  ALA A CB  1 
ATOM   735  N  N   . TRP A 1 89  ? -3.011  -16.845 3.570   1.00 29.20  ? 89  TRP A N   1 
ATOM   736  C  CA  . TRP A 1 89  ? -1.725  -16.188 3.423   1.00 31.13  ? 89  TRP A CA  1 
ATOM   737  C  C   . TRP A 1 89  ? -0.626  -16.872 4.175   1.00 31.55  ? 89  TRP A C   1 
ATOM   738  O  O   . TRP A 1 89  ? 0.441   -16.347 4.271   1.00 33.44  ? 89  TRP A O   1 
ATOM   739  C  CB  . TRP A 1 89  ? -1.876  -14.779 3.878   1.00 30.80  ? 89  TRP A CB  1 
ATOM   740  C  CG  . TRP A 1 89  ? -2.795  -14.064 3.022   1.00 28.65  ? 89  TRP A CG  1 
ATOM   741  C  CD1 . TRP A 1 89  ? -4.083  -13.864 3.232   1.00 28.26  ? 89  TRP A CD1 1 
ATOM   742  C  CD2 . TRP A 1 89  ? -2.479  -13.463 1.794   1.00 27.40  ? 89  TRP A CD2 1 
ATOM   743  N  NE1 . TRP A 1 89  ? -4.627  -13.136 2.221   1.00 30.01  ? 89  TRP A NE1 1 
ATOM   744  C  CE2 . TRP A 1 89  ? -3.653  -12.914 1.296   1.00 26.96  ? 89  TRP A CE2 1 
ATOM   745  C  CE3 . TRP A 1 89  ? -1.311  -13.377 1.038   1.00 31.07  ? 89  TRP A CE3 1 
ATOM   746  C  CZ2 . TRP A 1 89  ? -3.703  -12.241 0.098   1.00 31.18  ? 89  TRP A CZ2 1 
ATOM   747  C  CZ3 . TRP A 1 89  ? -1.355  -12.715 -0.158  1.00 30.48  ? 89  TRP A CZ3 1 
ATOM   748  C  CH2 . TRP A 1 89  ? -2.517  -12.163 -0.627  1.00 29.48  ? 89  TRP A CH2 1 
ATOM   749  N  N   . GLY A 1 90  ? -0.929  -18.015 4.775   1.00 31.89  ? 90  GLY A N   1 
ATOM   750  C  CA  . GLY A 1 90  ? 0.035   -18.790 5.480   1.00 31.39  ? 90  GLY A CA  1 
ATOM   751  C  C   . GLY A 1 90  ? 0.321   -18.288 6.868   1.00 31.13  ? 90  GLY A C   1 
ATOM   752  O  O   . GLY A 1 90  ? -0.565  -17.831 7.523   1.00 32.24  ? 90  GLY A O   1 
ATOM   753  N  N   . THR A 1 91  ? 1.552   -18.421 7.298   1.00 29.97  ? 91  THR A N   1 
ATOM   754  C  CA  . THR A 1 91  ? 1.981   -17.996 8.594   1.00 31.11  ? 91  THR A CA  1 
ATOM   755  C  C   . THR A 1 91  ? 2.190   -16.539 8.528   1.00 30.37  ? 91  THR A C   1 
ATOM   756  O  O   . THR A 1 91  ? 2.105   -15.915 7.454   1.00 30.04  ? 91  THR A O   1 
ATOM   757  C  CB  . THR A 1 91  ? 3.357   -18.600 8.961   1.00 34.97  ? 91  THR A CB  1 
ATOM   758  O  OG1 . THR A 1 91  ? 4.286   -18.154 7.998   1.00 31.30  ? 91  THR A OG1 1 
ATOM   759  C  CG2 . THR A 1 91  ? 3.299   -20.170 8.930   1.00 38.09  ? 91  THR A CG2 1 
ATOM   760  N  N   . LEU A 1 92  ? 2.451   -15.965 9.675   1.00 29.93  ? 92  LEU A N   1 
ATOM   761  C  CA  . LEU A 1 92  ? 2.711   -14.537 9.754   1.00 29.66  ? 92  LEU A CA  1 
ATOM   762  C  C   . LEU A 1 92  ? 3.906   -14.198 8.901   1.00 29.34  ? 92  LEU A C   1 
ATOM   763  O  O   . LEU A 1 92  ? 3.902   -13.213 8.231   1.00 27.85  ? 92  LEU A O   1 
ATOM   764  C  CB  . LEU A 1 92  ? 2.865   -14.125 11.204  1.00 32.44  ? 92  LEU A CB  1 
ATOM   765  C  CG  . LEU A 1 92  ? 2.937   -12.653 11.461  1.00 32.29  ? 92  LEU A CG  1 
ATOM   766  C  CD1 . LEU A 1 92  ? 1.929   -11.882 10.650  1.00 35.05  ? 92  LEU A CD1 1 
ATOM   767  C  CD2 . LEU A 1 92  ? 2.835   -12.365 12.942  1.00 36.70  ? 92  LEU A CD2 1 
ATOM   768  N  N   . THR A 1 93  ? 4.930   -15.038 8.891   1.00 30.24  ? 93  THR A N   1 
ATOM   769  C  CA  . THR A 1 93  ? 6.056   -14.803 8.020   1.00 33.43  ? 93  THR A CA  1 
ATOM   770  C  C   . THR A 1 93  ? 5.681   -14.825 6.583   1.00 28.87  ? 93  THR A C   1 
ATOM   771  O  O   . THR A 1 93  ? 6.066   -13.945 5.861   1.00 31.86  ? 93  THR A O   1 
ATOM   772  C  CB  . THR A 1 93  ? 7.159   -15.846 8.163   1.00 36.16  ? 93  THR A CB  1 
ATOM   773  O  OG1 . THR A 1 93  ? 7.463   -16.016 9.527   1.00 41.13  ? 93  THR A OG1 1 
ATOM   774  C  CG2 . THR A 1 93  ? 8.367   -15.310 7.499   1.00 39.14  ? 93  THR A CG2 1 
ATOM   775  N  N   . ASP A 1 94  ? 4.907   -15.816 6.169   1.00 30.31  ? 94  ASP A N   1 
ATOM   776  C  CA  . ASP A 1 94  ? 4.471   -15.866 4.803   1.00 30.32  ? 94  ASP A CA  1 
ATOM   777  C  C   . ASP A 1 94  ? 3.743   -14.555 4.429   1.00 30.71  ? 94  ASP A C   1 
ATOM   778  O  O   . ASP A 1 94  ? 3.951   -14.010 3.356   1.00 30.62  ? 94  ASP A O   1 
ATOM   779  C  CB  . ASP A 1 94  ? 3.515   -16.999 4.500   1.00 31.89  ? 94  ASP A CB  1 
ATOM   780  C  CG  . ASP A 1 94  ? 4.108   -18.362 4.707   1.00 36.95  ? 94  ASP A CG  1 
ATOM   781  O  OD1 . ASP A 1 94  ? 5.311   -18.535 4.564   1.00 37.50  ? 94  ASP A OD1 1 
ATOM   782  O  OD2 . ASP A 1 94  ? 3.345   -19.205 5.178   1.00 38.35  ? 94  ASP A OD2 1 
ATOM   783  N  N   . ALA A 1 95  ? 2.846   -14.081 5.306   1.00 27.28  ? 95  ALA A N   1 
ATOM   784  C  CA  . ALA A 1 95  ? 2.065   -12.931 4.969   1.00 26.95  ? 95  ALA A CA  1 
ATOM   785  C  C   . ALA A 1 95  ? 2.925   -11.699 4.986   1.00 26.65  ? 95  ALA A C   1 
ATOM   786  O  O   . ALA A 1 95  ? 2.733   -10.810 4.151   1.00 30.40  ? 95  ALA A O   1 
ATOM   787  C  CB  . ALA A 1 95  ? 0.918   -12.774 5.948   1.00 31.63  ? 95  ALA A CB  1 
ATOM   788  N  N   . MET A 1 96  ? 3.849   -11.631 5.935   1.00 28.74  ? 96  MET A N   1 
ATOM   789  C  CA  . MET A 1 96  ? 4.737   -10.496 5.949   1.00 29.33  ? 96  MET A CA  1 
ATOM   790  C  C   . MET A 1 96  ? 5.581   -10.513 4.689   1.00 29.74  ? 96  MET A C   1 
ATOM   791  O  O   . MET A 1 96  ? 5.867   -9.462  4.121   1.00 28.38  ? 96  MET A O   1 
ATOM   792  C  CB  . MET A 1 96  ? 5.648   -10.495 7.118   1.00 29.25  ? 96  MET A CB  1 
ATOM   793  C  CG  . MET A 1 96  ? 5.001   -9.959  8.337   1.00 34.55  ? 96  MET A CG  1 
ATOM   794  S  SD  . MET A 1 96  ? 4.364   -8.291  8.132   1.00 33.30  ? 96  MET A SD  1 
ATOM   795  C  CE  . MET A 1 96  ? 3.548   -8.210  9.731   1.00 37.07  ? 96  MET A CE  1 
ATOM   796  N  N   . GLN A 1 97  ? 5.904   -11.688 4.189   1.00 31.12  ? 97  GLN A N   1 
ATOM   797  C  CA  . GLN A 1 97  ? 6.718   -11.690 2.963   1.00 31.77  ? 97  GLN A CA  1 
ATOM   798  C  C   . GLN A 1 97  ? 5.899   -11.180 1.841   1.00 29.79  ? 97  GLN A C   1 
ATOM   799  O  O   . GLN A 1 97  ? 6.375   -10.395 0.991   1.00 29.43  ? 97  GLN A O   1 
ATOM   800  C  CB  . GLN A 1 97  ? 7.281   -13.081 2.685   1.00 33.42  ? 97  GLN A CB  1 
ATOM   801  C  CG  . GLN A 1 97  ? 8.095   -13.149 1.390   1.00 36.67  ? 97  GLN A CG  1 
ATOM   802  C  CD  . GLN A 1 97  ? 9.334   -12.303 1.444   1.00 34.22  ? 97  GLN A CD  1 
ATOM   803  O  OE1 . GLN A 1 97  ? 10.191  -12.491 2.342   1.00 39.64  ? 97  GLN A OE1 1 
ATOM   804  N  NE2 . GLN A 1 97  ? 9.438   -11.339 0.530   1.00 38.46  ? 97  GLN A NE2 1 
ATOM   805  N  N   . ALA A 1 98  ? 4.660   -11.628 1.778   1.00 31.39  ? 98  ALA A N   1 
ATOM   806  C  CA  . ALA A 1 98  ? 3.775   -11.154 0.763   1.00 30.56  ? 98  ALA A CA  1 
ATOM   807  C  C   . ALA A 1 98  ? 3.532   -9.679  0.879   1.00 28.52  ? 98  ALA A C   1 
ATOM   808  O  O   . ALA A 1 98  ? 3.442   -8.959  -0.105  1.00 28.58  ? 98  ALA A O   1 
ATOM   809  C  CB  . ALA A 1 98  ? 2.471   -11.899 0.855   1.00 34.85  ? 98  ALA A CB  1 
ATOM   810  N  N   . ALA A 1 99  ? 3.399   -9.198  2.101   1.00 29.95  ? 99  ALA A N   1 
ATOM   811  C  CA  . ALA A 1 99  ? 3.227   -7.770  2.308   1.00 30.71  ? 99  ALA A CA  1 
ATOM   812  C  C   . ALA A 1 99  ? 4.431   -7.004  1.833   1.00 25.98  ? 99  ALA A C   1 
ATOM   813  O  O   . ALA A 1 99  ? 4.281   -5.988  1.256   1.00 28.30  ? 99  ALA A O   1 
ATOM   814  C  CB  . ALA A 1 99  ? 2.977   -7.453  3.780   1.00 32.90  ? 99  ALA A CB  1 
ATOM   815  N  N   . LEU A 1 100 ? 5.612   -7.496  2.117   1.00 27.99  ? 100 LEU A N   1 
ATOM   816  C  CA  . LEU A 1 100 ? 6.839   -6.862  1.703   1.00 29.65  ? 100 LEU A CA  1 
ATOM   817  C  C   . LEU A 1 100 ? 6.883   -6.746  0.187   1.00 31.03  ? 100 LEU A C   1 
ATOM   818  O  O   . LEU A 1 100 ? 7.146   -5.658  -0.373  1.00 29.24  ? 100 LEU A O   1 
ATOM   819  C  CB  . LEU A 1 100 ? 8.010   -7.698  2.182   1.00 29.58  ? 100 LEU A CB  1 
ATOM   820  C  CG  . LEU A 1 100 ? 9.311   -7.016  1.859   1.00 33.85  ? 100 LEU A CG  1 
ATOM   821  C  CD1 . LEU A 1 100 ? 9.407   -5.686  2.559   1.00 35.09  ? 100 LEU A CD1 1 
ATOM   822  C  CD2 . LEU A 1 100 ? 10.490  -7.897  2.281   1.00 37.46  ? 100 LEU A CD2 1 
ATOM   823  N  N   . ASP A 1 101 ? 6.524   -7.847  -0.465  1.00 31.88  ? 101 ASP A N   1 
ATOM   824  C  CA  . ASP A 1 101 ? 6.432   -7.876  -1.929  1.00 31.19  ? 101 ASP A CA  1 
ATOM   825  C  C   . ASP A 1 101 ? 5.404   -6.918  -2.436  1.00 30.83  ? 101 ASP A C   1 
ATOM   826  O  O   . ASP A 1 101 ? 5.656   -6.210  -3.416  1.00 30.03  ? 101 ASP A O   1 
ATOM   827  C  CB  . ASP A 1 101 ? 6.059   -9.259  -2.429  1.00 31.99  ? 101 ASP A CB  1 
ATOM   828  C  CG  . ASP A 1 101 ? 7.145   -10.300 -2.087  1.00 44.93  ? 101 ASP A CG  1 
ATOM   829  O  OD1 . ASP A 1 101 ? 8.310   -9.880  -1.799  1.00 43.06  ? 101 ASP A OD1 1 
ATOM   830  O  OD2 . ASP A 1 101 ? 6.791   -11.511 -2.094  1.00 50.96  ? 101 ASP A OD2 1 
ATOM   831  N  N   . LEU A 1 102 ? 4.233   -6.900  -1.793  1.00 28.11  ? 102 LEU A N   1 
ATOM   832  C  CA  . LEU A 1 102 ? 3.227   -5.919  -2.223  1.00 30.32  ? 102 LEU A CA  1 
ATOM   833  C  C   . LEU A 1 102 ? 3.769   -4.505  -2.051  1.00 30.86  ? 102 LEU A C   1 
ATOM   834  O  O   . LEU A 1 102 ? 3.638   -3.672  -2.949  1.00 31.61  ? 102 LEU A O   1 
ATOM   835  C  CB  . LEU A 1 102 ? 1.998   -6.076  -1.380  1.00 34.24  ? 102 LEU A CB  1 
ATOM   836  C  CG  . LEU A 1 102 ? 0.859   -5.107  -1.550  1.00 34.87  ? 102 LEU A CG  1 
ATOM   837  C  CD1 . LEU A 1 102 ? 0.283   -5.265  -2.907  1.00 39.96  ? 102 LEU A CD1 1 
ATOM   838  C  CD2 . LEU A 1 102 ? -0.114  -5.431  -0.450  1.00 39.05  ? 102 LEU A CD2 1 
ATOM   839  N  N   . GLU A 1 103 ? 4.295   -4.189  -0.856  1.00 29.98  ? 103 GLU A N   1 
ATOM   840  C  CA  . GLU A 1 103 ? 4.758   -2.840  -0.662  1.00 30.93  ? 103 GLU A CA  1 
ATOM   841  C  C   . GLU A 1 103 ? 5.871   -2.480  -1.649  1.00 30.89  ? 103 GLU A C   1 
ATOM   842  O  O   . GLU A 1 103 ? 5.958   -1.355  -2.076  1.00 29.51  ? 103 GLU A O   1 
ATOM   843  C  CB  . GLU A 1 103 ? 5.282   -2.611  0.750   1.00 30.03  ? 103 GLU A CB  1 
ATOM   844  C  CG  . GLU A 1 103 ? 4.214   -2.696  1.780   1.00 32.88  ? 103 GLU A CG  1 
ATOM   845  C  CD  . GLU A 1 103 ? 3.182   -1.602  1.641   1.00 37.86  ? 103 GLU A CD  1 
ATOM   846  O  OE1 . GLU A 1 103 ? 3.427   -0.592  0.932   1.00 41.01  ? 103 GLU A OE1 1 
ATOM   847  O  OE2 . GLU A 1 103 ? 2.120   -1.761  2.262   1.00 41.49  ? 103 GLU A OE2 1 
ATOM   848  N  N   . LYS A 1 104 ? 6.765   -3.413  -1.931  1.00 32.04  ? 104 LYS A N   1 
ATOM   849  C  CA  . LYS A 1 104 ? 7.770   -3.132  -2.929  1.00 33.45  ? 104 LYS A CA  1 
ATOM   850  C  C   . LYS A 1 104 ? 7.166   -2.897  -4.301  1.00 29.87  ? 104 LYS A C   1 
ATOM   851  O  O   . LYS A 1 104 ? 7.636   -2.046  -4.958  1.00 28.72  ? 104 LYS A O   1 
ATOM   852  C  CB  . LYS A 1 104 ? 8.788   -4.230  -2.988  1.00 33.23  ? 104 LYS A CB  1 
ATOM   853  C  CG  . LYS A 1 104 ? 9.739   -4.141  -1.835  1.00 34.89  ? 104 LYS A CG  1 
ATOM   854  C  CD  . LYS A 1 104 ? 10.722  -5.272  -1.925  1.00 40.49  ? 104 LYS A CD  1 
ATOM   855  C  CE  . LYS A 1 104 ? 11.914  -5.004  -1.063  1.00 43.67  ? 104 LYS A CE  1 
ATOM   856  N  NZ  . LYS A 1 104 ? 12.688  -6.274  -1.075  1.00 50.00  ? 104 LYS A NZ  1 
ATOM   857  N  N   . HIS A 1 105 ? 6.113   -3.639  -4.669  1.00 30.93  ? 105 HIS A N   1 
ATOM   858  C  CA  . HIS A 1 105 ? 5.396   -3.462  -5.927  1.00 32.51  ? 105 HIS A CA  1 
ATOM   859  C  C   . HIS A 1 105 ? 4.741   -2.090  -5.911  1.00 34.27  ? 105 HIS A C   1 
ATOM   860  O  O   . HIS A 1 105 ? 4.831   -1.363  -6.842  1.00 28.51  ? 105 HIS A O   1 
ATOM   861  C  CB  . HIS A 1 105 ? 4.352   -4.557  -6.080  1.00 37.40  ? 105 HIS A CB  1 
ATOM   862  C  CG  . HIS A 1 105 ? 3.701   -4.623  -7.417  1.00 55.67  ? 105 HIS A CG  1 
ATOM   863  N  ND1 . HIS A 1 105 ? 4.346   -5.101  -8.542  1.00 69.72  ? 105 HIS A ND1 1 
ATOM   864  C  CD2 . HIS A 1 105 ? 2.440   -4.317  -7.813  1.00 69.63  ? 105 HIS A CD2 1 
ATOM   865  C  CE1 . HIS A 1 105 ? 3.523   -5.055  -9.578  1.00 67.73  ? 105 HIS A CE1 1 
ATOM   866  N  NE2 . HIS A 1 105 ? 2.358   -4.592  -9.162  1.00 69.88  ? 105 HIS A NE2 1 
ATOM   867  N  N   . VAL A 1 106 ? 4.108   -1.705  -4.816  1.00 28.22  ? 106 VAL A N   1 
ATOM   868  C  CA  . VAL A 1 106 ? 3.492   -0.384  -4.720  1.00 26.71  ? 106 VAL A CA  1 
ATOM   869  C  C   . VAL A 1 106 ? 4.544   0.688   -4.824  1.00 24.99  ? 106 VAL A C   1 
ATOM   870  O  O   . VAL A 1 106 ? 4.338   1.648   -5.542  1.00 27.31  ? 106 VAL A O   1 
ATOM   871  C  CB  . VAL A 1 106 ? 2.730   -0.246  -3.369  1.00 29.43  ? 106 VAL A CB  1 
ATOM   872  C  CG1 . VAL A 1 106 ? 2.259   1.193   -3.049  1.00 33.59  ? 106 VAL A CG1 1 
ATOM   873  C  CG2 . VAL A 1 106 ? 1.527   -1.195  -3.437  1.00 32.95  ? 106 VAL A CG2 1 
ATOM   874  N  N   . ASN A 1 107 ? 5.652   0.478   -4.133  1.00 25.37  ? 107 ASN A N   1 
ATOM   875  C  CA  . ASN A 1 107 ? 6.730   1.400   -4.107  1.00 25.44  ? 107 ASN A CA  1 
ATOM   876  C  C   . ASN A 1 107 ? 7.301   1.579   -5.535  1.00 27.56  ? 107 ASN A C   1 
ATOM   877  O  O   . ASN A 1 107 ? 7.446   2.695   -6.008  1.00 27.13  ? 107 ASN A O   1 
ATOM   878  C  CB  . ASN A 1 107 ? 7.802   0.947   -3.237  1.00 27.03  ? 107 ASN A CB  1 
ATOM   879  C  CG  . ASN A 1 107 ? 8.778   2.044   -2.922  1.00 25.80  ? 107 ASN A CG  1 
ATOM   880  O  OD1 . ASN A 1 107 ? 8.400   3.228   -2.887  1.00 28.87  ? 107 ASN A OD1 1 
ATOM   881  N  ND2 . ASN A 1 107 ? 10.011  1.689   -2.748  1.00 28.17  ? 107 ASN A ND2 1 
ATOM   882  N  N   . GLN A 1 108 ? 7.461   0.481   -6.242  1.00 28.83  ? 108 GLN A N   1 
ATOM   883  C  CA  . GLN A 1 108 ? 7.989   0.655   -7.593  1.00 28.19  ? 108 GLN A CA  1 
ATOM   884  C  C   . GLN A 1 108 ? 7.010   1.426   -8.419  1.00 26.26  ? 108 GLN A C   1 
ATOM   885  O  O   . GLN A 1 108 ? 7.367   2.260   -9.260  1.00 29.72  ? 108 GLN A O   1 
ATOM   886  C  CB  . GLN A 1 108 ? 8.249   -0.684  -8.200  1.00 31.00  ? 108 GLN A CB  1 
ATOM   887  C  CG  . GLN A 1 108 ? 8.938   -0.556  -9.574  1.00 31.89  ? 108 GLN A CG  1 
ATOM   888  C  CD  . GLN A 1 108 ? 10.286  0.155   -9.458  1.00 30.66  ? 108 GLN A CD  1 
ATOM   889  O  OE1 . GLN A 1 108 ? 11.194  -0.275  -8.736  1.00 36.67  ? 108 GLN A OE1 1 
ATOM   890  N  NE2 . GLN A 1 108 ? 10.387  1.305   -10.130 1.00 36.09  ? 108 GLN A NE2 1 
ATOM   891  N  N   . ALA A 1 109 ? 5.729   1.121   -8.237  1.00 28.93  ? 109 ALA A N   1 
ATOM   892  C  CA  . ALA A 1 109 ? 4.737   1.853   -8.926  1.00 27.97  ? 109 ALA A CA  1 
ATOM   893  C  C   . ALA A 1 109 ? 4.763   3.305   -8.603  1.00 29.50  ? 109 ALA A C   1 
ATOM   894  O  O   . ALA A 1 109 ? 4.628   4.126   -9.482  1.00 26.24  ? 109 ALA A O   1 
ATOM   895  C  CB  . ALA A 1 109 ? 3.376   1.308   -8.721  1.00 30.77  ? 109 ALA A CB  1 
ATOM   896  N  N   . LEU A 1 110 ? 4.917   3.660   -7.328  1.00 26.15  ? 110 LEU A N   1 
ATOM   897  C  CA  . LEU A 1 110 ? 5.022   5.006   -7.027  1.00 26.73  ? 110 LEU A CA  1 
ATOM   898  C  C   . LEU A 1 110 ? 6.249   5.652   -7.625  1.00 25.52  ? 110 LEU A C   1 
ATOM   899  O  O   . LEU A 1 110 ? 6.194   6.807   -7.992  1.00 27.11  ? 110 LEU A O   1 
ATOM   900  C  CB  . LEU A 1 110 ? 5.057   5.201   -5.484  1.00 26.61  ? 110 LEU A CB  1 
ATOM   901  C  CG  . LEU A 1 110 ? 3.705   4.869   -4.881  1.00 31.76  ? 110 LEU A CG  1 
ATOM   902  C  CD1 . LEU A 1 110 ? 3.881   4.591   -3.412  1.00 37.61  ? 110 LEU A CD1 1 
ATOM   903  C  CD2 . LEU A 1 110 ? 2.774   6.048   -5.120  1.00 31.28  ? 110 LEU A CD2 1 
ATOM   904  N  N   . LEU A 1 111 ? 7.349   4.943   -7.633  1.00 26.70  ? 111 LEU A N   1 
ATOM   905  C  CA  . LEU A 1 111 ? 8.585   5.484   -8.191  1.00 29.29  ? 111 LEU A CA  1 
ATOM   906  C  C   . LEU A 1 111 ? 8.427   5.695   -9.664  1.00 28.97  ? 111 LEU A C   1 
ATOM   907  O  O   . LEU A 1 111 ? 8.798   6.707   -10.166 1.00 29.55  ? 111 LEU A O   1 
ATOM   908  C  CB  . LEU A 1 111 ? 9.733   4.535   -7.922  1.00 31.34  ? 111 LEU A CB  1 
ATOM   909  C  CG  . LEU A 1 111 ? 10.199  4.473   -6.479  1.00 31.02  ? 111 LEU A CG  1 
ATOM   910  C  CD1 . LEU A 1 111 ? 11.158  3.353   -6.243  1.00 33.85  ? 111 LEU A CD1 1 
ATOM   911  C  CD2 . LEU A 1 111 ? 10.806  5.798   -6.071  1.00 33.04  ? 111 LEU A CD2 1 
ATOM   912  N  N   . ASP A 1 112 ? 7.720   4.782   -10.311 1.00 29.75  ? 112 ASP A N   1 
ATOM   913  C  CA  . ASP A 1 112 ? 7.376   4.976   -11.694 1.00 32.27  ? 112 ASP A CA  1 
ATOM   914  C  C   . ASP A 1 112 ? 6.480   6.139   -11.902 1.00 32.13  ? 112 ASP A C   1 
ATOM   915  O  O   . ASP A 1 112 ? 6.655   6.900   -12.845 1.00 28.66  ? 112 ASP A O   1 
ATOM   916  C  CB  . ASP A 1 112 ? 6.695   3.750   -12.225 1.00 34.40  ? 112 ASP A CB  1 
ATOM   917  C  CG  . ASP A 1 112 ? 7.626   2.568   -12.320 1.00 36.16  ? 112 ASP A CG  1 
ATOM   918  O  OD1 . ASP A 1 112 ? 8.862   2.668   -12.111 1.00 35.86  ? 112 ASP A OD1 1 
ATOM   919  O  OD2 . ASP A 1 112 ? 7.035   1.493   -12.500 1.00 39.74  ? 112 ASP A OD2 1 
ATOM   920  N  N   . LEU A 1 113 ? 5.507   6.325   -10.987 1.00 30.49  ? 113 LEU A N   1 
ATOM   921  C  CA  . LEU A 1 113 ? 4.668   7.444   -11.089 1.00 28.61  ? 113 LEU A CA  1 
ATOM   922  C  C   . LEU A 1 113 ? 5.433   8.738   -10.882 1.00 26.07  ? 113 LEU A C   1 
ATOM   923  O  O   . LEU A 1 113 ? 5.203   9.725   -11.590 1.00 26.75  ? 113 LEU A O   1 
ATOM   924  C  CB  . LEU A 1 113 ? 3.514   7.323   -10.093 1.00 30.27  ? 113 LEU A CB  1 
ATOM   925  C  CG  . LEU A 1 113 ? 2.469   8.364   -10.158 1.00 32.08  ? 113 LEU A CG  1 
ATOM   926  C  CD1 . LEU A 1 113 ? 1.671   8.277   -11.406 1.00 34.33  ? 113 LEU A CD1 1 
ATOM   927  C  CD2 . LEU A 1 113 ? 1.554   8.190   -8.961  1.00 32.88  ? 113 LEU A CD2 1 
ATOM   928  N  N   . HIS A 1 114 ? 6.333   8.751   -9.918  1.00 27.23  ? 114 HIS A N   1 
ATOM   929  C  CA  . HIS A 1 114 ? 7.170   9.919   -9.753  1.00 26.42  ? 114 HIS A CA  1 
ATOM   930  C  C   . HIS A 1 114 ? 8.019   10.167  -11.023 1.00 28.96  ? 114 HIS A C   1 
ATOM   931  O  O   . HIS A 1 114 ? 8.180   11.273  -11.422 1.00 30.25  ? 114 HIS A O   1 
ATOM   932  C  CB  . HIS A 1 114 ? 8.110   9.707   -8.623  1.00 26.86  ? 114 HIS A CB  1 
ATOM   933  C  CG  . HIS A 1 114 ? 8.826   10.929  -8.219  1.00 29.52  ? 114 HIS A CG  1 
ATOM   934  N  ND1 . HIS A 1 114 ? 9.960   11.370  -8.856  1.00 29.59  ? 114 HIS A ND1 1 
ATOM   935  C  CD2 . HIS A 1 114 ? 8.594   11.787  -7.202  1.00 29.11  ? 114 HIS A CD2 1 
ATOM   936  C  CE1 . HIS A 1 114 ? 10.374  12.477  -8.269  1.00 32.43  ? 114 HIS A CE1 1 
ATOM   937  N  NE2 . HIS A 1 114 ? 9.566   12.744  -7.255  1.00 28.44  ? 114 HIS A NE2 1 
ATOM   938  N  N   . ALA A 1 115 ? 8.533   9.123   -11.608 1.00 29.50  ? 115 ALA A N   1 
ATOM   939  C  CA  . ALA A 1 115 ? 9.349   9.259   -12.834 1.00 31.46  ? 115 ALA A CA  1 
ATOM   940  C  C   . ALA A 1 115 ? 8.500   9.853   -13.951 1.00 27.73  ? 115 ALA A C   1 
ATOM   941  O  O   . ALA A 1 115 ? 8.939   10.747  -14.635 1.00 31.98  ? 115 ALA A O   1 
ATOM   942  C  CB  . ALA A 1 115 ? 9.950   7.923   -13.174 1.00 31.55  ? 115 ALA A CB  1 
ATOM   943  N  N   . LEU A 1 116 ? 7.225   9.495   -13.983 1.00 29.30  ? 116 LEU A N   1 
ATOM   944  C  CA  . LEU A 1 116 ? 6.294   10.077  -14.890 1.00 30.28  ? 116 LEU A CA  1 
ATOM   945  C  C   . LEU A 1 116 ? 6.129   11.545  -14.711 1.00 33.06  ? 116 LEU A C   1 
ATOM   946  O  O   . LEU A 1 116 ? 6.232   12.351  -15.641 1.00 29.80  ? 116 LEU A O   1 
ATOM   947  C  CB  . LEU A 1 116 ? 4.990   9.391   -14.791 1.00 35.13  ? 116 LEU A CB  1 
ATOM   948  C  CG  . LEU A 1 116 ? 4.029   9.264   -15.908 1.00 46.14  ? 116 LEU A CG  1 
ATOM   949  C  CD1 . LEU A 1 116 ? 4.733   8.754   -17.169 1.00 49.79  ? 116 LEU A CD1 1 
ATOM   950  C  CD2 . LEU A 1 116 ? 2.965   8.275   -15.446 1.00 43.38  ? 116 LEU A CD2 1 
ATOM   951  N  N   . ALA A 1 117 ? 5.885   11.935  -13.483 1.00 31.06  ? 117 ALA A N   1 
ATOM   952  C  CA  . ALA A 1 117 ? 5.741   13.289  -13.175 1.00 30.64  ? 117 ALA A CA  1 
ATOM   953  C  C   . ALA A 1 117 ? 7.016   14.040  -13.448 1.00 29.14  ? 117 ALA A C   1 
ATOM   954  O  O   . ALA A 1 117 ? 6.941   15.172  -13.882 1.00 32.76  ? 117 ALA A O   1 
ATOM   955  C  CB  . ALA A 1 117 ? 5.340   13.423  -11.700 1.00 30.75  ? 117 ALA A CB  1 
ATOM   956  N  N   . SER A 1 118 ? 8.153   13.472  -13.110 1.00 27.92  ? 118 SER A N   1 
ATOM   957  C  CA  . SER A 1 118 ? 9.432   14.166  -13.390 1.00 33.99  ? 118 SER A CA  1 
ATOM   958  C  C   . SER A 1 118 ? 9.624   14.328  -14.895 1.00 32.11  ? 118 SER A C   1 
ATOM   959  O  O   . SER A 1 118 ? 9.967   15.375  -15.332 1.00 33.26  ? 118 SER A O   1 
ATOM   960  C  CB  . SER A 1 118 ? 10.641  13.390  -12.918 1.00 31.02  ? 118 SER A CB  1 
ATOM   961  O  OG  . SER A 1 118 ? 10.463  13.114  -11.551 1.00 50.34  ? 118 SER A OG  1 
ATOM   962  N  N   . LYS A 1 119 ? 9.312   13.276  -15.646 1.00 33.89  ? 119 LYS A N   1 
ATOM   963  C  CA  . LYS A 1 119 ? 9.411   13.306  -17.110 1.00 35.61  ? 119 LYS A CA  1 
ATOM   964  C  C   . LYS A 1 119 ? 8.568   14.413  -17.653 1.00 35.92  ? 119 LYS A C   1 
ATOM   965  O  O   . LYS A 1 119 ? 9.047   15.217  -18.488 1.00 33.46  ? 119 LYS A O   1 
ATOM   966  C  CB  . LYS A 1 119 ? 8.947   11.955  -17.626 1.00 34.82  ? 119 LYS A CB  1 
ATOM   967  C  CG  . LYS A 1 119 ? 8.772   11.830  -19.046 1.00 38.79  ? 119 LYS A CG  1 
ATOM   968  C  CD  . LYS A 1 119 ? 8.613   10.349  -19.389 1.00 39.13  ? 119 LYS A CD  1 
ATOM   969  C  CE  . LYS A 1 119 ? 7.163   10.037  -19.514 1.00 43.58  ? 119 LYS A CE  1 
ATOM   970  N  NZ  . LYS A 1 119 ? 6.868   8.641   -19.934 1.00 54.87  ? 119 LYS A NZ  1 
ATOM   971  N  N   . HIS A 1 120 ? 7.327   14.535  -17.148 1.00 28.72  ? 120 HIS A N   1 
ATOM   972  C  CA  . HIS A 1 120 ? 6.473   15.583  -17.627 1.00 30.12  ? 120 HIS A CA  1 
ATOM   973  C  C   . HIS A 1 120 ? 6.623   16.895  -16.918 1.00 32.91  ? 120 HIS A C   1 
ATOM   974  O  O   . HIS A 1 120 ? 5.853   17.788  -17.136 1.00 31.04  ? 120 HIS A O   1 
ATOM   975  C  CB  . HIS A 1 120 ? 5.064   15.117  -17.586 1.00 32.29  ? 120 HIS A CB  1 
ATOM   976  C  CG  . HIS A 1 120 ? 4.806   14.037  -18.551 1.00 31.69  ? 120 HIS A CG  1 
ATOM   977  N  ND1 . HIS A 1 120 ? 4.879   14.250  -19.915 1.00 33.88  ? 120 HIS A ND1 1 
ATOM   978  C  CD2 . HIS A 1 120 ? 4.555   12.718  -18.379 1.00 33.48  ? 120 HIS A CD2 1 
ATOM   979  C  CE1 . HIS A 1 120 ? 4.608   13.114  -20.539 1.00 32.20  ? 120 HIS A CE1 1 
ATOM   980  N  NE2 . HIS A 1 120 ? 4.418   12.163  -19.643 1.00 31.36  ? 120 HIS A NE2 1 
ATOM   981  N  N   . ASN A 1 121 ? 7.665   17.049  -16.146 1.00 31.73  ? 121 ASN A N   1 
ATOM   982  C  CA  . ASN A 1 121 ? 7.975   18.336  -15.492 1.00 33.77  ? 121 ASN A CA  1 
ATOM   983  C  C   . ASN A 1 121 ? 6.784   18.819  -14.694 1.00 29.37  ? 121 ASN A C   1 
ATOM   984  O  O   . ASN A 1 121 ? 6.345   19.961  -14.850 1.00 31.24  ? 121 ASN A O   1 
ATOM   985  C  CB  . ASN A 1 121 ? 8.410   19.393  -16.501 1.00 34.43  ? 121 ASN A CB  1 
ATOM   986  C  CG  . ASN A 1 121 ? 9.675   18.958  -17.219 1.00 40.58  ? 121 ASN A CG  1 
ATOM   987  O  OD1 . ASN A 1 121 ? 9.672   18.760  -18.410 1.00 44.46  ? 121 ASN A OD1 1 
ATOM   988  N  ND2 . ASN A 1 121 ? 10.687  18.691  -16.465 1.00 37.56  ? 121 ASN A ND2 1 
ATOM   989  N  N   . ASP A 1 122 ? 6.290   17.914  -13.855 1.00 29.94  ? 122 ASP A N   1 
ATOM   990  C  CA  . ASP A 1 122 ? 5.199   18.233  -12.958 1.00 27.84  ? 122 ASP A CA  1 
ATOM   991  C  C   . ASP A 1 122 ? 5.735   18.180  -11.539 1.00 26.25  ? 122 ASP A C   1 
ATOM   992  O  O   . ASP A 1 122 ? 5.674   17.162  -10.873 1.00 27.67  ? 122 ASP A O   1 
ATOM   993  C  CB  . ASP A 1 122 ? 4.138   17.251  -13.181 1.00 27.79  ? 122 ASP A CB  1 
ATOM   994  C  CG  . ASP A 1 122 ? 2.842   17.653  -12.464 1.00 30.55  ? 122 ASP A CG  1 
ATOM   995  O  OD1 . ASP A 1 122 ? 2.893   18.418  -11.445 1.00 28.90  ? 122 ASP A OD1 1 
ATOM   996  O  OD2 . ASP A 1 122 ? 1.829   17.214  -12.945 1.00 33.57  ? 122 ASP A OD2 1 
ATOM   997  N  N   . PRO A 1 123 ? 6.404   19.228  -11.135 1.00 26.06  ? 123 PRO A N   1 
ATOM   998  C  CA  . PRO A 1 123 ? 7.032   19.204  -9.834  1.00 26.78  ? 123 PRO A CA  1 
ATOM   999  C  C   . PRO A 1 123 ? 6.044   19.197  -8.699  1.00 27.18  ? 123 PRO A C   1 
ATOM   1000 O  O   . PRO A 1 123 ? 6.393   18.730  -7.636  1.00 28.20  ? 123 PRO A O   1 
ATOM   1001 C  CB  . PRO A 1 123 ? 7.825   20.512  -9.793  1.00 27.78  ? 123 PRO A CB  1 
ATOM   1002 C  CG  . PRO A 1 123 ? 7.138   21.420  -10.720 1.00 28.00  ? 123 PRO A CG  1 
ATOM   1003 C  CD  . PRO A 1 123 ? 6.565   20.504  -11.795 1.00 26.23  ? 123 PRO A CD  1 
ATOM   1004 N  N   . GLN A 1 124 ? 4.856   19.710  -8.914  1.00 26.08  ? 124 GLN A N   1 
ATOM   1005 C  CA  . GLN A 1 124 ? 3.888   19.631  -7.852  1.00 25.93  ? 124 GLN A CA  1 
ATOM   1006 C  C   . GLN A 1 124 ? 3.485   18.195  -7.647  1.00 29.21  ? 124 GLN A C   1 
ATOM   1007 O  O   . GLN A 1 124 ? 3.387   17.731  -6.517  1.00 26.34  ? 124 GLN A O   1 
ATOM   1008 C  CB  . GLN A 1 124 ? 2.729   20.515  -8.130  1.00 28.14  ? 124 GLN A CB  1 
ATOM   1009 C  CG  . GLN A 1 124 ? 1.819   20.670  -6.882  1.00 30.61  ? 124 GLN A CG  1 
ATOM   1010 C  CD  . GLN A 1 124 ? 0.834   19.579  -6.694  1.00 28.98  ? 124 GLN A CD  1 
ATOM   1011 O  OE1 . GLN A 1 124 ? 0.409   18.935  -7.665  1.00 27.73  ? 124 GLN A OE1 1 
ATOM   1012 N  NE2 . GLN A 1 124 ? 0.355   19.434  -5.445  1.00 29.37  ? 124 GLN A NE2 1 
ATOM   1013 N  N   . MET A 1 125 ? 3.380   17.426  -8.730  1.00 25.74  ? 125 MET A N   1 
ATOM   1014 C  CA  . MET A 1 125 ? 3.029   16.034  -8.601  1.00 27.17  ? 125 MET A CA  1 
ATOM   1015 C  C   . MET A 1 125 ? 4.170   15.298  -7.974  1.00 28.24  ? 125 MET A C   1 
ATOM   1016 O  O   . MET A 1 125 ? 3.957   14.427  -7.120  1.00 27.62  ? 125 MET A O   1 
ATOM   1017 C  CB  . MET A 1 125 ? 2.707   15.394  -9.959  1.00 27.48  ? 125 MET A CB  1 
ATOM   1018 C  CG  . MET A 1 125 ? 2.346   13.972  -9.848  1.00 29.46  ? 125 MET A CG  1 
ATOM   1019 S  SD  . MET A 1 125 ? 1.652   13.476  -11.440 1.00 30.14  ? 125 MET A SD  1 
ATOM   1020 C  CE  . MET A 1 125 ? 1.604   11.706  -11.188 1.00 30.01  ? 125 MET A CE  1 
ATOM   1021 N  N   . CYS A 1 126 ? 5.379   15.575  -8.441  1.00 27.00  ? 126 CYS A N   1 
ATOM   1022 C  CA  . CYS A 1 126 ? 6.533   14.965  -7.798  1.00 26.28  ? 126 CYS A CA  1 
ATOM   1023 C  C   . CYS A 1 126 ? 6.542   15.202  -6.299  1.00 26.77  ? 126 CYS A C   1 
ATOM   1024 O  O   . CYS A 1 126 ? 6.827   14.303  -5.554  1.00 25.69  ? 126 CYS A O   1 
ATOM   1025 C  CB  . CYS A 1 126 ? 7.841   15.502  -8.308  1.00 27.92  ? 126 CYS A CB  1 
ATOM   1026 S  SG  . CYS A 1 126 ? 8.073   14.899  -10.021 1.00 33.07  ? 126 CYS A SG  1 
ATOM   1027 N  N   . ASP A 1 127 ? 6.369   16.431  -5.939  1.00 28.24  ? 127 ASP A N   1 
ATOM   1028 C  CA  . ASP A 1 127 ? 6.385   16.772  -4.512  1.00 30.13  ? 127 ASP A CA  1 
ATOM   1029 C  C   . ASP A 1 127 ? 5.294   16.032  -3.713  1.00 27.73  ? 127 ASP A C   1 
ATOM   1030 O  O   . ASP A 1 127 ? 5.506   15.578  -2.579  1.00 30.31  ? 127 ASP A O   1 
ATOM   1031 C  CB  . ASP A 1 127 ? 6.251   18.263  -4.395  1.00 29.06  ? 127 ASP A CB  1 
ATOM   1032 C  CG  . ASP A 1 127 ? 6.240   18.706  -2.934  1.00 34.38  ? 127 ASP A CG  1 
ATOM   1033 O  OD1 . ASP A 1 127 ? 7.243   18.436  -2.324  1.00 35.63  ? 127 ASP A OD1 1 
ATOM   1034 O  OD2 . ASP A 1 127 ? 5.211   19.257  -2.490  1.00 33.58  ? 127 ASP A OD2 1 
ATOM   1035 N  N   . PHE A 1 128 ? 4.112   15.972  -4.293  1.00 30.58  ? 128 PHE A N   1 
ATOM   1036 C  CA  . PHE A 1 128 ? 3.022   15.292  -3.732  1.00 26.18  ? 128 PHE A CA  1 
ATOM   1037 C  C   . PHE A 1 128 ? 3.336   13.876  -3.468  1.00 30.33  ? 128 PHE A C   1 
ATOM   1038 O  O   . PHE A 1 128 ? 3.107   13.342  -2.399  1.00 26.83  ? 128 PHE A O   1 
ATOM   1039 C  CB  . PHE A 1 128 ? 1.811   15.459  -4.583  1.00 27.98  ? 128 PHE A CB  1 
ATOM   1040 C  CG  . PHE A 1 128 ? 0.695   14.536  -4.225  1.00 31.92  ? 128 PHE A CG  1 
ATOM   1041 C  CD1 . PHE A 1 128 ? -0.142  14.841  -3.165  1.00 32.38  ? 128 PHE A CD1 1 
ATOM   1042 C  CD2 . PHE A 1 128 ? 0.477   13.384  -4.933  1.00 29.61  ? 128 PHE A CD2 1 
ATOM   1043 C  CE1 . PHE A 1 128 ? -1.170  13.985  -2.832  1.00 33.63  ? 128 PHE A CE1 1 
ATOM   1044 C  CE2 . PHE A 1 128 ? -0.494  12.518  -4.561  1.00 32.37  ? 128 PHE A CE2 1 
ATOM   1045 C  CZ  . PHE A 1 128 ? -1.359  12.847  -3.545  1.00 30.57  ? 128 PHE A CZ  1 
ATOM   1046 N  N   . ILE A 1 129 ? 3.943   13.217  -4.431  1.00 26.40  ? 129 ILE A N   1 
ATOM   1047 C  CA  . ILE A 1 129 ? 4.242   11.887  -4.251  1.00 26.78  ? 129 ILE A CA  1 
ATOM   1048 C  C   . ILE A 1 129 ? 5.352   11.698  -3.216  1.00 27.59  ? 129 ILE A C   1 
ATOM   1049 O  O   . ILE A 1 129 ? 5.361   10.754  -2.450  1.00 26.82  ? 129 ILE A O   1 
ATOM   1050 C  CB  . ILE A 1 129 ? 4.705   11.286  -5.641  1.00 28.21  ? 129 ILE A CB  1 
ATOM   1051 C  CG1 . ILE A 1 129 ? 3.502   11.158  -6.571  1.00 29.23  ? 129 ILE A CG1 1 
ATOM   1052 C  CG2 . ILE A 1 129 ? 5.435   9.958   -5.439  1.00 28.87  ? 129 ILE A CG2 1 
ATOM   1053 C  CD1 . ILE A 1 129 ? 3.969   10.971  -8.038  1.00 31.25  ? 129 ILE A CD1 1 
ATOM   1054 N  N   . GLU A 1 130 ? 6.314   12.587  -3.229  1.00 25.61  ? 130 GLU A N   1 
ATOM   1055 C  CA  . GLU A 1 130 ? 7.403   12.479  -2.301  1.00 29.43  ? 130 GLU A CA  1 
ATOM   1056 C  C   . GLU A 1 130 ? 6.862   12.758  -0.888  1.00 29.61  ? 130 GLU A C   1 
ATOM   1057 O  O   . GLU A 1 130 ? 7.158   12.068  0.029   1.00 30.02  ? 130 GLU A O   1 
ATOM   1058 C  CB  . GLU A 1 130 ? 8.429   13.510  -2.584  1.00 28.48  ? 130 GLU A CB  1 
ATOM   1059 C  CG  . GLU A 1 130 ? 9.242   13.192  -3.838  1.00 30.66  ? 130 GLU A CG  1 
ATOM   1060 C  CD  . GLU A 1 130 ? 9.863   14.453  -4.446  1.00 40.20  ? 130 GLU A CD  1 
ATOM   1061 O  OE1 . GLU A 1 130 ? 9.880   15.481  -3.761  1.00 48.08  ? 130 GLU A OE1 1 
ATOM   1062 O  OE2 . GLU A 1 130 ? 10.300  14.482  -5.615  1.00 36.99  ? 130 GLU A OE2 1 
ATOM   1063 N  N   . ASN A 1 131 ? 6.012   13.718  -0.813  1.00 28.18  ? 131 ASN A N   1 
ATOM   1064 C  CA  . ASN A 1 131 ? 5.553   14.205  0.473   1.00 34.50  ? 131 ASN A CA  1 
ATOM   1065 C  C   . ASN A 1 131 ? 4.663   13.169  1.129   1.00 32.71  ? 131 ASN A C   1 
ATOM   1066 O  O   . ASN A 1 131 ? 4.736   12.955  2.326   1.00 31.26  ? 131 ASN A O   1 
ATOM   1067 C  CB  . ASN A 1 131 ? 4.816   15.527  0.279   1.00 34.97  ? 131 ASN A CB  1 
ATOM   1068 C  CG  . ASN A 1 131 ? 4.531   16.207  1.595   1.00 48.39  ? 131 ASN A CG  1 
ATOM   1069 O  OD1 . ASN A 1 131 ? 3.383   16.527  1.916   1.00 58.09  ? 131 ASN A OD1 1 
ATOM   1070 N  ND2 . ASN A 1 131 ? 5.586   16.386  2.390   1.00 50.71  ? 131 ASN A ND2 1 
ATOM   1071 N  N   . HIS A 1 132 ? 3.824   12.505  0.341   1.00 31.14  ? 132 HIS A N   1 
ATOM   1072 C  CA  . HIS A 1 132 ? 2.839   11.595  0.896   1.00 32.75  ? 132 HIS A CA  1 
ATOM   1073 C  C   . HIS A 1 132 ? 3.045   10.105  0.763   1.00 34.86  ? 132 HIS A C   1 
ATOM   1074 O  O   . HIS A 1 132 ? 2.428   9.366   1.504   1.00 32.77  ? 132 HIS A O   1 
ATOM   1075 C  CB  . HIS A 1 132 ? 1.467   11.976  0.379   1.00 33.32  ? 132 HIS A CB  1 
ATOM   1076 C  CG  . HIS A 1 132 ? 1.063   13.334  0.803   1.00 35.26  ? 132 HIS A CG  1 
ATOM   1077 N  ND1 . HIS A 1 132 ? 0.851   13.667  2.136   1.00 36.34  ? 132 HIS A ND1 1 
ATOM   1078 C  CD2 . HIS A 1 132 ? 0.913   14.472  0.086   1.00 37.62  ? 132 HIS A CD2 1 
ATOM   1079 C  CE1 . HIS A 1 132 ? 0.538   14.949  2.202   1.00 38.37  ? 132 HIS A CE1 1 
ATOM   1080 N  NE2 . HIS A 1 132 ? 0.568   15.463  0.974   1.00 37.05  ? 132 HIS A NE2 1 
ATOM   1081 N  N   . TYR A 1 133 ? 3.879   9.675   -0.185  1.00 27.24  ? 133 TYR A N   1 
ATOM   1082 C  CA  . TYR A 1 133 ? 4.062   8.324   -0.468  1.00 28.33  ? 133 TYR A CA  1 
ATOM   1083 C  C   . TYR A 1 133 ? 5.440   7.790   -0.305  1.00 29.36  ? 133 TYR A C   1 
ATOM   1084 O  O   . TYR A 1 133 ? 5.587   6.741   0.278   1.00 28.98  ? 133 TYR A O   1 
ATOM   1085 C  CB  . TYR A 1 133 ? 3.573   8.014   -1.866  1.00 28.05  ? 133 TYR A CB  1 
ATOM   1086 C  CG  . TYR A 1 133 ? 2.105   8.293   -1.974  1.00 29.81  ? 133 TYR A CG  1 
ATOM   1087 C  CD1 . TYR A 1 133 ? 1.636   9.568   -2.191  1.00 29.58  ? 133 TYR A CD1 1 
ATOM   1088 C  CD2 . TYR A 1 133 ? 1.192   7.303   -1.845  1.00 33.77  ? 133 TYR A CD2 1 
ATOM   1089 C  CE1 . TYR A 1 133 ? 0.296   9.842   -2.232  1.00 30.46  ? 133 TYR A CE1 1 
ATOM   1090 C  CE2 . TYR A 1 133 ? -0.157  7.581   -1.894  1.00 33.16  ? 133 TYR A CE2 1 
ATOM   1091 C  CZ  . TYR A 1 133 ? -0.574  8.831   -2.073  1.00 31.92  ? 133 TYR A CZ  1 
ATOM   1092 O  OH  . TYR A 1 133 ? -1.863  9.096   -2.067  1.00 30.30  ? 133 TYR A OH  1 
ATOM   1093 N  N   . LEU A 1 134 ? 6.451   8.476   -0.807  1.00 27.49  ? 134 LEU A N   1 
ATOM   1094 C  CA  . LEU A 1 134 ? 7.736   7.807   -0.942  1.00 28.33  ? 134 LEU A CA  1 
ATOM   1095 C  C   . LEU A 1 134 ? 8.368   7.403   0.350   1.00 28.26  ? 134 LEU A C   1 
ATOM   1096 O  O   . LEU A 1 134 ? 8.869   6.279   0.484   1.00 28.45  ? 134 LEU A O   1 
ATOM   1097 C  CB  . LEU A 1 134 ? 8.703   8.603   -1.815  1.00 29.42  ? 134 LEU A CB  1 
ATOM   1098 C  CG  . LEU A 1 134 ? 8.293   8.833   -3.267  1.00 28.38  ? 134 LEU A CG  1 
ATOM   1099 C  CD1 . LEU A 1 134 ? 9.453   9.340   -4.016  1.00 33.58  ? 134 LEU A CD1 1 
ATOM   1100 C  CD2 . LEU A 1 134 ? 7.750   7.538   -3.898  1.00 30.19  ? 134 LEU A CD2 1 
ATOM   1101 N  N   . THR A 1 135 ? 8.435   8.338   1.289   1.00 27.83  ? 135 THR A N   1 
ATOM   1102 C  CA  . THR A 1 135 ? 9.040   8.034   2.550   1.00 30.27  ? 135 THR A CA  1 
ATOM   1103 C  C   . THR A 1 135 ? 8.196   7.071   3.349   1.00 27.87  ? 135 THR A C   1 
ATOM   1104 O  O   . THR A 1 135 ? 8.688   6.200   3.974   1.00 29.50  ? 135 THR A O   1 
ATOM   1105 C  CB  . THR A 1 135 ? 9.290   9.305   3.303   1.00 30.37  ? 135 THR A CB  1 
ATOM   1106 O  OG1 . THR A 1 135 ? 10.236  9.995   2.525   1.00 28.52  ? 135 THR A OG1 1 
ATOM   1107 C  CG2 . THR A 1 135 ? 9.803   8.995   4.679   1.00 34.13  ? 135 THR A CG2 1 
ATOM   1108 N  N   . GLU A 1 136 ? 6.910   7.245   3.249   1.00 31.00  ? 136 GLU A N   1 
ATOM   1109 C  CA  . GLU A 1 136 ? 6.006   6.291   3.810   1.00 34.64  ? 136 GLU A CA  1 
ATOM   1110 C  C   . GLU A 1 136 ? 6.236   4.886   3.327   1.00 32.29  ? 136 GLU A C   1 
ATOM   1111 O  O   . GLU A 1 136 ? 6.211   3.955   4.126   1.00 29.16  ? 136 GLU A O   1 
ATOM   1112 C  CB  . GLU A 1 136 ? 4.572   6.744   3.492   1.00 40.53  ? 136 GLU A CB  1 
ATOM   1113 C  CG  . GLU A 1 136 ? 3.493   5.947   4.181   1.00 63.40  ? 136 GLU A CG  1 
ATOM   1114 C  CD  . GLU A 1 136 ? 3.142   6.457   5.569   1.00 79.94  ? 136 GLU A CD  1 
ATOM   1115 O  OE1 . GLU A 1 136 ? 3.820   7.426   6.038   1.00 79.39  ? 136 GLU A OE1 1 
ATOM   1116 O  OE2 . GLU A 1 136 ? 2.179   5.873   6.167   1.00 87.40  ? 136 GLU A OE2 1 
ATOM   1117 N  N   . GLN A 1 137 ? 6.402   4.699   2.013   1.00 26.96  ? 137 GLN A N   1 
ATOM   1118 C  CA  . GLN A 1 137 ? 6.705   3.413   1.496   1.00 30.27  ? 137 GLN A CA  1 
ATOM   1119 C  C   . GLN A 1 137 ? 8.027   2.898   2.016   1.00 26.79  ? 137 GLN A C   1 
ATOM   1120 O  O   . GLN A 1 137 ? 8.123   1.735   2.391   1.00 28.09  ? 137 GLN A O   1 
ATOM   1121 C  CB  . GLN A 1 137 ? 6.838   3.398   -0.045  1.00 36.54  ? 137 GLN A CB  1 
ATOM   1122 C  CG  . GLN A 1 137 ? 5.586   3.294   -0.800  1.00 42.20  ? 137 GLN A CG  1 
ATOM   1123 C  CD  . GLN A 1 137 ? 4.660   2.239   -0.308  1.00 37.89  ? 137 GLN A CD  1 
ATOM   1124 O  OE1 . GLN A 1 137 ? 3.575   2.563   0.152   1.00 50.19  ? 137 GLN A OE1 1 
ATOM   1125 N  NE2 . GLN A 1 137 ? 5.107   1.023   -0.275  1.00 35.92  ? 137 GLN A NE2 1 
ATOM   1126 N  N   . VAL A 1 138 ? 9.016   3.761   2.084   1.00 25.31  ? 138 VAL A N   1 
ATOM   1127 C  CA  . VAL A 1 138 ? 10.311  3.369   2.572   1.00 25.85  ? 138 VAL A CA  1 
ATOM   1128 C  C   . VAL A 1 138 ? 10.157  2.864   3.994   1.00 28.97  ? 138 VAL A C   1 
ATOM   1129 O  O   . VAL A 1 138 ? 10.696  1.830   4.365   1.00 27.66  ? 138 VAL A O   1 
ATOM   1130 C  CB  . VAL A 1 138 ? 11.348  4.505   2.435   1.00 27.29  ? 138 VAL A CB  1 
ATOM   1131 C  CG1 . VAL A 1 138 ? 12.523  4.331   3.351   1.00 28.44  ? 138 VAL A CG1 1 
ATOM   1132 C  CG2 . VAL A 1 138 ? 11.822  4.572   1.017   1.00 29.41  ? 138 VAL A CG2 1 
ATOM   1133 N  N   . GLU A 1 139 ? 9.351   3.591   4.763   1.00 27.58  ? 139 GLU A N   1 
ATOM   1134 C  CA  . GLU A 1 139 ? 9.168   3.236   6.142   1.00 29.64  ? 139 GLU A CA  1 
ATOM   1135 C  C   . GLU A 1 139 ? 8.464   1.940   6.243   1.00 25.49  ? 139 GLU A C   1 
ATOM   1136 O  O   . GLU A 1 139 ? 8.877   1.090   7.043   1.00 28.37  ? 139 GLU A O   1 
ATOM   1137 C  CB  . GLU A 1 139 ? 8.470   4.361   6.903   1.00 29.87  ? 139 GLU A CB  1 
ATOM   1138 C  CG  . GLU A 1 139 ? 9.367   5.551   6.996   1.00 36.99  ? 139 GLU A CG  1 
ATOM   1139 C  CD  . GLU A 1 139 ? 8.730   6.755   7.690   1.00 43.96  ? 139 GLU A CD  1 
ATOM   1140 O  OE1 . GLU A 1 139 ? 7.527   6.802   7.944   1.00 49.42  ? 139 GLU A OE1 1 
ATOM   1141 O  OE2 . GLU A 1 139 ? 9.461   7.694   7.893   1.00 53.62  ? 139 GLU A OE2 1 
ATOM   1142 N  N   . ALA A 1 140 ? 7.432   1.754   5.442   1.00 29.98  ? 140 ALA A N   1 
ATOM   1143 C  CA  . ALA A 1 140 ? 6.664   0.528   5.489   1.00 30.53  ? 140 ALA A CA  1 
ATOM   1144 C  C   . ALA A 1 140 ? 7.476   -0.644  5.131   1.00 29.25  ? 140 ALA A C   1 
ATOM   1145 O  O   . ALA A 1 140 ? 7.432   -1.669  5.789   1.00 28.70  ? 140 ALA A O   1 
ATOM   1146 C  CB  . ALA A 1 140 ? 5.468   0.602   4.593   1.00 30.90  ? 140 ALA A CB  1 
ATOM   1147 N  N   . ILE A 1 141 ? 8.251   -0.498  4.077   1.00 28.61  ? 141 ILE A N   1 
ATOM   1148 C  CA  . ILE A 1 141 ? 9.074   -1.601  3.625   1.00 27.62  ? 141 ILE A CA  1 
ATOM   1149 C  C   . ILE A 1 141 ? 10.138  -1.962  4.635   1.00 28.24  ? 141 ILE A C   1 
ATOM   1150 O  O   . ILE A 1 141 ? 10.344  -3.153  4.949   1.00 29.66  ? 141 ILE A O   1 
ATOM   1151 C  CB  . ILE A 1 141 ? 9.713   -1.295  2.237   1.00 27.85  ? 141 ILE A CB  1 
ATOM   1152 C  CG1 . ILE A 1 141 ? 8.629   -1.259  1.204   1.00 28.44  ? 141 ILE A CG1 1 
ATOM   1153 C  CG2 . ILE A 1 141 ? 10.821  -2.293  1.900   1.00 29.59  ? 141 ILE A CG2 1 
ATOM   1154 C  CD1 . ILE A 1 141 ? 9.057   -0.486  -0.030  1.00 33.12  ? 141 ILE A CD1 1 
ATOM   1155 N  N   . ARG A 1 142 ? 10.785  -0.939  5.191   1.00 25.59  ? 142 ARG A N   1 
ATOM   1156 C  CA  . ARG A 1 142 ? 11.778  -1.225  6.188   1.00 27.16  ? 142 ARG A CA  1 
ATOM   1157 C  C   . ARG A 1 142 ? 11.109  -1.930  7.374   1.00 26.54  ? 142 ARG A C   1 
ATOM   1158 O  O   . ARG A 1 142 ? 11.678  -2.816  7.982   1.00 25.90  ? 142 ARG A O   1 
ATOM   1159 C  CB  . ARG A 1 142 ? 12.391  0.084   6.674   1.00 27.42  ? 142 ARG A CB  1 
ATOM   1160 C  CG  . ARG A 1 142 ? 13.214  -0.084  7.954   1.00 29.38  ? 142 ARG A CG  1 
ATOM   1161 C  CD  . ARG A 1 142 ? 14.427  -0.959  7.750   1.00 29.59  ? 142 ARG A CD  1 
ATOM   1162 N  NE  . ARG A 1 142 ? 15.110  -1.055  9.016   1.00 34.07  ? 142 ARG A NE  1 
ATOM   1163 C  CZ  . ARG A 1 142 ? 14.708  -1.785  10.044  1.00 32.66  ? 142 ARG A CZ  1 
ATOM   1164 N  NH1 . ARG A 1 142 ? 13.665  -2.615  9.946   1.00 29.20  ? 142 ARG A NH1 1 
ATOM   1165 N  NH2 . ARG A 1 142 ? 15.373  -1.682  11.176  1.00 32.25  ? 142 ARG A NH2 1 
ATOM   1166 N  N   . GLU A 1 143 ? 9.901   -1.456  7.736   1.00 28.09  ? 143 GLU A N   1 
ATOM   1167 C  CA  . GLU A 1 143 ? 9.241   -1.975  8.910   1.00 28.03  ? 143 GLU A CA  1 
ATOM   1168 C  C   . GLU A 1 143 ? 8.927   -3.444  8.676   1.00 27.74  ? 143 GLU A C   1 
ATOM   1169 O  O   . GLU A 1 143 ? 9.193   -4.334  9.526   1.00 30.18  ? 143 GLU A O   1 
ATOM   1170 C  CB  . GLU A 1 143 ? 7.961   -1.175  9.136   1.00 32.27  ? 143 GLU A CB  1 
ATOM   1171 C  CG  . GLU A 1 143 ? 7.079   -1.637  10.285  1.00 42.33  ? 143 GLU A CG  1 
ATOM   1172 C  CD  . GLU A 1 143 ? 5.681   -0.981  10.284  1.00 43.93  ? 143 GLU A CD  1 
ATOM   1173 O  OE1 . GLU A 1 143 ? 5.364   -0.129  9.457   1.00 56.14  ? 143 GLU A OE1 1 
ATOM   1174 O  OE2 . GLU A 1 143 ? 4.880   -1.363  11.107  1.00 46.92  ? 143 GLU A OE2 1 
ATOM   1175 N  N   . ILE A 1 144 ? 8.385   -3.734  7.509   1.00 28.81  ? 144 ILE A N   1 
ATOM   1176 C  CA  . ILE A 1 144 ? 8.010   -5.126  7.247   1.00 26.61  ? 144 ILE A CA  1 
ATOM   1177 C  C   . ILE A 1 144 ? 9.279   -5.996  7.154   1.00 29.60  ? 144 ILE A C   1 
ATOM   1178 O  O   . ILE A 1 144 ? 9.310   -7.143  7.598   1.00 27.12  ? 144 ILE A O   1 
ATOM   1179 C  CB  . ILE A 1 144 ? 7.163   -5.222  6.012   1.00 27.76  ? 144 ILE A CB  1 
ATOM   1180 C  CG1 . ILE A 1 144 ? 5.833   -4.549  6.236   1.00 32.79  ? 144 ILE A CG1 1 
ATOM   1181 C  CG2 . ILE A 1 144 ? 6.926   -6.664  5.627   1.00 28.27  ? 144 ILE A CG2 1 
ATOM   1182 C  CD1 . ILE A 1 144 ? 5.152   -4.120  4.989   1.00 35.58  ? 144 ILE A CD1 1 
ATOM   1183 N  N   . SER A 1 145 ? 10.312  -5.452  6.536   1.00 30.47  ? 145 SER A N   1 
ATOM   1184 C  CA  . SER A 1 145 ? 11.534  -6.174  6.482   1.00 29.75  ? 145 SER A CA  1 
ATOM   1185 C  C   . SER A 1 145 ? 12.021  -6.553  7.874   1.00 30.92  ? 145 SER A C   1 
ATOM   1186 O  O   . SER A 1 145 ? 12.429  -7.682  8.095   1.00 28.41  ? 145 SER A O   1 
ATOM   1187 C  CB  . SER A 1 145 ? 12.546  -5.378  5.693   1.00 34.62  ? 145 SER A CB  1 
ATOM   1188 O  OG  . SER A 1 145 ? 13.795  -5.992  5.786   1.00 43.58  ? 145 SER A OG  1 
ATOM   1189 N  N   . GLY A 1 146 ? 11.940  -5.615  8.827   1.00 30.22  ? 146 GLY A N   1 
ATOM   1190 C  CA  . GLY A 1 146 ? 12.329  -5.918  10.174  1.00 29.16  ? 146 GLY A CA  1 
ATOM   1191 C  C   . GLY A 1 146 ? 11.431  -6.962  10.784  1.00 29.33  ? 146 GLY A C   1 
ATOM   1192 O  O   . GLY A 1 146 ? 11.889  -7.787  11.522  1.00 27.43  ? 146 GLY A O   1 
ATOM   1193 N  N   . TYR A 1 147 ? 10.152  -6.940  10.458  1.00 28.36  ? 147 TYR A N   1 
ATOM   1194 C  CA  . TYR A 1 147 ? 9.256   -7.939  10.953  1.00 29.51  ? 147 TYR A CA  1 
ATOM   1195 C  C   . TYR A 1 147 ? 9.680   -9.292  10.483  1.00 30.85  ? 147 TYR A C   1 
ATOM   1196 O  O   . TYR A 1 147 ? 9.714   -10.210 11.263  1.00 28.85  ? 147 TYR A O   1 
ATOM   1197 C  CB  . TYR A 1 147 ? 7.831   -7.682  10.511  1.00 31.51  ? 147 TYR A CB  1 
ATOM   1198 C  CG  . TYR A 1 147 ? 7.223   -6.463  11.115  1.00 33.56  ? 147 TYR A CG  1 
ATOM   1199 C  CD1 . TYR A 1 147 ? 7.756   -5.871  12.227  1.00 33.57  ? 147 TYR A CD1 1 
ATOM   1200 C  CD2 . TYR A 1 147 ? 6.081   -5.893  10.559  1.00 35.08  ? 147 TYR A CD2 1 
ATOM   1201 C  CE1 . TYR A 1 147 ? 7.193   -4.764  12.794  1.00 38.35  ? 147 TYR A CE1 1 
ATOM   1202 C  CE2 . TYR A 1 147 ? 5.500   -4.810  11.132  1.00 37.97  ? 147 TYR A CE2 1 
ATOM   1203 C  CZ  . TYR A 1 147 ? 6.047   -4.264  12.256  1.00 38.56  ? 147 TYR A CZ  1 
ATOM   1204 O  OH  . TYR A 1 147 ? 5.502   -3.151  12.762  1.00 40.40  ? 147 TYR A OH  1 
ATOM   1205 N  N   . LEU A 1 148 ? 10.012  -9.396  9.204   1.00 30.97  ? 148 LEU A N   1 
ATOM   1206 C  CA  . LEU A 1 148 ? 10.453  -10.645 8.672   1.00 29.58  ? 148 LEU A CA  1 
ATOM   1207 C  C   . LEU A 1 148 ? 11.692  -11.076 9.354   1.00 30.39  ? 148 LEU A C   1 
ATOM   1208 O  O   . LEU A 1 148 ? 11.819  -12.263 9.691   1.00 29.46  ? 148 LEU A O   1 
ATOM   1209 C  CB  . LEU A 1 148 ? 10.677  -10.572 7.162   1.00 29.62  ? 148 LEU A CB  1 
ATOM   1210 C  CG  . LEU A 1 148 ? 9.410   -10.588 6.358   1.00 34.48  ? 148 LEU A CG  1 
ATOM   1211 C  CD1 . LEU A 1 148 ? 9.673   -10.085 4.971   1.00 35.39  ? 148 LEU A CD1 1 
ATOM   1212 C  CD2 . LEU A 1 148 ? 8.847   -12.012 6.346   1.00 35.83  ? 148 LEU A CD2 1 
ATOM   1213 N  N   . THR A 1 149 ? 12.611  -10.150 9.612   1.00 27.71  ? 149 THR A N   1 
ATOM   1214 C  CA  . THR A 1 149 ? 13.804  -10.540 10.282  1.00 26.92  ? 149 THR A CA  1 
ATOM   1215 C  C   . THR A 1 149 ? 13.468  -11.124 11.664  1.00 28.41  ? 149 THR A C   1 
ATOM   1216 O  O   . THR A 1 149 ? 13.930  -12.179 12.061  1.00 30.26  ? 149 THR A O   1 
ATOM   1217 C  CB  . THR A 1 149 ? 14.713  -9.370  10.438  1.00 27.49  ? 149 THR A CB  1 
ATOM   1218 O  OG1 . THR A 1 149 ? 15.188  -8.994  9.165   1.00 29.32  ? 149 THR A OG1 1 
ATOM   1219 C  CG2 . THR A 1 149 ? 15.913  -9.650  11.308  1.00 27.27  ? 149 THR A CG2 1 
ATOM   1220 N  N   . ASN A 1 150 ? 12.584  -10.470 12.365  1.00 28.54  ? 150 ASN A N   1 
ATOM   1221 C  CA  . ASN A 1 150 ? 12.215  -10.912 13.731  1.00 25.46  ? 150 ASN A CA  1 
ATOM   1222 C  C   . ASN A 1 150 ? 11.363  -12.122 13.775  1.00 26.68  ? 150 ASN A C   1 
ATOM   1223 O  O   . ASN A 1 150 ? 11.567  -12.963 14.643  1.00 27.20  ? 150 ASN A O   1 
ATOM   1224 C  CB  . ASN A 1 150 ? 11.646  -9.754  14.482  1.00 28.11  ? 150 ASN A CB  1 
ATOM   1225 C  CG  . ASN A 1 150 ? 12.743  -8.880  15.001  1.00 26.85  ? 150 ASN A CG  1 
ATOM   1226 O  OD1 . ASN A 1 150 ? 13.538  -9.335  15.817  1.00 31.78  ? 150 ASN A OD1 1 
ATOM   1227 N  ND2 . ASN A 1 150 ? 12.891  -7.703  14.426  1.00 27.93  ? 150 ASN A ND2 1 
ATOM   1228 N  N   . LEU A 1 151 ? 10.508  -12.280 12.761  1.00 30.79  ? 151 LEU A N   1 
ATOM   1229 C  CA  . LEU A 1 151 ? 9.759   -13.525 12.615  1.00 31.23  ? 151 LEU A CA  1 
ATOM   1230 C  C   . LEU A 1 151 ? 10.666  -14.692 12.457  1.00 30.66  ? 151 LEU A C   1 
ATOM   1231 O  O   . LEU A 1 151 ? 10.474  -15.727 13.084  1.00 33.33  ? 151 LEU A O   1 
ATOM   1232 C  CB  . LEU A 1 151 ? 8.772   -13.444 11.485  1.00 35.14  ? 151 LEU A CB  1 
ATOM   1233 C  CG  . LEU A 1 151 ? 7.546   -12.607 11.897  1.00 33.33  ? 151 LEU A CG  1 
ATOM   1234 C  CD1 . LEU A 1 151 ? 6.862   -12.082 10.695  1.00 34.91  ? 151 LEU A CD1 1 
ATOM   1235 C  CD2 . LEU A 1 151 ? 6.613   -13.482 12.688  1.00 36.93  ? 151 LEU A CD2 1 
ATOM   1236 N  N   . LYS A 1 152 ? 11.666  -14.536 11.629  1.00 31.12  ? 152 LYS A N   1 
ATOM   1237 C  CA  . LYS A 1 152 ? 12.682  -15.556 11.457  1.00 34.61  ? 152 LYS A CA  1 
ATOM   1238 C  C   . LYS A 1 152 ? 13.434  -15.796 12.747  1.00 35.56  ? 152 LYS A C   1 
ATOM   1239 O  O   . LYS A 1 152 ? 13.638  -16.915 13.154  1.00 32.45  ? 152 LYS A O   1 
ATOM   1240 C  CB  . LYS A 1 152 ? 13.627  -15.149 10.348  1.00 39.06  ? 152 LYS A CB  1 
ATOM   1241 C  CG  . LYS A 1 152 ? 14.928  -15.940 10.286  1.00 51.33  ? 152 LYS A CG  1 
ATOM   1242 C  CD  . LYS A 1 152 ? 15.648  -15.735 8.939   1.00 65.70  ? 152 LYS A CD  1 
ATOM   1243 C  CE  . LYS A 1 152 ? 16.111  -17.061 8.333   1.00 80.97  ? 152 LYS A CE  1 
ATOM   1244 N  NZ  . LYS A 1 152 ? 16.397  -16.960 6.875   1.00 86.68  ? 152 LYS A NZ  1 
ATOM   1245 N  N   . ARG A 1 153 ? 13.806  -14.713 13.432  1.00 34.34  ? 153 ARG A N   1 
ATOM   1246 C  CA  . ARG A 1 153 ? 14.511  -14.830 14.644  1.00 32.84  ? 153 ARG A CA  1 
ATOM   1247 C  C   . ARG A 1 153 ? 13.647  -15.545 15.657  1.00 33.10  ? 153 ARG A C   1 
ATOM   1248 O  O   . ARG A 1 153 ? 14.140  -16.393 16.400  1.00 31.89  ? 153 ARG A O   1 
ATOM   1249 C  CB  . ARG A 1 153 ? 14.938  -13.441 15.153  1.00 31.66  ? 153 ARG A CB  1 
ATOM   1250 C  CG  . ARG A 1 153 ? 15.370  -13.420 16.587  1.00 32.19  ? 153 ARG A CG  1 
ATOM   1251 C  CD  . ARG A 1 153 ? 15.742  -12.042 17.066  1.00 31.87  ? 153 ARG A CD  1 
ATOM   1252 N  NE  . ARG A 1 153 ? 16.954  -11.609 16.424  1.00 29.40  ? 153 ARG A NE  1 
ATOM   1253 C  CZ  . ARG A 1 153 ? 17.074  -10.679 15.512  1.00 29.90  ? 153 ARG A CZ  1 
ATOM   1254 N  NH1 . ARG A 1 153 ? 16.055  -9.936  15.137  1.00 29.27  ? 153 ARG A NH1 1 
ATOM   1255 N  NH2 . ARG A 1 153 ? 18.273  -10.408 15.069  1.00 31.86  ? 153 ARG A NH2 1 
ATOM   1256 N  N   . CYS A 1 154 ? 12.358  -15.180 15.723  1.00 28.27  ? 154 CYS A N   1 
ATOM   1257 C  CA  . CYS A 1 154 ? 11.509  -15.711 16.767  1.00 29.16  ? 154 CYS A CA  1 
ATOM   1258 C  C   . CYS A 1 154 ? 11.176  -17.196 16.552  1.00 31.66  ? 154 CYS A C   1 
ATOM   1259 O  O   . CYS A 1 154 ? 10.957  -17.940 17.494  1.00 31.82  ? 154 CYS A O   1 
ATOM   1260 C  CB  . CYS A 1 154 ? 10.213  -14.904 16.798  1.00 30.86  ? 154 CYS A CB  1 
ATOM   1261 S  SG  . CYS A 1 154 ? 10.580  -13.368 17.667  1.00 33.36  ? 154 CYS A SG  1 
ATOM   1262 N  N   . GLY A 1 155 ? 11.098  -17.575 15.289  1.00 32.44  ? 155 GLY A N   1 
ATOM   1263 C  CA  . GLY A 1 155 ? 10.800  -18.910 14.929  1.00 31.75  ? 155 GLY A CA  1 
ATOM   1264 C  C   . GLY A 1 155 ? 9.334   -19.212 14.952  1.00 31.84  ? 155 GLY A C   1 
ATOM   1265 O  O   . GLY A 1 155 ? 8.530   -18.442 15.442  1.00 35.77  ? 155 GLY A O   1 
ATOM   1266 N  N   . PRO A 1 156 ? 8.980   -20.402 14.473  1.00 34.19  ? 156 PRO A N   1 
ATOM   1267 C  CA  . PRO A 1 156 ? 7.568   -20.745 14.373  1.00 32.56  ? 156 PRO A CA  1 
ATOM   1268 C  C   . PRO A 1 156 ? 7.048   -21.067 15.781  1.00 33.62  ? 156 PRO A C   1 
ATOM   1269 O  O   . PRO A 1 156 ? 7.804   -21.319 16.680  1.00 33.65  ? 156 PRO A O   1 
ATOM   1270 C  CB  . PRO A 1 156 ? 7.584   -21.990 13.443  1.00 37.07  ? 156 PRO A CB  1 
ATOM   1271 C  CG  . PRO A 1 156 ? 8.920   -22.595 13.646  1.00 40.44  ? 156 PRO A CG  1 
ATOM   1272 C  CD  . PRO A 1 156 ? 9.875   -21.442 13.909  1.00 39.77  ? 156 PRO A CD  1 
ATOM   1273 N  N   . GLY A 1 157 ? 5.749   -21.041 15.951  1.00 33.06  ? 157 GLY A N   1 
ATOM   1274 C  CA  . GLY A 1 157 ? 5.157   -21.537 17.154  1.00 32.99  ? 157 GLY A CA  1 
ATOM   1275 C  C   . GLY A 1 157 ? 5.077   -20.368 18.128  1.00 30.27  ? 157 GLY A C   1 
ATOM   1276 O  O   . GLY A 1 157 ? 4.483   -19.327 17.815  1.00 29.94  ? 157 GLY A O   1 
ATOM   1277 N  N   . LEU A 1 158 ? 5.612   -20.591 19.284  1.00 29.09  ? 158 LEU A N   1 
ATOM   1278 C  CA  . LEU A 1 158 ? 5.648   -19.600 20.339  1.00 32.51  ? 158 LEU A CA  1 
ATOM   1279 C  C   . LEU A 1 158 ? 6.189   -18.265 19.836  1.00 30.15  ? 158 LEU A C   1 
ATOM   1280 O  O   . LEU A 1 158 ? 5.675   -17.225 20.176  1.00 30.18  ? 158 LEU A O   1 
ATOM   1281 C  CB  . LEU A 1 158 ? 6.445   -20.079 21.528  1.00 32.96  ? 158 LEU A CB  1 
ATOM   1282 C  CG  . LEU A 1 158 ? 6.559   -19.086 22.687  1.00 32.02  ? 158 LEU A CG  1 
ATOM   1283 C  CD1 . LEU A 1 158 ? 5.150   -18.649 23.136  1.00 32.62  ? 158 LEU A CD1 1 
ATOM   1284 C  CD2 . LEU A 1 158 ? 7.338   -19.735 23.803  1.00 33.12  ? 158 LEU A CD2 1 
ATOM   1285 N  N   . GLY A 1 159 ? 7.209   -18.312 19.034  1.00 31.71  ? 159 GLY A N   1 
ATOM   1286 C  CA  . GLY A 1 159 ? 7.834   -17.121 18.542  1.00 33.11  ? 159 GLY A CA  1 
ATOM   1287 C  C   . GLY A 1 159 ? 6.893   -16.312 17.719  1.00 30.02  ? 159 GLY A C   1 
ATOM   1288 O  O   . GLY A 1 159 ? 6.910   -15.103 17.724  1.00 30.69  ? 159 GLY A O   1 
ATOM   1289 N  N   . GLU A 1 160 ? 6.093   -17.013 16.941  1.00 29.29  ? 160 GLU A N   1 
ATOM   1290 C  CA  . GLU A 1 160 ? 5.120   -16.365 16.128  1.00 30.06  ? 160 GLU A CA  1 
ATOM   1291 C  C   . GLU A 1 160 ? 4.056   -15.738 16.986  1.00 27.48  ? 160 GLU A C   1 
ATOM   1292 O  O   . GLU A 1 160 ? 3.647   -14.615 16.763  1.00 28.29  ? 160 GLU A O   1 
ATOM   1293 C  CB  . GLU A 1 160 ? 4.466   -17.379 15.196  1.00 32.09  ? 160 GLU A CB  1 
ATOM   1294 C  CG  . GLU A 1 160 ? 3.610   -16.695 14.181  1.00 33.43  ? 160 GLU A CG  1 
ATOM   1295 C  CD  . GLU A 1 160 ? 2.849   -17.685 13.322  1.00 37.66  ? 160 GLU A CD  1 
ATOM   1296 O  OE1 . GLU A 1 160 ? 2.764   -17.421 12.132  1.00 37.99  ? 160 GLU A OE1 1 
ATOM   1297 O  OE2 . GLU A 1 160 ? 2.317   -18.697 13.869  1.00 35.90  ? 160 GLU A OE2 1 
ATOM   1298 N  N   . PHE A 1 161 ? 3.575   -16.470 17.955  1.00 27.56  ? 161 PHE A N   1 
ATOM   1299 C  CA  . PHE A 1 161 ? 2.636   -15.930 18.861  1.00 27.83  ? 161 PHE A CA  1 
ATOM   1300 C  C   . PHE A 1 161 ? 3.185   -14.664 19.539  1.00 26.48  ? 161 PHE A C   1 
ATOM   1301 O  O   . PHE A 1 161 ? 2.462   -13.673 19.711  1.00 28.59  ? 161 PHE A O   1 
ATOM   1302 C  CB  . PHE A 1 161 ? 2.342   -16.984 19.933  1.00 28.42  ? 161 PHE A CB  1 
ATOM   1303 C  CG  . PHE A 1 161 ? 1.429   -16.490 21.008  1.00 28.27  ? 161 PHE A CG  1 
ATOM   1304 C  CD1 . PHE A 1 161 ? 0.098   -16.311 20.752  1.00 36.08  ? 161 PHE A CD1 1 
ATOM   1305 C  CD2 . PHE A 1 161 ? 1.928   -16.055 22.176  1.00 30.17  ? 161 PHE A CD2 1 
ATOM   1306 C  CE1 . PHE A 1 161 ? -0.748  -15.802 21.722  1.00 37.58  ? 161 PHE A CE1 1 
ATOM   1307 C  CE2 . PHE A 1 161 ? 1.115   -15.552 23.159  1.00 36.74  ? 161 PHE A CE2 1 
ATOM   1308 C  CZ  . PHE A 1 161 ? -0.227  -15.404 22.923  1.00 37.48  ? 161 PHE A CZ  1 
ATOM   1309 N  N   . LEU A 1 162 ? 4.437   -14.695 19.987  1.00 27.25  ? 162 LEU A N   1 
ATOM   1310 C  CA  . LEU A 1 162 ? 5.004   -13.574 20.749  1.00 27.40  ? 162 LEU A CA  1 
ATOM   1311 C  C   . LEU A 1 162 ? 5.312   -12.419 19.841  1.00 30.11  ? 162 LEU A C   1 
ATOM   1312 O  O   . LEU A 1 162 ? 5.045   -11.323 20.158  1.00 29.82  ? 162 LEU A O   1 
ATOM   1313 C  CB  . LEU A 1 162 ? 6.235   -13.990 21.509  1.00 30.71  ? 162 LEU A CB  1 
ATOM   1314 C  CG  . LEU A 1 162 ? 5.843   -14.945 22.651  1.00 31.54  ? 162 LEU A CG  1 
ATOM   1315 C  CD1 . LEU A 1 162 ? 7.125   -15.431 23.265  1.00 33.54  ? 162 LEU A CD1 1 
ATOM   1316 C  CD2 . LEU A 1 162 ? 4.890   -14.397 23.687  1.00 31.83  ? 162 LEU A CD2 1 
ATOM   1317 N  N   . PHE A 1 163 ? 5.809   -12.698 18.653  1.00 28.03  ? 163 PHE A N   1 
ATOM   1318 C  CA  . PHE A 1 163 ? 6.068   -11.661 17.717  1.00 28.17  ? 163 PHE A CA  1 
ATOM   1319 C  C   . PHE A 1 163 ? 4.785   -10.961 17.334  1.00 30.11  ? 163 PHE A C   1 
ATOM   1320 O  O   . PHE A 1 163 ? 4.725   -9.736  17.211  1.00 31.48  ? 163 PHE A O   1 
ATOM   1321 C  CB  . PHE A 1 163 ? 6.769   -12.152 16.494  1.00 28.07  ? 163 PHE A CB  1 
ATOM   1322 C  CG  . PHE A 1 163 ? 6.965   -11.056 15.519  1.00 31.55  ? 163 PHE A CG  1 
ATOM   1323 C  CD1 . PHE A 1 163 ? 8.024   -10.185 15.650  1.00 38.01  ? 163 PHE A CD1 1 
ATOM   1324 C  CD2 . PHE A 1 163 ? 5.968   -10.775 14.626  1.00 39.18  ? 163 PHE A CD2 1 
ATOM   1325 C  CE1 . PHE A 1 163 ? 8.125   -9.071  14.827  1.00 35.41  ? 163 PHE A CE1 1 
ATOM   1326 C  CE2 . PHE A 1 163 ? 6.089   -9.688  13.791  1.00 41.63  ? 163 PHE A CE2 1 
ATOM   1327 C  CZ  . PHE A 1 163 ? 7.203   -8.875  13.884  1.00 33.96  ? 163 PHE A CZ  1 
ATOM   1328 N  N   . ASP A 1 164 ? 3.754   -11.742 17.157  1.00 29.86  ? 164 ASP A N   1 
ATOM   1329 C  CA  . ASP A 1 164 ? 2.446   -11.204 16.853  1.00 32.42  ? 164 ASP A CA  1 
ATOM   1330 C  C   . ASP A 1 164 ? 1.955   -10.204 17.873  1.00 37.64  ? 164 ASP A C   1 
ATOM   1331 O  O   . ASP A 1 164 ? 1.316   -9.256  17.513  1.00 34.30  ? 164 ASP A O   1 
ATOM   1332 C  CB  . ASP A 1 164 ? 1.424   -12.311 16.715  1.00 31.65  ? 164 ASP A CB  1 
ATOM   1333 C  CG  . ASP A 1 164 ? 0.081   -11.769 16.434  1.00 35.02  ? 164 ASP A CG  1 
ATOM   1334 O  OD1 . ASP A 1 164 ? -0.066  -11.418 15.286  1.00 33.92  ? 164 ASP A OD1 1 
ATOM   1335 O  OD2 . ASP A 1 164 ? -0.777  -11.600 17.355  1.00 38.35  ? 164 ASP A OD2 1 
ATOM   1336 N  N   . LYS A 1 165 ? 2.260   -10.426 19.137  1.00 39.93  ? 165 LYS A N   1 
ATOM   1337 C  CA  . LYS A 1 165 ? 1.900   -9.441  20.183  1.00 50.21  ? 165 LYS A CA  1 
ATOM   1338 C  C   . LYS A 1 165 ? 2.622   -8.147  20.003  1.00 49.37  ? 165 LYS A C   1 
ATOM   1339 O  O   . LYS A 1 165 ? 2.181   -7.100  20.425  1.00 52.65  ? 165 LYS A O   1 
ATOM   1340 C  CB  . LYS A 1 165 ? 2.267   -9.936  21.519  1.00 47.52  ? 165 LYS A CB  1 
ATOM   1341 C  CG  . LYS A 1 165 ? 1.507   -11.116 22.016  1.00 54.90  ? 165 LYS A CG  1 
ATOM   1342 C  CD  . LYS A 1 165 ? 1.854   -11.419 23.465  1.00 65.70  ? 165 LYS A CD  1 
ATOM   1343 C  CE  . LYS A 1 165 ? 2.618   -10.314 24.205  1.00 72.21  ? 165 LYS A CE  1 
ATOM   1344 N  NZ  . LYS A 1 165 ? 2.851   -10.619 25.634  1.00 80.00  ? 165 LYS A NZ  1 
ATOM   1345 N  N   . GLU A 1 166 ? 3.727   -8.200  19.319  1.00 55.47  ? 166 GLU A N   1 
ATOM   1346 C  CA  . GLU A 1 166 ? 4.604   -7.063  19.234  1.00 59.24  ? 166 GLU A CA  1 
ATOM   1347 C  C   . GLU A 1 166 ? 4.244   -6.251  18.073  1.00 57.59  ? 166 GLU A C   1 
ATOM   1348 O  O   . GLU A 1 166 ? 4.736   -5.157  17.936  1.00 80.63  ? 166 GLU A O   1 
ATOM   1349 C  CB  . GLU A 1 166 ? 6.110   -7.493  19.208  1.00 59.64  ? 166 GLU A CB  1 
ATOM   1350 C  CG  . GLU A 1 166 ? 6.857   -7.199  20.512  1.00 58.53  ? 166 GLU A CG  1 
ATOM   1351 C  CD  . GLU A 1 166 ? 6.251   -7.831  21.764  1.00 62.85  ? 166 GLU A CD  1 
ATOM   1352 O  OE1 . GLU A 1 166 ? 6.169   -9.098  21.882  1.00 74.94  ? 166 GLU A OE1 1 
ATOM   1353 O  OE2 . GLU A 1 166 ? 5.906   -7.047  22.676  1.00 67.08  ? 166 GLU A OE2 1 
ATOM   1354 N  N   . LEU A 1 167 ? 3.402   -6.744  17.193  1.00 54.70  ? 167 LEU A N   1 
ATOM   1355 C  CA  . LEU A 1 167 ? 2.864   -5.864  16.209  1.00 58.06  ? 167 LEU A CA  1 
ATOM   1356 C  C   . LEU A 1 167 ? 1.826   -5.052  16.953  1.00 71.58  ? 167 LEU A C   1 
ATOM   1357 O  O   . LEU A 1 167 ? 0.942   -5.659  17.657  1.00 59.15  ? 167 LEU A O   1 
ATOM   1358 C  CB  . LEU A 1 167 ? 2.108   -6.603  15.105  1.00 54.73  ? 167 LEU A CB  1 
ATOM   1359 C  CG  . LEU A 1 167 ? 2.906   -7.518  14.256  1.00 48.94  ? 167 LEU A CG  1 
ATOM   1360 C  CD1 . LEU A 1 167 ? 1.982   -8.192  13.266  1.00 45.53  ? 167 LEU A CD1 1 
ATOM   1361 C  CD2 . LEU A 1 167 ? 3.986   -6.743  13.602  1.00 51.48  ? 167 LEU A CD2 1 
ATOM   1362 N  N   . ASN A 1 168 ? 1.912   -3.722  16.736  1.00 83.41  ? 168 ASN A N   1 
ATOM   1363 C  CA  . ASN A 1 168 ? 0.969   -2.689  17.231  1.00 83.13  ? 168 ASN A CA  1 
ATOM   1364 C  C   . ASN A 1 168 ? 1.301   -2.372  18.718  1.00 94.44  ? 168 ASN A C   1 
ATOM   1365 O  O   . ASN A 1 168 ? 1.943   -1.350  18.984  1.00 95.59  ? 168 ASN A O   1 
ATOM   1366 C  CB  . ASN A 1 168 ? -0.536  -3.052  16.958  1.00 78.69  ? 168 ASN A CB  1 
ATOM   1367 C  CG  . ASN A 1 168 ? -0.766  -3.768  15.580  1.00 74.81  ? 168 ASN A CG  1 
ATOM   1368 O  OD1 . ASN A 1 168 ? -0.825  -3.115  14.461  1.00 54.48  ? 168 ASN A OD1 1 
ATOM   1369 N  ND2 . ASN A 1 168 ? -0.898  -5.137  15.655  1.00 37.56  ? 168 ASN A ND2 1 
ATOM   1370 N  N   . SER A 1 169 ? 0.933   -3.279  19.644  1.00 113.80 ? 169 SER A N   1 
ATOM   1371 C  CA  . SER A 1 169 ? 1.116   -3.122  21.116  1.00 113.92 ? 169 SER A CA  1 
ATOM   1372 C  C   . SER A 1 169 ? 2.200   -4.038  21.673  1.00 102.69 ? 169 SER A C   1 
ATOM   1373 O  O   . SER A 1 169 ? 3.377   -3.849  21.400  1.00 88.50  ? 169 SER A O   1 
ATOM   1374 C  CB  . SER A 1 169 ? -0.193  -3.436  21.865  1.00 118.31 ? 169 SER A CB  1 
ATOM   1375 O  OG  . SER A 1 169 ? -1.185  -2.458  21.603  1.00 118.40 ? 169 SER A OG  1 
HETATM 1376 C  C1  . GOL B 2 .   ? 0.981   -19.604 0.450   1.00 76.81  ? 201 GOL A C1  1 
HETATM 1377 O  O1  . GOL B 2 .   ? -0.048  -19.486 1.424   1.00 65.84  ? 201 GOL A O1  1 
HETATM 1378 C  C2  . GOL B 2 .   ? 2.231   -19.044 1.106   1.00 73.73  ? 201 GOL A C2  1 
HETATM 1379 O  O2  . GOL B 2 .   ? 2.573   -19.924 2.160   1.00 72.41  ? 201 GOL A O2  1 
HETATM 1380 C  C3  . GOL B 2 .   ? 3.438   -18.964 0.165   1.00 79.52  ? 201 GOL A C3  1 
HETATM 1381 O  O3  . GOL B 2 .   ? 4.215   -17.819 0.577   1.00 78.23  ? 201 GOL A O3  1 
HETATM 1382 C  C1  . GOL C 2 .   ? -13.241 1.000   -0.211  1.00 66.14  ? 202 GOL A C1  1 
HETATM 1383 O  O1  . GOL C 2 .   ? -13.797 2.279   -0.037  1.00 48.09  ? 202 GOL A O1  1 
HETATM 1384 C  C2  . GOL C 2 .   ? -13.824 0.724   -1.577  1.00 66.08  ? 202 GOL A C2  1 
HETATM 1385 O  O2  . GOL C 2 .   ? -13.354 1.805   -2.376  1.00 71.87  ? 202 GOL A O2  1 
HETATM 1386 C  C3  . GOL C 2 .   ? -13.488 -0.674  -1.991  1.00 64.84  ? 202 GOL A C3  1 
HETATM 1387 O  O3  . GOL C 2 .   ? -12.662 -1.209  -0.932  1.00 81.81  ? 202 GOL A O3  1 
HETATM 1388 AG AG  . AG  D 3 .   ? 1.992   16.168  -15.412 0.14 28.22  ? 203 AG  A AG  1 
HETATM 1389 AG AG  . AG  E 3 .   ? -10.330 -8.220  7.119   0.13 30.36  ? 204 AG  A AG  1 
HETATM 1390 AG AG  . AG  F 3 .   ? 1.117   0.842   4.104   1.00 169.76 ? 205 AG  A AG  1 
HETATM 1391 AG AG  . AG  G 3 .   ? 10.329  17.856  -2.174  0.28 151.14 ? 206 AG  A AG  1 
HETATM 1392 AG AG  . AG  H 3 .   ? 11.461  17.537  -4.397  0.08 124.94 ? 207 AG  A AG  1 
HETATM 1393 O  O   . HOH I 4 .   ? 1.813   0.979   0.135   1.00 52.79  ? 301 HOH A O   1 
HETATM 1394 O  O   . HOH I 4 .   ? -8.911  -2.869  14.528  1.00 62.49  ? 302 HOH A O   1 
HETATM 1395 O  O   . HOH I 4 .   ? -10.632 20.642  -2.996  1.00 51.34  ? 303 HOH A O   1 
HETATM 1396 O  O   . HOH I 4 .   ? -3.420  19.481  -1.486  1.00 49.82  ? 304 HOH A O   1 
HETATM 1397 O  O   . HOH I 4 .   ? -8.342  29.324  -17.061 1.00 54.11  ? 305 HOH A O   1 
HETATM 1398 O  O   . HOH I 4 .   ? 6.236   -6.242  -7.657  1.00 65.20  ? 306 HOH A O   1 
HETATM 1399 O  O   . HOH I 4 .   ? 3.750   -21.542 5.443   1.00 49.00  ? 307 HOH A O   1 
HETATM 1400 O  O   . HOH I 4 .   ? 12.573  13.782  -5.246  1.00 50.56  ? 308 HOH A O   1 
HETATM 1401 O  O   . HOH I 4 .   ? -11.195 -7.206  -13.535 1.00 56.06  ? 309 HOH A O   1 
HETATM 1402 O  O   . HOH I 4 .   ? -9.068  14.145  -18.044 1.00 39.81  ? 310 HOH A O   1 
HETATM 1403 O  O   . HOH I 4 .   ? 5.515   2.121   8.557   1.00 50.95  ? 311 HOH A O   1 
HETATM 1404 O  O   . HOH I 4 .   ? -10.751 -11.738 16.668  1.00 47.76  ? 312 HOH A O   1 
HETATM 1405 O  O   . HOH I 4 .   ? 9.714   11.256  0.467   1.00 30.58  ? 313 HOH A O   1 
HETATM 1406 O  O   . HOH I 4 .   ? -10.034 -14.528 -0.701  1.00 28.77  ? 314 HOH A O   1 
HETATM 1407 O  O   . HOH I 4 .   ? -3.214  4.002   10.486  1.00 60.50  ? 315 HOH A O   1 
HETATM 1408 O  O   . HOH I 4 .   ? 3.446   20.839  -11.505 1.00 28.69  ? 316 HOH A O   1 
HETATM 1409 O  O   . HOH I 4 .   ? 8.264   7.956   -21.883 1.00 54.84  ? 317 HOH A O   1 
HETATM 1410 O  O   . HOH I 4 .   ? 10.795  4.264   -12.202 1.00 55.03  ? 318 HOH A O   1 
HETATM 1411 O  O   . HOH I 4 .   ? 6.181   -19.671 7.359   1.00 49.16  ? 319 HOH A O   1 
HETATM 1412 O  O   . HOH I 4 .   ? -4.301  -10.239 -7.355  1.00 37.57  ? 320 HOH A O   1 
HETATM 1413 O  O   . HOH I 4 .   ? 4.572   -12.406 -2.859  1.00 53.65  ? 321 HOH A O   1 
HETATM 1414 O  O   . HOH I 4 .   ? 11.547  -2.584  -7.807  1.00 42.93  ? 322 HOH A O   1 
HETATM 1415 O  O   . HOH I 4 .   ? -15.624 -4.261  -14.450 1.00 38.78  ? 323 HOH A O   1 
HETATM 1416 O  O   . HOH I 4 .   ? 12.662  -3.055  12.226  1.00 49.33  ? 324 HOH A O   1 
HETATM 1417 O  O   . HOH I 4 .   ? -10.581 18.356  -5.719  1.00 29.83  ? 325 HOH A O   1 
HETATM 1418 O  O   . HOH I 4 .   ? 12.766  -18.994 11.999  1.00 39.43  ? 326 HOH A O   1 
HETATM 1419 O  O   . HOH I 4 .   ? -9.200  17.077  -17.093 1.00 37.94  ? 327 HOH A O   1 
HETATM 1420 O  O   . HOH I 4 .   ? 11.461  16.931  -14.002 1.00 50.08  ? 328 HOH A O   1 
HETATM 1421 O  O   . HOH I 4 .   ? -8.976  -1.653  7.783   1.00 39.76  ? 329 HOH A O   1 
HETATM 1422 O  O   . HOH I 4 .   ? -4.853  25.715  -17.379 1.00 46.99  ? 330 HOH A O   1 
HETATM 1423 O  O   . HOH I 4 .   ? 10.179  16.972  -6.186  1.00 51.53  ? 331 HOH A O   1 
HETATM 1424 O  O   . HOH I 4 .   ? 11.547  15.757  -18.626 1.00 37.77  ? 332 HOH A O   1 
HETATM 1425 O  O   . HOH I 4 .   ? -8.088  -3.536  -12.276 1.00 33.65  ? 333 HOH A O   1 
HETATM 1426 O  O   . HOH I 4 .   ? -4.652  4.699   -15.930 1.00 37.03  ? 334 HOH A O   1 
HETATM 1427 O  O   . HOH I 4 .   ? -10.567 -15.454 -4.151  1.00 41.27  ? 335 HOH A O   1 
HETATM 1428 O  O   . HOH I 4 .   ? -3.661  -2.140  -9.722  1.00 42.03  ? 336 HOH A O   1 
HETATM 1429 O  O   . HOH I 4 .   ? -5.541  22.931  -9.272  1.00 28.53  ? 337 HOH A O   1 
HETATM 1430 O  O   . HOH I 4 .   ? 3.015   -2.992  14.513  1.00 61.66  ? 338 HOH A O   1 
HETATM 1431 O  O   . HOH I 4 .   ? -2.206  9.191   2.605   1.00 57.89  ? 339 HOH A O   1 
HETATM 1432 O  O   . HOH I 4 .   ? -6.031  4.667   8.253   1.00 51.53  ? 340 HOH A O   1 
HETATM 1433 O  O   . HOH I 4 .   ? -3.446  20.732  -12.561 1.00 25.98  ? 341 HOH A O   1 
HETATM 1434 O  O   . HOH I 4 .   ? 4.020   -20.669 13.685  1.00 38.67  ? 342 HOH A O   1 
HETATM 1435 O  O   . HOH I 4 .   ? -6.761  12.051  -19.820 1.00 54.28  ? 343 HOH A O   1 
HETATM 1436 O  O   . HOH I 4 .   ? -3.870  23.134  -11.318 1.00 32.83  ? 344 HOH A O   1 
HETATM 1437 O  O   . HOH I 4 .   ? 5.254   20.146  -0.027  1.00 46.27  ? 345 HOH A O   1 
HETATM 1438 O  O   . HOH I 4 .   ? 10.365  -14.605 3.878   1.00 41.87  ? 346 HOH A O   1 
HETATM 1439 O  O   . HOH I 4 .   ? -7.884  -12.950 -0.767  1.00 30.91  ? 347 HOH A O   1 
HETATM 1440 O  O   . HOH I 4 .   ? 5.003   -15.375 1.117   1.00 59.43  ? 348 HOH A O   1 
HETATM 1441 O  O   . HOH I 4 .   ? 1.404   -15.230 2.099   1.00 38.83  ? 349 HOH A O   1 
HETATM 1442 O  O   . HOH I 4 .   ? -8.581  -25.587 10.121  1.00 52.57  ? 350 HOH A O   1 
HETATM 1443 O  O   . HOH I 4 .   ? 11.857  11.871  3.403   1.00 50.55  ? 351 HOH A O   1 
HETATM 1444 O  O   . HOH I 4 .   ? 6.110   14.184  4.202   1.00 53.28  ? 352 HOH A O   1 
HETATM 1445 O  O   . HOH I 4 .   ? 10.965  -14.412 8.426   1.00 46.82  ? 353 HOH A O   1 
HETATM 1446 O  O   . HOH I 4 .   ? -11.162 18.116  -10.733 1.00 30.48  ? 354 HOH A O   1 
HETATM 1447 O  O   . HOH I 4 .   ? -14.965 8.175   -12.132 1.00 35.01  ? 355 HOH A O   1 
HETATM 1448 O  O   . HOH I 4 .   ? 9.493   -20.066 18.284  1.00 36.77  ? 356 HOH A O   1 
HETATM 1449 O  O   . HOH I 4 .   ? 13.644  0.550   -8.164  1.00 51.34  ? 357 HOH A O   1 
HETATM 1450 O  O   . HOH I 4 .   ? -12.481 13.071  -11.188 1.00 30.52  ? 358 HOH A O   1 
HETATM 1451 O  O   . HOH I 4 .   ? -11.546 -2.617  -14.582 1.00 34.93  ? 359 HOH A O   1 
HETATM 1452 O  O   . HOH I 4 .   ? 7.463   5.906   -15.166 1.00 36.66  ? 360 HOH A O   1 
HETATM 1453 O  O   . HOH I 4 .   ? -7.557  23.909  -17.310 1.00 48.58  ? 361 HOH A O   1 
HETATM 1454 O  O   . HOH I 4 .   ? 5.047   -2.145  -9.367  1.00 49.43  ? 362 HOH A O   1 
HETATM 1455 O  O   . HOH I 4 .   ? -11.620 -7.012  13.999  1.00 68.68  ? 363 HOH A O   1 
HETATM 1456 O  O   . HOH I 4 .   ? -15.223 -9.768  -2.055  1.00 26.22  ? 364 HOH A O   1 
HETATM 1457 O  O   . HOH I 4 .   ? -8.913  10.283  -16.631 1.00 36.47  ? 365 HOH A O   1 
HETATM 1458 O  O   . HOH I 4 .   ? 0.694   9.751   3.501   1.00 47.41  ? 366 HOH A O   1 
HETATM 1459 O  O   . HOH I 4 .   ? 9.825   5.281   -1.934  1.00 27.28  ? 367 HOH A O   1 
HETATM 1460 O  O   . HOH I 4 .   ? -12.236 -11.162 10.645  1.00 31.04  ? 368 HOH A O   1 
HETATM 1461 O  O   . HOH I 4 .   ? -15.169 25.817  -13.220 1.00 48.70  ? 369 HOH A O   1 
HETATM 1462 O  O   . HOH I 4 .   ? 1.278   12.048  4.230   1.00 47.12  ? 370 HOH A O   1 
HETATM 1463 O  O   . HOH I 4 .   ? -6.565  -14.089 -7.263  1.00 56.54  ? 371 HOH A O   1 
HETATM 1464 O  O   . HOH I 4 .   ? -8.324  4.165   -10.473 1.00 30.45  ? 372 HOH A O   1 
HETATM 1465 O  O   . HOH I 4 .   ? -7.107  -11.483 -8.864  1.00 40.62  ? 373 HOH A O   1 
HETATM 1466 O  O   . HOH I 4 .   ? 2.887   2.672   2.758   1.00 65.41  ? 374 HOH A O   1 
HETATM 1467 O  O   . HOH I 4 .   ? -8.834  -13.703 4.174   1.00 30.82  ? 375 HOH A O   1 
HETATM 1468 O  O   . HOH I 4 .   ? -0.335  -13.127 19.538  1.00 33.05  ? 376 HOH A O   1 
HETATM 1469 O  O   . HOH I 4 .   ? 11.591  10.669  -15.142 1.00 40.02  ? 377 HOH A O   1 
HETATM 1470 O  O   . HOH I 4 .   ? 0.611   -19.443 11.913  1.00 36.40  ? 378 HOH A O   1 
HETATM 1471 O  O   . HOH I 4 .   ? 7.978   -16.163 14.028  1.00 37.30  ? 379 HOH A O   1 
HETATM 1472 O  O   . HOH I 4 .   ? -7.544  -17.466 4.813   1.00 33.48  ? 380 HOH A O   1 
HETATM 1473 O  O   . HOH I 4 .   ? -3.342  -14.007 18.807  1.00 45.02  ? 381 HOH A O   1 
HETATM 1474 O  O   . HOH I 4 .   ? 6.966   22.490  -15.594 1.00 44.89  ? 382 HOH A O   1 
HETATM 1475 O  O   . HOH I 4 .   ? 14.475  -19.072 16.176  1.00 56.92  ? 383 HOH A O   1 
HETATM 1476 O  O   . HOH I 4 .   ? -2.310  -10.442 -3.789  1.00 32.76  ? 384 HOH A O   1 
HETATM 1477 O  O   . HOH I 4 .   ? -4.506  14.666  -2.043  1.00 35.81  ? 385 HOH A O   1 
HETATM 1478 O  O   . HOH I 4 .   ? -5.263  10.173  -18.860 1.00 42.50  ? 386 HOH A O   1 
HETATM 1479 O  O   . HOH I 4 .   ? -1.082  23.493  -18.641 1.00 46.31  ? 387 HOH A O   1 
HETATM 1480 O  O   . HOH I 4 .   ? 5.476   -16.896 11.175  1.00 41.50  ? 388 HOH A O   1 
HETATM 1481 O  O   . HOH I 4 .   ? 11.712  9.992   -10.431 1.00 32.73  ? 389 HOH A O   1 
HETATM 1482 O  O   . HOH I 4 .   ? -6.729  -4.252  -8.801  1.00 31.80  ? 390 HOH A O   1 
HETATM 1483 O  O   . HOH I 4 .   ? 4.774   3.793   6.444   1.00 46.05  ? 391 HOH A O   1 
HETATM 1484 O  O   . HOH I 4 .   ? 10.335  -3.558  11.893  1.00 36.18  ? 392 HOH A O   1 
HETATM 1485 O  O   . HOH I 4 .   ? -1.077  -19.133 9.880   1.00 56.55  ? 393 HOH A O   1 
HETATM 1486 O  O   . HOH I 4 .   ? -12.572 2.394   -17.480 1.00 49.66  ? 394 HOH A O   1 
HETATM 1487 O  O   . HOH I 4 .   ? 10.252  2.041   9.219   1.00 38.89  ? 395 HOH A O   1 
HETATM 1488 O  O   . HOH I 4 .   ? -7.171  -12.607 15.203  1.00 36.49  ? 396 HOH A O   1 
HETATM 1489 O  O   . HOH I 4 .   ? 3.236   3.797   -11.834 1.00 35.06  ? 397 HOH A O   1 
HETATM 1490 O  O   . HOH I 4 .   ? 0.446   6.721   -17.653 1.00 39.00  ? 398 HOH A O   1 
HETATM 1491 O  O   . HOH I 4 .   ? 3.132   18.093  -16.843 1.00 35.90  ? 399 HOH A O   1 
HETATM 1492 O  O   . HOH I 4 .   ? 0.505   -0.396  8.664   1.00 57.25  ? 400 HOH A O   1 
HETATM 1493 O  O   . HOH I 4 .   ? -1.077  23.078  -11.730 1.00 28.56  ? 401 HOH A O   1 
HETATM 1494 O  O   . HOH I 4 .   ? -14.167 -22.934 11.850  1.00 37.21  ? 402 HOH A O   1 
HETATM 1495 O  O   . HOH I 4 .   ? -6.656  10.027  2.500   1.00 41.32  ? 403 HOH A O   1 
HETATM 1496 O  O   . HOH I 4 .   ? 1.217   3.782   -0.788  1.00 54.37  ? 404 HOH A O   1 
HETATM 1497 O  O   . HOH I 4 .   ? -6.163  -2.091  13.183  1.00 37.86  ? 405 HOH A O   1 
HETATM 1498 O  O   . HOH I 4 .   ? 1.928   -3.052  6.008   1.00 41.17  ? 406 HOH A O   1 
HETATM 1499 O  O   . HOH I 4 .   ? 11.402  7.517   -9.562  1.00 34.64  ? 407 HOH A O   1 
HETATM 1500 O  O   . HOH I 4 .   ? -8.382  3.983   -14.726 1.00 35.05  ? 408 HOH A O   1 
HETATM 1501 O  O   . HOH I 4 .   ? 8.566   20.197  -0.604  1.00 49.21  ? 409 HOH A O   1 
HETATM 1502 O  O   . HOH I 4 .   ? 2.849   5.225   0.608   1.00 45.04  ? 410 HOH A O   1 
HETATM 1503 O  O   . HOH I 4 .   ? 2.324   -9.959  -2.466  1.00 40.43  ? 411 HOH A O   1 
HETATM 1504 O  O   . HOH I 4 .   ? -10.575 11.270  -1.716  1.00 35.08  ? 412 HOH A O   1 
HETATM 1505 O  O   . HOH I 4 .   ? -7.428  -15.376 -4.134  1.00 47.64  ? 413 HOH A O   1 
HETATM 1506 O  O   . HOH I 4 .   ? 2.021   3.390   4.849   1.00 64.62  ? 414 HOH A O   1 
HETATM 1507 O  O   . HOH I 4 .   ? -3.012  -0.273  -11.313 1.00 51.83  ? 415 HOH A O   1 
HETATM 1508 O  O   . HOH I 4 .   ? -1.456  15.841  -21.696 1.00 45.78  ? 416 HOH A O   1 
HETATM 1509 O  O   . HOH I 4 .   ? -8.695  -21.899 3.698   1.00 56.92  ? 417 HOH A O   1 
HETATM 1510 O  O   . HOH I 4 .   ? 6.668   -23.125 20.029  1.00 41.84  ? 418 HOH A O   1 
HETATM 1511 O  O   . HOH I 4 .   ? 12.591  3.102   -10.094 1.00 45.44  ? 419 HOH A O   1 
HETATM 1512 O  O   . HOH I 4 .   ? 6.353   10.170  2.034   1.00 31.97  ? 420 HOH A O   1 
HETATM 1513 O  O   . HOH I 4 .   ? -12.304 7.162   5.209   1.00 53.22  ? 421 HOH A O   1 
HETATM 1514 O  O   . HOH I 4 .   ? 0.269   17.830  -0.664  1.00 56.03  ? 422 HOH A O   1 
HETATM 1515 O  O   . HOH I 4 .   ? -13.726 16.581  -17.863 1.00 47.51  ? 423 HOH A O   1 
HETATM 1516 O  O   . HOH I 4 .   ? -1.892  18.279  -3.986  1.00 39.18  ? 424 HOH A O   1 
HETATM 1517 O  O   . HOH I 4 .   ? 14.415  -2.666  13.759  1.00 43.24  ? 425 HOH A O   1 
HETATM 1518 O  O   . HOH I 4 .   ? -4.660  -19.356 -1.140  1.00 43.96  ? 426 HOH A O   1 
HETATM 1519 O  O   . HOH I 4 .   ? -2.654  -20.407 5.011   1.00 38.88  ? 427 HOH A O   1 
HETATM 1520 O  O   . HOH I 4 .   ? -2.966  15.248  -0.195  1.00 50.88  ? 428 HOH A O   1 
HETATM 1521 O  O   . HOH I 4 .   ? 11.090  -5.479  13.626  1.00 54.21  ? 429 HOH A O   1 
HETATM 1522 O  O   . HOH I 4 .   ? 0.841   4.211   -11.233 1.00 44.78  ? 430 HOH A O   1 
HETATM 1523 O  O   . HOH I 4 .   ? -2.492  6.379   4.832   1.00 58.08  ? 431 HOH A O   1 
HETATM 1524 O  O   . HOH I 4 .   ? -9.692  4.005   4.950   1.00 44.88  ? 432 HOH A O   1 
HETATM 1525 O  O   . HOH I 4 .   ? -2.563  20.508  -18.192 1.00 36.52  ? 433 HOH A O   1 
HETATM 1526 O  O   . HOH I 4 .   ? 16.774  -13.256 11.836  1.00 49.74  ? 434 HOH A O   1 
HETATM 1527 O  O   . HOH I 4 .   ? -17.562 29.715  -15.629 1.00 52.22  ? 435 HOH A O   1 
HETATM 1528 O  O   . HOH I 4 .   ? -6.686  8.779   -17.161 1.00 41.66  ? 436 HOH A O   1 
HETATM 1529 O  O   . HOH I 4 .   ? -6.254  -22.438 4.563   1.00 53.56  ? 437 HOH A O   1 
HETATM 1530 O  O   . HOH I 4 .   ? 4.413   -14.694 -0.835  1.00 53.24  ? 438 HOH A O   1 
HETATM 1531 O  O   . HOH I 4 .   ? -7.239  6.050   -16.497 1.00 50.94  ? 439 HOH A O   1 
HETATM 1532 O  O   . HOH I 4 .   ? 6.949   18.677  -20.056 1.00 59.94  ? 440 HOH A O   1 
HETATM 1533 O  O   . HOH I 4 .   ? 9.830   -18.239 11.209  1.00 56.06  ? 441 HOH A O   1 
HETATM 1534 O  O   . HOH I 4 .   ? 8.151   7.662   -17.121 1.00 46.67  ? 442 HOH A O   1 
HETATM 1535 O  O   . HOH I 4 .   ? -4.743  -21.936 7.237   1.00 58.04  ? 443 HOH A O   1 
HETATM 1536 O  O   . HOH I 4 .   ? -2.263  -22.321 13.448  1.00 58.10  ? 444 HOH A O   1 
HETATM 1537 O  O   . HOH I 4 .   ? 13.031  19.238  -18.752 1.00 63.68  ? 445 HOH A O   1 
HETATM 1538 O  O   . HOH I 4 .   ? 3.686   1.185   -12.551 1.00 46.66  ? 446 HOH A O   1 
HETATM 1539 O  O   . HOH I 4 .   ? 11.913  21.494  -15.035 1.00 40.74  ? 447 HOH A O   1 
HETATM 1540 O  O   . HOH I 4 .   ? -6.209  2.890   -14.096 1.00 47.58  ? 448 HOH A O   1 
HETATM 1541 O  O   . HOH I 4 .   ? 12.727  12.964  -15.936 1.00 54.52  ? 449 HOH A O   1 
HETATM 1542 O  O   . HOH I 4 .   ? 10.076  -6.410  15.933  1.00 63.86  ? 450 HOH A O   1 
HETATM 1543 O  O   . HOH I 4 .   ? -9.535  -15.822 5.667   1.00 33.82  ? 451 HOH A O   1 
HETATM 1544 O  O   . HOH I 4 .   ? -2.116  -20.832 8.258   1.00 62.43  ? 452 HOH A O   1 
HETATM 1545 O  O   . HOH I 4 .   ? -7.632  12.244  0.902   1.00 48.07  ? 453 HOH A O   1 
HETATM 1546 O  O   . HOH I 4 .   ? 0.991   4.688   -15.505 1.00 57.11  ? 454 HOH A O   1 
HETATM 1547 O  O   . HOH I 4 .   ? -17.273 27.137  -15.111 1.00 57.37  ? 455 HOH A O   1 
HETATM 1548 O  O   . HOH I 4 .   ? -0.122  19.638  -19.651 1.00 66.90  ? 456 HOH A O   1 
HETATM 1549 O  O   . HOH I 4 .   ? 1.282   22.231  -10.549 1.00 28.46  ? 457 HOH A O   1 
HETATM 1550 O  O   . HOH I 4 .   ? 17.140  -17.670 13.168  1.00 62.86  ? 458 HOH A O   1 
HETATM 1551 O  O   . HOH I 4 .   ? -5.601  -4.687  -11.745 1.00 53.83  ? 459 HOH A O   1 
HETATM 1552 O  O   . HOH I 4 .   ? -7.648  -0.414  11.310  1.00 48.97  ? 460 HOH A O   1 
HETATM 1553 O  O   . HOH I 4 .   ? -13.588 -3.362  -16.047 1.00 58.46  ? 461 HOH A O   1 
HETATM 1554 O  O   . HOH I 4 .   ? 9.626   4.730   -15.096 1.00 47.19  ? 462 HOH A O   1 
HETATM 1555 O  O   . HOH I 4 .   ? 8.069   12.994  3.981   1.00 53.43  ? 463 HOH A O   1 
HETATM 1556 O  O   . HOH I 4 .   ? 9.804   19.005  -12.719 1.00 51.69  ? 464 HOH A O   1 
HETATM 1557 O  O   . HOH I 4 .   ? -6.811  1.951   11.120  1.00 62.76  ? 465 HOH A O   1 
HETATM 1558 O  O   . HOH I 4 .   ? -7.472  1.410   -18.320 1.00 56.23  ? 466 HOH A O   1 
HETATM 1559 O  O   . HOH I 4 .   ? -11.286 -8.802  9.553   1.00 35.62  ? 467 HOH A O   1 
HETATM 1560 O  O   . HOH I 4 .   ? 11.044  0.171   10.983  1.00 60.66  ? 468 HOH A O   1 
HETATM 1561 O  O   . HOH I 4 .   ? 2.128   18.374  -19.423 1.00 55.02  ? 469 HOH A O   1 
HETATM 1562 O  O   . HOH I 4 .   ? 12.732  17.099  -7.042  0.33 116.42 ? 470 HOH A O   1 
HETATM 1563 O  O   . HOH I 4 .   ? 8.275   -4.619  16.482  1.00 59.45  ? 471 HOH A O   1 
HETATM 1564 O  O   . HOH I 4 .   ? -3.988  -3.451  17.287  1.00 59.69  ? 472 HOH A O   1 
HETATM 1565 O  O   . HOH I 4 .   ? -1.890  8.213   -21.167 1.00 51.55  ? 473 HOH A O   1 
HETATM 1566 O  O   . HOH I 4 .   ? 16.232  -12.476 7.789   1.00 58.93  ? 474 HOH A O   1 
HETATM 1567 O  O   . HOH I 4 .   ? 3.312   5.160   -13.990 1.00 54.50  ? 475 HOH A O   1 
HETATM 1568 O  O   . HOH I 4 .   ? -4.651  -23.579 9.101   1.00 54.04  ? 476 HOH A O   1 
HETATM 1569 O  O   . HOH I 4 .   ? -4.219  -8.307  -9.510  1.00 43.62  ? 477 HOH A O   1 
HETATM 1570 O  O   . HOH I 4 .   ? -4.760  -0.757  14.679  1.00 56.10  ? 478 HOH A O   1 
HETATM 1571 O  O   . HOH I 4 .   ? 5.484   4.678   -15.953 1.00 48.96  ? 479 HOH A O   1 
HETATM 1572 O  O   . HOH I 4 .   ? -9.549  -4.296  -14.519 1.00 50.40  ? 480 HOH A O   1 
HETATM 1573 O  O   . HOH I 4 .   ? -2.070  30.510  -17.947 1.00 58.80  ? 481 HOH A O   1 
HETATM 1574 O  O   . HOH I 4 .   ? -9.935  -0.925  10.075  1.00 44.12  ? 482 HOH A O   1 
HETATM 1575 O  O   . HOH I 4 .   ? -5.397  -10.098 -11.204 1.00 54.96  ? 483 HOH A O   1 
HETATM 1576 O  O   . HOH I 4 .   ? -9.970  -20.057 2.210   1.00 56.36  ? 484 HOH A O   1 
HETATM 1577 O  O   . HOH I 4 .   ? -10.400 12.359  0.592   1.00 42.57  ? 485 HOH A O   1 
HETATM 1578 O  O   . HOH I 4 .   ? 10.237  18.016  -10.099 1.00 54.16  ? 486 HOH A O   1 
HETATM 1579 O  O   . HOH I 4 .   ? -0.649  6.677   -20.156 1.00 51.45  ? 487 HOH A O   1 
HETATM 1580 O  O   . HOH I 4 .   ? -4.259  -5.441  -9.552  1.00 45.60  ? 488 HOH A O   1 
HETATM 1581 O  O   . HOH I 4 .   ? 1.481   -22.110 11.570  1.00 53.11  ? 489 HOH A O   1 
HETATM 1582 O  O   . HOH I 4 .   ? 9.954   -21.460 20.380  1.00 54.29  ? 490 HOH A O   1 
HETATM 1583 O  O   . HOH I 4 .   ? -2.648  -4.085  -8.922  1.00 54.19  ? 491 HOH A O   1 
HETATM 1584 O  O   . HOH I 4 .   ? -10.774 10.151  -18.305 1.00 52.71  ? 492 HOH A O   1 
HETATM 1585 O  O   . HOH I 4 .   ? 0.183   -11.130 -3.213  1.00 39.34  ? 493 HOH A O   1 
# 
